data_2VQT
#
_entry.id   2VQT
#
_cell.length_a   91.234
_cell.length_b   114.860
_cell.length_c   99.308
_cell.angle_alpha   90.00
_cell.angle_beta   113.24
_cell.angle_gamma   90.00
#
_symmetry.space_group_name_H-M   'P 1 21 1'
#
loop_
_entity.id
_entity.type
_entity.pdbx_description
1 polymer BETA-MANNOSIDASE
2 non-polymer (2Z,3R,4S,5R,6R)-2-[(2-aminoethyl)imino]-6-(hydroxymethyl)piperidine-3,4,5-triol
3 non-polymer 1,2-ETHANEDIOL
4 non-polymer 'BROMIDE ION'
5 non-polymer 'CHLORIDE ION'
6 water water
#
_entity_poly.entity_id   1
_entity_poly.type   'polypeptide(L)'
_entity_poly.pdbx_seq_one_letter_code
;QGNDTSEVMLLDTGWEFSQSGTEKWMPATVPGTVHQDLISHELLPNPFYGMNEKKIQWVENEDWEYRTSFIVSEEQLNRD
GIQLIFEGLDTYADVYLNGSLLLKADNMFVGYTLPVKSVLRKGENHLYIYFHSPIRQTLPQYASNGFNYPADNDHHEKHL
SVFSRKAPYSYGWDWGIRMVTSGVWRPVTLRFYDIATISDYYVRQLSLTDENARLSNELIVNQIVPQKIPAEVRVNVSLN
GTTVTEVKQQVTLQPGINHITLPAEVTNPVRWMPNGWGTPTLYDFSAQIACGDRIVAEQSHRIGLRTIRVVNEKDKDGES
FYFEVNGIPMFAKGANYIPQDALLPNVTTERYQTLFRDMKEANMNMVRIWGGGTYENNLFYDLADENGILVWQDFMFACT
PYPSDPTFLKRVEAEAVYNIRRLRNHASLAMWCGNNEILEALKYWGFEKKFTPEVYQGLMHGYDKLFRELLPSTVKEFDS
DRFYVHSSPYLANWGRPESWGTGDSHNWGVWYGKKPFESLDTDLPRFMSEFGFQSFPEMKTIAAFAAPEDYQIESEVMNA
HQKSSIGNSLIRTYMERDYIIPESFEDFVYVGLVLQGQGMRHGLEAHRRNRPYCMGTLYWQLNDSWPVVSWSSIDYYGNW
KALHYQAKRAFAPVLINPIQQNDSLSVYLISDRLDTMEQMTLEMKVVDFDGKTLGKKIQVHSLEVPANTSKCVYRAKLDG
WLTPEDCRRSFLKLILKDKSGHQVAESVHFFRKTKDLQLPPTSVSYQMKQTDGKCELTLFSSMLAKDIFIETPLQGARYS
DNFFDLLPGERKKVIITSPRIKKGEELPVNIKHIRETYKEHHHHHH
;
_entity_poly.pdbx_strand_id   A,B
#
loop_
_chem_comp.id
_chem_comp.type
_chem_comp.name
_chem_comp.formula
15A non-polymer (2Z,3R,4S,5R,6R)-2-[(2-aminoethyl)imino]-6-(hydroxymethyl)piperidine-3,4,5-triol 'C8 H17 N3 O4'
BR non-polymer 'BROMIDE ION' 'Br -1'
CL non-polymer 'CHLORIDE ION' 'Cl -1'
EDO non-polymer 1,2-ETHANEDIOL 'C2 H6 O2'
#
# COMPACT_ATOMS: atom_id res chain seq x y z
N ASN A 3 -7.86 21.55 -5.88
CA ASN A 3 -7.14 22.45 -4.90
C ASN A 3 -7.48 23.92 -5.15
N ASP A 4 -7.40 24.33 -6.43
CA ASP A 4 -7.71 25.69 -6.82
C ASP A 4 -8.25 25.80 -8.24
N THR A 5 -8.55 27.01 -8.71
CA THR A 5 -9.07 27.17 -10.07
C THR A 5 -8.05 27.03 -11.20
N SER A 6 -6.80 26.73 -10.89
CA SER A 6 -5.83 26.67 -11.97
C SER A 6 -6.01 25.37 -12.79
N GLU A 7 -5.57 25.38 -14.05
CA GLU A 7 -5.44 24.15 -14.83
C GLU A 7 -3.99 23.85 -15.12
N VAL A 8 -3.56 22.63 -14.82
CA VAL A 8 -2.20 22.22 -15.13
C VAL A 8 -2.18 21.24 -16.30
N MET A 9 -1.36 21.54 -17.31
CA MET A 9 -1.23 20.69 -18.47
C MET A 9 0.19 20.09 -18.45
N LEU A 10 0.27 18.76 -18.40
CA LEU A 10 1.56 18.10 -18.34
C LEU A 10 2.08 17.94 -19.76
N LEU A 11 3.22 18.55 -20.05
CA LEU A 11 3.88 18.37 -21.35
C LEU A 11 4.81 17.11 -21.35
N ASP A 12 4.17 15.94 -21.45
CA ASP A 12 4.87 14.67 -21.31
C ASP A 12 4.58 13.70 -22.46
N THR A 13 3.99 14.22 -23.52
CA THR A 13 3.77 13.41 -24.73
C THR A 13 4.08 14.18 -26.02
N GLY A 14 4.38 13.41 -27.07
CA GLY A 14 4.54 13.94 -28.40
C GLY A 14 5.93 14.52 -28.60
N TRP A 15 6.84 14.19 -27.68
CA TRP A 15 8.21 14.66 -27.79
C TRP A 15 8.96 13.88 -28.84
N GLU A 16 9.85 14.57 -29.55
CA GLU A 16 10.73 13.95 -30.52
C GLU A 16 12.09 14.49 -30.26
N PHE A 17 13.09 13.71 -30.63
CA PHE A 17 14.44 14.16 -30.51
C PHE A 17 15.26 13.95 -31.81
N SER A 18 16.44 14.55 -31.86
CA SER A 18 17.32 14.48 -33.03
C SER A 18 18.75 14.69 -32.64
N GLN A 19 19.68 13.85 -33.10
CA GLN A 19 21.10 14.20 -32.99
C GLN A 19 21.22 15.49 -33.80
N SER A 20 21.85 16.51 -33.22
N SER A 20 21.84 16.52 -33.21
CA SER A 20 21.92 17.79 -33.89
CA SER A 20 21.93 17.83 -33.89
C SER A 20 22.80 17.73 -35.13
C SER A 20 22.80 17.73 -35.13
N GLY A 21 22.26 18.29 -36.21
CA GLY A 21 22.94 18.25 -37.52
C GLY A 21 22.30 17.25 -38.48
N THR A 22 21.56 16.27 -38.00
CA THR A 22 21.17 15.15 -38.84
C THR A 22 19.82 15.37 -39.55
N GLU A 23 19.06 16.34 -39.05
CA GLU A 23 17.70 16.63 -39.51
CA GLU A 23 17.71 16.63 -39.53
C GLU A 23 16.74 15.43 -39.39
N LYS A 24 17.23 14.35 -38.76
CA LYS A 24 16.47 13.13 -38.52
C LYS A 24 15.86 13.11 -37.11
N TRP A 25 14.54 13.08 -37.06
CA TRP A 25 13.80 13.03 -35.79
C TRP A 25 13.17 11.67 -35.49
N MET A 26 13.19 11.27 -34.21
CA MET A 26 12.52 10.04 -33.73
CA MET A 26 12.54 10.04 -33.72
C MET A 26 11.64 10.33 -32.49
N PRO A 27 10.71 9.41 -32.16
CA PRO A 27 9.93 9.74 -30.96
C PRO A 27 10.75 9.67 -29.63
N ALA A 28 10.36 10.47 -28.65
CA ALA A 28 11.06 10.41 -27.37
C ALA A 28 10.15 10.44 -26.16
N THR A 29 10.74 10.09 -25.02
CA THR A 29 10.03 10.00 -23.77
C THR A 29 10.56 11.06 -22.81
N VAL A 30 9.65 11.90 -22.34
CA VAL A 30 9.97 13.01 -21.46
C VAL A 30 9.07 12.99 -20.22
N PRO A 31 9.63 13.09 -18.99
CA PRO A 31 11.06 13.18 -18.60
C PRO A 31 11.87 11.97 -19.11
N GLY A 32 13.13 12.17 -19.44
CA GLY A 32 13.97 11.11 -19.91
C GLY A 32 15.33 11.68 -20.16
N THR A 33 16.12 10.89 -20.89
CA THR A 33 17.49 11.22 -21.18
C THR A 33 17.74 10.86 -22.62
N VAL A 34 18.55 11.65 -23.29
CA VAL A 34 19.11 11.28 -24.60
C VAL A 34 19.46 9.79 -24.72
N HIS A 35 20.26 9.29 -23.77
CA HIS A 35 20.67 7.88 -23.78
C HIS A 35 19.52 6.86 -23.80
N GLN A 36 18.53 7.04 -22.93
CA GLN A 36 17.41 6.13 -22.93
C GLN A 36 16.64 6.22 -24.26
N ASP A 37 16.53 7.43 -24.83
CA ASP A 37 15.76 7.61 -26.08
C ASP A 37 16.43 6.84 -27.20
N LEU A 38 17.76 6.87 -27.20
CA LEU A 38 18.58 6.10 -28.12
C LEU A 38 18.43 4.59 -27.90
N ILE A 39 18.57 4.18 -26.64
CA ILE A 39 18.44 2.75 -26.31
C ILE A 39 17.11 2.22 -26.82
N SER A 40 16.06 2.99 -26.56
CA SER A 40 14.72 2.64 -26.98
C SER A 40 14.58 2.47 -28.49
N HIS A 41 15.46 3.08 -29.29
CA HIS A 41 15.40 2.89 -30.76
C HIS A 41 16.53 2.00 -31.27
N GLU A 42 17.13 1.27 -30.35
CA GLU A 42 18.22 0.37 -30.66
C GLU A 42 19.29 1.15 -31.38
N LEU A 43 19.45 2.39 -30.99
CA LEU A 43 20.51 3.25 -31.51
C LEU A 43 21.67 3.25 -30.54
N LEU A 44 21.59 2.43 -29.50
CA LEU A 44 22.72 2.15 -28.60
C LEU A 44 22.56 0.76 -28.01
N PRO A 45 23.67 0.09 -27.72
CA PRO A 45 23.61 -1.19 -27.05
C PRO A 45 23.24 -1.02 -25.58
N ASN A 46 22.78 -2.09 -24.94
CA ASN A 46 22.54 -2.01 -23.48
C ASN A 46 23.79 -1.50 -22.79
N PRO A 47 23.75 -0.27 -22.20
CA PRO A 47 25.03 0.34 -21.71
C PRO A 47 25.68 -0.43 -20.53
N PHE A 48 24.86 -1.20 -19.81
CA PHE A 48 25.27 -1.92 -18.59
C PHE A 48 25.88 -3.29 -18.86
N TYR A 49 25.69 -3.76 -20.10
CA TYR A 49 26.13 -5.10 -20.54
C TYR A 49 27.55 -5.15 -21.02
N GLY A 50 28.31 -6.08 -20.46
CA GLY A 50 29.57 -6.46 -21.06
C GLY A 50 30.59 -5.35 -21.09
N MET A 51 31.02 -5.00 -22.31
CA MET A 51 32.10 -4.04 -22.53
C MET A 51 31.55 -2.76 -23.10
N ASN A 52 30.23 -2.57 -23.00
CA ASN A 52 29.53 -1.54 -23.72
C ASN A 52 29.80 -0.11 -23.29
N GLU A 53 30.61 0.07 -22.24
CA GLU A 53 30.81 1.41 -21.69
C GLU A 53 31.53 2.31 -22.68
N LYS A 54 32.66 1.84 -23.23
CA LYS A 54 33.36 2.59 -24.29
C LYS A 54 32.52 2.80 -25.57
N LYS A 55 31.57 1.88 -25.84
CA LYS A 55 30.73 1.94 -27.03
C LYS A 55 29.63 3.01 -27.02
N ILE A 56 29.44 3.65 -25.87
CA ILE A 56 28.31 4.53 -25.71
C ILE A 56 28.79 5.99 -25.47
N GLN A 57 30.10 6.16 -25.37
CA GLN A 57 30.67 7.44 -25.02
C GLN A 57 30.55 8.54 -26.09
N TRP A 58 30.42 8.16 -27.36
CA TRP A 58 30.34 9.17 -28.41
C TRP A 58 29.20 10.13 -28.11
N VAL A 59 28.26 9.69 -27.28
CA VAL A 59 26.99 10.45 -27.14
C VAL A 59 27.22 11.82 -26.52
N GLU A 60 28.15 11.90 -25.57
CA GLU A 60 28.46 13.14 -24.82
C GLU A 60 29.06 14.20 -25.76
N ASN A 61 29.50 13.76 -26.94
CA ASN A 61 30.10 14.66 -27.92
C ASN A 61 29.12 15.35 -28.85
N GLU A 62 27.90 14.84 -28.93
CA GLU A 62 26.94 15.46 -29.79
C GLU A 62 26.05 16.47 -29.05
N ASP A 63 25.39 17.35 -29.81
CA ASP A 63 24.36 18.14 -29.25
C ASP A 63 23.04 17.50 -29.59
N TRP A 64 22.00 17.80 -28.79
CA TRP A 64 20.72 17.06 -28.91
C TRP A 64 19.57 18.01 -28.82
N GLU A 65 18.58 17.79 -29.68
CA GLU A 65 17.47 18.68 -29.82
C GLU A 65 16.19 17.90 -29.51
N TYR A 66 15.26 18.57 -28.83
CA TYR A 66 13.98 18.00 -28.43
C TYR A 66 12.89 18.97 -28.86
N ARG A 67 11.76 18.45 -29.31
CA ARG A 67 10.66 19.33 -29.67
C ARG A 67 9.36 18.61 -29.32
N THR A 68 8.30 19.42 -29.19
CA THR A 68 6.97 18.97 -28.98
C THR A 68 6.05 20.12 -29.37
N SER A 69 4.80 19.80 -29.66
CA SER A 69 3.80 20.84 -29.96
C SER A 69 2.58 20.61 -29.11
N PHE A 70 1.77 21.63 -28.94
CA PHE A 70 0.59 21.44 -28.13
C PHE A 70 -0.40 22.49 -28.50
N ILE A 71 -1.64 22.26 -28.11
CA ILE A 71 -2.74 23.12 -28.49
C ILE A 71 -3.08 23.92 -27.30
N VAL A 72 -3.41 25.19 -27.51
CA VAL A 72 -3.92 26.08 -26.49
C VAL A 72 -5.20 26.67 -27.07
N SER A 73 -6.21 26.76 -26.23
CA SER A 73 -7.51 27.19 -26.67
C SER A 73 -7.63 28.65 -26.42
N GLU A 74 -8.61 29.27 -27.05
CA GLU A 74 -8.93 30.65 -26.82
C GLU A 74 -9.29 30.96 -25.35
N GLU A 75 -9.95 30.00 -24.69
CA GLU A 75 -10.33 30.16 -23.29
C GLU A 75 -9.09 30.13 -22.40
N GLN A 76 -8.19 29.21 -22.68
CA GLN A 76 -6.94 29.13 -21.92
C GLN A 76 -6.07 30.38 -22.06
N LEU A 77 -6.05 30.96 -23.26
CA LEU A 77 -5.28 32.16 -23.53
C LEU A 77 -5.83 33.37 -22.81
N ASN A 78 -7.11 33.32 -22.44
CA ASN A 78 -7.69 34.35 -21.61
C ASN A 78 -7.53 34.19 -20.11
N ARG A 79 -6.75 33.19 -19.67
CA ARG A 79 -6.44 33.12 -18.25
C ARG A 79 -5.51 34.31 -17.95
N ASP A 80 -5.58 34.82 -16.73
CA ASP A 80 -4.75 35.96 -16.32
C ASP A 80 -3.27 35.66 -16.51
N GLY A 81 -2.87 34.40 -16.29
CA GLY A 81 -1.47 34.07 -16.30
C GLY A 81 -1.25 32.70 -16.84
N ILE A 82 -0.08 32.47 -17.40
CA ILE A 82 0.28 31.13 -17.86
C ILE A 82 1.78 30.92 -17.69
N GLN A 83 2.14 29.93 -16.86
CA GLN A 83 3.52 29.56 -16.58
C GLN A 83 3.90 28.25 -17.22
N LEU A 84 5.10 28.21 -17.79
CA LEU A 84 5.79 27.00 -18.13
C LEU A 84 6.81 26.72 -17.05
N ILE A 85 6.77 25.51 -16.47
CA ILE A 85 7.74 25.13 -15.43
C ILE A 85 8.57 23.98 -15.92
N PHE A 86 9.89 24.16 -15.84
CA PHE A 86 10.83 23.07 -15.98
C PHE A 86 11.37 22.67 -14.62
N GLU A 87 10.99 21.47 -14.16
CA GLU A 87 11.54 20.94 -12.95
C GLU A 87 13.00 20.51 -12.99
N GLY A 88 13.49 20.21 -14.18
CA GLY A 88 14.90 19.95 -14.34
C GLY A 88 15.30 19.88 -15.80
N LEU A 89 16.40 20.58 -16.16
CA LEU A 89 16.98 20.51 -17.49
C LEU A 89 18.43 20.12 -17.32
N ASP A 90 18.81 19.01 -17.91
CA ASP A 90 20.21 18.54 -17.84
C ASP A 90 21.00 18.76 -19.21
N THR A 91 21.78 19.86 -19.39
CA THR A 91 22.14 20.93 -18.40
C THR A 91 22.20 22.28 -19.13
N TYR A 92 23.01 22.37 -20.20
CA TYR A 92 23.03 23.62 -21.00
C TYR A 92 21.99 23.54 -22.08
N ALA A 93 20.83 24.16 -21.86
CA ALA A 93 19.64 23.99 -22.68
C ALA A 93 19.06 25.35 -23.09
N ASP A 94 19.04 25.62 -24.40
CA ASP A 94 18.40 26.83 -24.91
C ASP A 94 16.97 26.45 -25.18
N VAL A 95 16.04 27.12 -24.54
CA VAL A 95 14.65 26.77 -24.67
C VAL A 95 13.93 27.82 -25.57
N TYR A 96 13.28 27.35 -26.64
CA TYR A 96 12.57 28.23 -27.54
C TYR A 96 11.09 27.88 -27.56
N LEU A 97 10.25 28.90 -27.47
CA LEU A 97 8.83 28.68 -27.64
C LEU A 97 8.31 29.68 -28.66
N ASN A 98 7.68 29.21 -29.73
CA ASN A 98 7.05 30.12 -30.71
C ASN A 98 7.97 31.26 -31.21
N GLY A 99 9.20 30.90 -31.59
CA GLY A 99 10.23 31.88 -32.05
C GLY A 99 10.90 32.74 -30.98
N SER A 100 10.58 32.52 -29.70
CA SER A 100 11.19 33.29 -28.58
C SER A 100 12.18 32.42 -27.81
N LEU A 101 13.40 32.90 -27.57
CA LEU A 101 14.33 32.32 -26.61
C LEU A 101 13.80 32.62 -25.20
N LEU A 102 13.29 31.61 -24.50
CA LEU A 102 12.74 31.82 -23.14
C LEU A 102 13.81 31.75 -22.09
N LEU A 103 14.87 30.99 -22.34
CA LEU A 103 15.74 30.60 -21.26
C LEU A 103 17.02 29.95 -21.80
N LYS A 104 18.16 30.30 -21.19
CA LYS A 104 19.42 29.61 -21.45
C LYS A 104 19.78 28.98 -20.11
N ALA A 105 19.41 27.70 -19.95
CA ALA A 105 19.48 27.00 -18.66
C ALA A 105 20.90 26.59 -18.49
N ASP A 106 21.43 26.54 -17.26
CA ASP A 106 22.82 26.15 -17.02
C ASP A 106 23.06 25.45 -15.68
N ASN A 107 22.02 24.83 -15.12
CA ASN A 107 22.13 24.24 -13.81
C ASN A 107 21.11 23.12 -13.66
N MET A 108 21.61 21.91 -13.57
CA MET A 108 20.79 20.68 -13.56
C MET A 108 19.87 20.64 -12.34
N PHE A 109 20.31 21.33 -11.29
CA PHE A 109 19.73 21.29 -9.96
C PHE A 109 18.71 22.39 -9.60
N VAL A 110 18.30 23.15 -10.62
CA VAL A 110 17.42 24.31 -10.45
C VAL A 110 16.22 24.09 -11.29
N GLY A 111 15.03 24.37 -10.74
CA GLY A 111 13.83 24.42 -11.55
C GLY A 111 13.52 25.84 -12.02
N TYR A 112 12.94 25.98 -13.21
CA TYR A 112 12.79 27.28 -13.83
C TYR A 112 11.30 27.52 -14.04
N THR A 113 10.82 28.67 -13.60
CA THR A 113 9.43 29.04 -13.74
C THR A 113 9.38 30.27 -14.67
N LEU A 114 8.65 30.16 -15.79
CA LEU A 114 8.72 31.11 -16.87
C LEU A 114 7.32 31.67 -17.20
N PRO A 115 7.16 33.02 -17.24
CA PRO A 115 5.86 33.59 -17.68
C PRO A 115 5.72 33.45 -19.22
N VAL A 116 4.65 32.82 -19.72
CA VAL A 116 4.59 32.59 -21.20
C VAL A 116 3.31 33.02 -21.89
N LYS A 117 2.39 33.63 -21.16
CA LYS A 117 1.13 34.02 -21.77
C LYS A 117 1.34 34.92 -23.01
N SER A 118 2.25 35.92 -22.91
CA SER A 118 2.41 36.88 -24.03
C SER A 118 3.01 36.22 -25.25
N VAL A 119 3.62 35.05 -25.06
CA VAL A 119 4.30 34.32 -26.16
C VAL A 119 3.50 33.15 -26.83
N LEU A 120 2.40 32.71 -26.20
CA LEU A 120 1.62 31.54 -26.65
C LEU A 120 0.62 31.94 -27.73
N ARG A 121 0.23 30.97 -28.57
CA ARG A 121 -0.67 31.24 -29.70
C ARG A 121 -1.91 30.33 -29.59
N LYS A 122 -3.09 30.89 -29.82
CA LYS A 122 -4.29 30.08 -30.05
C LYS A 122 -3.98 29.01 -31.11
N GLY A 123 -4.30 27.74 -30.82
CA GLY A 123 -3.98 26.67 -31.78
C GLY A 123 -2.70 26.01 -31.35
N GLU A 124 -1.89 25.59 -32.34
CA GLU A 124 -0.61 24.93 -32.18
C GLU A 124 0.49 25.89 -31.66
N ASN A 125 1.38 25.34 -30.83
CA ASN A 125 2.45 26.06 -30.16
C ASN A 125 3.62 25.09 -30.23
N HIS A 126 4.83 25.59 -30.51
CA HIS A 126 6.00 24.80 -30.72
C HIS A 126 7.09 25.13 -29.68
N LEU A 127 7.58 24.10 -28.98
CA LEU A 127 8.60 24.21 -27.92
C LEU A 127 9.74 23.42 -28.47
N TYR A 128 10.92 24.03 -28.64
CA TYR A 128 12.16 23.33 -29.11
C TYR A 128 13.21 23.57 -28.05
N ILE A 129 13.94 22.54 -27.67
CA ILE A 129 15.01 22.69 -26.70
C ILE A 129 16.29 22.20 -27.32
N TYR A 130 17.32 23.01 -27.17
CA TYR A 130 18.64 22.69 -27.71
C TYR A 130 19.61 22.39 -26.55
N PHE A 131 20.06 21.14 -26.47
CA PHE A 131 21.05 20.77 -25.43
C PHE A 131 22.48 20.76 -25.98
N HIS A 132 23.27 21.76 -25.58
CA HIS A 132 24.73 21.74 -25.83
C HIS A 132 25.32 20.63 -25.03
N SER A 133 26.19 19.85 -25.68
CA SER A 133 27.05 18.91 -25.06
C SER A 133 27.77 19.61 -23.89
N PRO A 134 27.71 18.99 -22.70
CA PRO A 134 28.36 19.56 -21.52
C PRO A 134 29.85 19.45 -21.67
N ILE A 135 30.28 18.57 -22.57
CA ILE A 135 31.72 18.43 -22.82
C ILE A 135 32.26 19.58 -23.70
N ARG A 136 31.76 19.65 -24.92
CA ARG A 136 31.95 20.72 -25.92
CA ARG A 136 32.13 20.72 -25.84
C ARG A 136 31.69 22.11 -25.34
N GLN A 137 30.64 22.21 -24.52
CA GLN A 137 30.31 23.48 -23.87
C GLN A 137 31.47 24.01 -22.98
N THR A 138 32.24 23.08 -22.40
CA THR A 138 33.18 23.44 -21.37
C THR A 138 34.63 23.23 -21.77
N LEU A 139 34.89 22.64 -22.95
CA LEU A 139 36.26 22.64 -23.46
C LEU A 139 36.90 24.04 -23.56
N PRO A 140 36.18 25.06 -24.10
CA PRO A 140 36.88 26.37 -24.16
C PRO A 140 37.18 26.88 -22.79
N GLN A 141 36.27 26.57 -21.84
CA GLN A 141 36.39 27.00 -20.44
C GLN A 141 37.59 26.37 -19.76
N TYR A 142 37.82 25.09 -20.05
CA TYR A 142 39.00 24.38 -19.53
C TYR A 142 40.34 24.84 -20.15
N ALA A 143 40.30 25.21 -21.43
CA ALA A 143 41.52 25.61 -22.13
C ALA A 143 42.01 26.94 -21.54
N SER A 144 41.05 27.80 -21.21
CA SER A 144 41.30 29.10 -20.59
C SER A 144 41.82 28.96 -19.17
N ASN A 145 41.62 27.79 -18.54
CA ASN A 145 41.90 27.64 -17.10
C ASN A 145 43.35 27.50 -16.79
N GLY A 146 44.08 26.94 -17.75
CA GLY A 146 45.49 26.66 -17.59
C GLY A 146 45.88 25.69 -16.48
N PHE A 147 44.95 24.86 -16.05
CA PHE A 147 45.22 23.73 -15.11
C PHE A 147 44.02 22.83 -15.08
N ASN A 148 44.30 21.58 -14.76
CA ASN A 148 43.26 20.53 -14.73
C ASN A 148 42.89 20.32 -13.23
N TYR A 149 41.66 20.57 -12.85
CA TYR A 149 41.21 20.24 -11.48
C TYR A 149 41.44 18.72 -11.17
N PRO A 150 41.83 18.41 -9.93
CA PRO A 150 42.10 16.97 -9.58
C PRO A 150 40.81 16.15 -9.27
N ALA A 151 39.84 16.13 -10.19
CA ALA A 151 38.67 15.28 -10.03
C ALA A 151 38.90 13.87 -10.60
N ASP A 152 39.57 12.99 -9.84
CA ASP A 152 39.88 11.61 -10.23
C ASP A 152 38.71 10.73 -10.63
N ASN A 153 37.53 11.01 -10.09
CA ASN A 153 36.35 10.21 -10.42
C ASN A 153 35.72 10.65 -11.73
N ASP A 154 36.23 11.74 -12.30
CA ASP A 154 35.80 12.24 -13.63
C ASP A 154 36.63 11.43 -14.66
N HIS A 155 36.04 10.44 -15.32
CA HIS A 155 36.82 9.45 -16.10
C HIS A 155 37.06 9.95 -17.54
N HIS A 156 38.01 10.88 -17.67
CA HIS A 156 38.34 11.54 -18.92
C HIS A 156 39.61 12.26 -18.59
N GLU A 157 40.45 12.45 -19.60
CA GLU A 157 41.66 13.19 -19.50
C GLU A 157 41.44 14.63 -18.96
N LYS A 158 40.41 15.28 -19.47
CA LYS A 158 40.10 16.65 -19.10
C LYS A 158 39.02 16.56 -18.04
N HIS A 159 39.23 17.19 -16.89
CA HIS A 159 38.24 17.08 -15.81
C HIS A 159 37.22 18.19 -15.87
N LEU A 160 36.28 18.00 -16.78
CA LEU A 160 35.31 19.02 -17.12
C LEU A 160 34.12 19.11 -16.17
N SER A 161 33.98 18.11 -15.30
CA SER A 161 32.85 18.05 -14.36
C SER A 161 32.80 19.25 -13.52
N VAL A 162 33.96 19.75 -13.11
CA VAL A 162 33.94 20.82 -12.11
C VAL A 162 33.34 22.13 -12.62
N PHE A 163 33.24 22.29 -13.94
CA PHE A 163 32.79 23.58 -14.50
C PHE A 163 31.27 23.63 -14.59
N SER A 164 30.63 22.45 -14.48
CA SER A 164 29.20 22.27 -14.73
C SER A 164 28.41 21.90 -13.48
N ARG A 165 27.30 22.63 -13.24
CA ARG A 165 26.33 22.26 -12.18
C ARG A 165 25.44 21.14 -12.71
N LYS A 166 26.02 19.95 -12.60
CA LYS A 166 25.48 18.73 -13.18
C LYS A 166 26.00 17.54 -12.30
N ALA A 167 25.22 16.49 -12.16
CA ALA A 167 25.48 15.38 -11.24
C ALA A 167 26.88 14.87 -11.38
N PRO A 168 27.69 15.04 -10.31
CA PRO A 168 29.12 14.69 -10.47
C PRO A 168 29.35 13.25 -10.97
N TYR A 169 28.53 12.31 -10.47
CA TYR A 169 28.72 10.87 -10.74
C TYR A 169 28.41 10.60 -12.23
N SER A 170 27.70 11.50 -12.89
CA SER A 170 27.42 11.28 -14.30
C SER A 170 28.71 11.16 -15.16
N TYR A 171 29.80 11.82 -14.73
CA TYR A 171 31.12 11.74 -15.39
C TYR A 171 31.89 10.49 -15.00
N GLY A 172 31.27 9.56 -14.26
CA GLY A 172 32.03 8.43 -13.67
C GLY A 172 32.21 8.55 -12.14
N TRP A 173 32.39 7.40 -11.47
CA TRP A 173 32.71 7.35 -10.04
C TRP A 173 33.33 5.99 -9.75
N ASP A 174 33.84 5.75 -8.54
CA ASP A 174 34.55 4.47 -8.30
C ASP A 174 33.59 3.25 -8.12
N TRP A 175 32.29 3.45 -8.32
CA TRP A 175 31.30 2.36 -8.45
C TRP A 175 30.40 2.62 -9.65
N GLY A 176 30.80 3.52 -10.53
CA GLY A 176 29.83 3.96 -11.54
C GLY A 176 30.26 3.92 -13.01
N ILE A 177 29.31 3.83 -13.92
CA ILE A 177 29.57 3.94 -15.36
C ILE A 177 29.46 5.45 -15.79
N ARG A 178 30.36 5.87 -16.67
CA ARG A 178 30.34 7.23 -17.18
C ARG A 178 29.27 7.29 -18.23
N MET A 179 28.21 8.04 -17.93
CA MET A 179 27.15 8.31 -18.86
C MET A 179 26.76 9.78 -18.73
N VAL A 180 27.56 10.65 -19.36
CA VAL A 180 27.32 12.10 -19.39
C VAL A 180 26.11 12.41 -20.26
N THR A 181 24.94 12.43 -19.64
CA THR A 181 23.66 12.48 -20.41
C THR A 181 23.02 13.87 -20.48
N SER A 182 21.89 14.01 -21.17
CA SER A 182 21.19 15.28 -21.29
C SER A 182 19.72 15.01 -21.40
N GLY A 183 18.91 16.02 -21.11
CA GLY A 183 17.49 15.95 -21.33
C GLY A 183 16.65 16.67 -20.31
N VAL A 184 15.33 16.61 -20.54
CA VAL A 184 14.34 17.16 -19.64
C VAL A 184 14.21 16.06 -18.58
N TRP A 185 14.93 16.19 -17.45
CA TRP A 185 15.12 15.01 -16.55
C TRP A 185 14.09 14.97 -15.41
N ARG A 186 13.36 16.07 -15.27
CA ARG A 186 12.18 16.13 -14.44
C ARG A 186 11.06 16.79 -15.26
N PRO A 187 9.83 16.78 -14.73
CA PRO A 187 8.63 17.13 -15.48
C PRO A 187 8.51 18.58 -15.94
N VAL A 188 7.88 18.73 -17.11
CA VAL A 188 7.59 20.02 -17.69
C VAL A 188 6.08 20.20 -17.52
N THR A 189 5.63 21.35 -17.02
CA THR A 189 4.21 21.62 -16.88
C THR A 189 3.84 23.03 -17.33
N LEU A 190 2.62 23.18 -17.82
CA LEU A 190 2.09 24.46 -18.17
C LEU A 190 0.89 24.72 -17.26
N ARG A 191 0.90 25.83 -16.52
CA ARG A 191 -0.21 26.16 -15.64
CA ARG A 191 -0.15 26.17 -15.59
C ARG A 191 -0.92 27.45 -16.04
N PHE A 192 -2.24 27.32 -16.27
CA PHE A 192 -3.13 28.41 -16.68
C PHE A 192 -3.90 28.80 -15.42
N TYR A 193 -3.85 30.07 -15.03
CA TYR A 193 -4.35 30.44 -13.74
C TYR A 193 -4.85 31.86 -13.70
N ASP A 194 -5.60 32.19 -12.68
CA ASP A 194 -6.06 33.57 -12.53
C ASP A 194 -5.43 34.24 -11.32
N ILE A 195 -5.23 35.57 -11.41
CA ILE A 195 -4.78 36.47 -10.30
C ILE A 195 -3.30 36.26 -9.90
N ALA A 196 -2.99 35.10 -9.29
CA ALA A 196 -1.68 34.85 -8.68
C ALA A 196 -1.42 33.37 -8.56
N THR A 197 -0.14 33.04 -8.37
CA THR A 197 0.33 31.72 -7.87
C THR A 197 1.13 31.87 -6.57
N ILE A 198 1.08 30.80 -5.77
CA ILE A 198 1.90 30.71 -4.58
C ILE A 198 3.29 30.29 -5.10
N SER A 199 4.26 31.20 -5.02
CA SER A 199 5.62 30.92 -5.45
CA SER A 199 5.57 30.84 -5.50
C SER A 199 6.31 30.05 -4.42
N ASP A 200 6.01 30.26 -3.15
CA ASP A 200 6.62 29.47 -2.05
C ASP A 200 5.69 29.52 -0.84
N TYR A 201 5.61 28.38 -0.15
CA TYR A 201 4.91 28.27 1.12
C TYR A 201 5.90 27.57 2.05
N TYR A 202 6.31 28.28 3.10
CA TYR A 202 7.18 27.77 4.10
C TYR A 202 6.44 27.74 5.45
N VAL A 203 6.35 26.56 6.06
CA VAL A 203 5.81 26.42 7.41
C VAL A 203 6.99 26.46 8.37
N ARG A 204 7.19 27.60 9.03
CA ARG A 204 8.35 27.76 9.88
C ARG A 204 7.94 27.49 11.32
N GLN A 205 8.56 26.51 11.95
CA GLN A 205 8.27 26.21 13.32
C GLN A 205 9.00 27.16 14.29
N LEU A 206 8.25 27.89 15.11
CA LEU A 206 8.78 28.90 16.04
C LEU A 206 9.16 28.29 17.36
N SER A 207 8.33 27.40 17.91
CA SER A 207 8.75 26.63 19.07
C SER A 207 7.91 25.38 19.13
N LEU A 208 8.31 24.46 20.00
CA LEU A 208 7.54 23.25 20.19
C LEU A 208 7.81 22.73 21.56
N THR A 209 6.75 22.43 22.32
CA THR A 209 6.83 21.78 23.62
C THR A 209 5.69 20.75 23.64
N ASP A 210 5.56 19.95 24.69
CA ASP A 210 4.41 19.03 24.81
C ASP A 210 3.03 19.70 24.72
N GLU A 211 2.98 20.98 25.08
CA GLU A 211 1.77 21.73 25.17
C GLU A 211 1.37 22.49 23.93
N ASN A 212 2.35 22.92 23.13
CA ASN A 212 2.03 23.81 22.05
C ASN A 212 3.10 23.85 20.97
N ALA A 213 2.67 23.80 19.72
CA ALA A 213 3.57 24.05 18.64
C ALA A 213 3.16 25.42 18.17
N ARG A 214 4.13 26.31 17.96
CA ARG A 214 3.82 27.59 17.31
C ARG A 214 4.46 27.67 15.92
N LEU A 215 3.67 27.98 14.91
CA LEU A 215 4.14 27.97 13.55
C LEU A 215 3.94 29.34 12.90
N SER A 216 4.78 29.64 11.92
CA SER A 216 4.61 30.83 11.11
C SER A 216 4.50 30.39 9.65
N ASN A 217 3.34 30.61 9.04
CA ASN A 217 3.12 30.28 7.63
C ASN A 217 3.55 31.44 6.76
N GLU A 218 4.57 31.24 5.91
CA GLU A 218 5.21 32.32 5.14
C GLU A 218 4.95 31.98 3.72
N LEU A 219 4.20 32.84 3.08
CA LEU A 219 3.84 32.72 1.68
C LEU A 219 4.43 33.82 0.85
N ILE A 220 4.84 33.45 -0.37
CA ILE A 220 5.28 34.35 -1.39
C ILE A 220 4.27 34.12 -2.53
N VAL A 221 3.52 35.18 -2.83
CA VAL A 221 2.48 35.15 -3.86
C VAL A 221 2.91 36.02 -5.03
N ASN A 222 2.92 35.51 -6.25
CA ASN A 222 3.25 36.32 -7.40
C ASN A 222 1.95 36.69 -8.09
N GLN A 223 1.52 37.95 -7.96
CA GLN A 223 0.35 38.45 -8.67
C GLN A 223 0.67 38.96 -10.06
N ILE A 224 -0.06 38.41 -11.02
CA ILE A 224 0.21 38.62 -12.45
C ILE A 224 -0.72 39.65 -13.14
N VAL A 225 -1.70 40.21 -12.43
CA VAL A 225 -2.62 41.20 -13.04
C VAL A 225 -2.27 42.67 -12.58
N PRO A 226 -2.68 43.70 -13.37
CA PRO A 226 -2.24 45.08 -13.07
C PRO A 226 -2.88 45.71 -11.87
N GLN A 227 -4.06 45.22 -11.46
CA GLN A 227 -4.92 45.91 -10.50
C GLN A 227 -4.53 45.44 -9.15
N LYS A 228 -4.94 46.20 -8.12
CA LYS A 228 -4.95 45.75 -6.73
C LYS A 228 -6.13 44.76 -6.52
N ILE A 229 -5.87 43.62 -5.84
CA ILE A 229 -6.88 42.53 -5.71
C ILE A 229 -7.08 42.21 -4.24
N PRO A 230 -8.25 42.53 -3.67
CA PRO A 230 -8.47 42.04 -2.32
C PRO A 230 -8.56 40.50 -2.32
N ALA A 231 -8.10 39.90 -1.23
CA ALA A 231 -8.05 38.46 -1.17
C ALA A 231 -8.05 38.08 0.31
N GLU A 232 -8.37 36.84 0.61
CA GLU A 232 -8.20 36.37 1.98
C GLU A 232 -7.28 35.16 1.87
N VAL A 233 -6.24 35.18 2.69
CA VAL A 233 -5.30 34.10 2.86
C VAL A 233 -5.76 33.21 4.01
N ARG A 234 -5.90 31.91 3.71
CA ARG A 234 -6.30 30.92 4.72
C ARG A 234 -5.35 29.76 4.75
N VAL A 235 -5.03 29.38 5.96
CA VAL A 235 -4.28 28.18 6.25
C VAL A 235 -5.20 27.26 7.07
N ASN A 236 -5.34 26.02 6.59
CA ASN A 236 -5.96 24.92 7.32
C ASN A 236 -4.92 23.90 7.75
N VAL A 237 -4.91 23.60 9.04
CA VAL A 237 -4.10 22.56 9.58
C VAL A 237 -5.01 21.37 9.88
N SER A 238 -4.72 20.19 9.35
CA SER A 238 -5.53 19.01 9.64
CA SER A 238 -5.54 18.99 9.51
C SER A 238 -4.70 17.77 9.86
N LEU A 239 -5.35 16.77 10.43
CA LEU A 239 -4.69 15.54 10.75
C LEU A 239 -5.66 14.43 10.42
N ASN A 240 -5.23 13.54 9.54
CA ASN A 240 -6.03 12.39 9.16
C ASN A 240 -7.41 12.84 8.66
N GLY A 241 -7.49 13.99 7.96
CA GLY A 241 -8.76 14.43 7.37
C GLY A 241 -9.59 15.34 8.25
N THR A 242 -9.15 15.58 9.47
CA THR A 242 -9.91 16.39 10.45
C THR A 242 -9.13 17.68 10.78
N THR A 243 -9.78 18.84 10.58
CA THR A 243 -9.22 20.18 10.91
C THR A 243 -8.80 20.26 12.37
N VAL A 244 -7.55 20.68 12.61
CA VAL A 244 -6.98 20.93 13.92
C VAL A 244 -6.98 22.46 14.17
N THR A 245 -6.62 23.28 13.18
CA THR A 245 -6.82 24.72 13.32
C THR A 245 -6.98 25.42 11.98
N GLU A 246 -7.64 26.57 11.98
CA GLU A 246 -7.73 27.35 10.76
C GLU A 246 -7.42 28.79 11.09
N VAL A 247 -6.65 29.46 10.23
CA VAL A 247 -6.39 30.87 10.40
C VAL A 247 -6.62 31.58 9.06
N LYS A 248 -6.79 32.90 9.13
CA LYS A 248 -7.03 33.68 7.92
C LYS A 248 -6.56 35.11 8.05
N GLN A 249 -6.33 35.73 6.92
CA GLN A 249 -5.84 37.08 6.91
C GLN A 249 -6.37 37.82 5.69
N GLN A 250 -6.91 39.02 5.92
CA GLN A 250 -7.28 39.88 4.81
C GLN A 250 -6.08 40.62 4.25
N VAL A 251 -5.98 40.62 2.91
CA VAL A 251 -4.93 41.40 2.28
C VAL A 251 -5.48 42.03 1.03
N THR A 252 -4.76 43.02 0.51
CA THR A 252 -4.93 43.40 -0.86
C THR A 252 -3.62 43.14 -1.61
N LEU A 253 -3.69 42.21 -2.55
CA LEU A 253 -2.50 41.80 -3.30
C LEU A 253 -2.14 42.84 -4.35
N GLN A 254 -0.86 43.20 -4.39
CA GLN A 254 -0.34 44.16 -5.35
C GLN A 254 0.31 43.38 -6.49
N PRO A 255 0.38 44.00 -7.69
CA PRO A 255 1.15 43.43 -8.80
C PRO A 255 2.55 42.97 -8.35
N GLY A 256 3.04 41.88 -8.93
CA GLY A 256 4.32 41.33 -8.47
C GLY A 256 4.29 40.53 -7.19
N ILE A 257 5.44 40.49 -6.49
CA ILE A 257 5.57 39.67 -5.28
C ILE A 257 4.89 40.26 -4.07
N ASN A 258 4.25 39.39 -3.26
CA ASN A 258 3.64 39.75 -2.01
C ASN A 258 4.16 38.83 -0.96
N HIS A 259 4.51 39.32 0.22
CA HIS A 259 4.93 38.44 1.32
C HIS A 259 3.87 38.43 2.40
N ILE A 260 3.40 37.25 2.78
CA ILE A 260 2.23 37.14 3.69
C ILE A 260 2.70 36.22 4.79
N THR A 261 2.44 36.58 6.05
CA THR A 261 2.78 35.75 7.20
C THR A 261 1.55 35.53 8.11
N LEU A 262 1.22 34.26 8.32
CA LEU A 262 0.12 33.84 9.23
C LEU A 262 0.60 32.92 10.31
N PRO A 263 0.55 33.39 11.58
CA PRO A 263 0.80 32.49 12.71
C PRO A 263 -0.33 31.42 12.88
N ALA A 264 0.02 30.29 13.49
CA ALA A 264 -0.93 29.23 13.76
C ALA A 264 -0.33 28.39 14.86
N GLU A 265 -1.18 27.81 15.70
CA GLU A 265 -0.68 26.96 16.78
C GLU A 265 -1.43 25.64 16.80
N VAL A 266 -0.76 24.59 17.27
CA VAL A 266 -1.37 23.28 17.48
C VAL A 266 -1.17 23.03 18.96
N THR A 267 -2.27 23.11 19.72
CA THR A 267 -2.21 22.73 21.13
C THR A 267 -1.99 21.25 21.23
N ASN A 268 -1.23 20.81 22.24
CA ASN A 268 -0.94 19.39 22.47
C ASN A 268 -0.53 18.61 21.19
N PRO A 269 0.55 19.09 20.50
CA PRO A 269 0.95 18.62 19.17
C PRO A 269 1.27 17.14 19.20
N VAL A 270 0.87 16.40 18.18
CA VAL A 270 1.38 15.00 18.05
C VAL A 270 2.75 15.02 17.29
N ARG A 271 3.81 14.64 18.02
CA ARG A 271 5.18 14.75 17.53
C ARG A 271 5.48 13.74 16.40
N TRP A 272 6.31 14.15 15.43
CA TRP A 272 6.92 13.22 14.43
C TRP A 272 8.09 12.54 15.15
N MET A 273 8.15 11.23 15.13
N MET A 273 8.15 11.21 15.07
CA MET A 273 9.32 10.56 15.69
CA MET A 273 9.19 10.41 15.70
C MET A 273 10.07 9.75 14.64
C MET A 273 10.05 9.69 14.64
N PRO A 274 11.37 9.55 14.90
CA PRO A 274 12.17 8.77 13.93
C PRO A 274 11.87 7.26 14.04
N ASN A 275 12.25 6.52 12.98
CA ASN A 275 11.99 5.08 12.92
C ASN A 275 12.60 4.42 14.17
N GLY A 276 11.82 3.60 14.88
CA GLY A 276 12.31 2.96 16.12
C GLY A 276 11.75 3.63 17.39
N TRP A 277 11.34 4.89 17.30
CA TRP A 277 10.97 5.65 18.51
C TRP A 277 9.49 6.03 18.49
N GLY A 278 8.74 5.62 17.48
CA GLY A 278 7.32 5.94 17.44
C GLY A 278 6.85 6.10 16.01
N THR A 279 5.77 6.84 15.89
CA THR A 279 5.08 7.03 14.62
CA THR A 279 5.02 7.07 14.66
C THR A 279 5.54 8.33 13.98
N PRO A 280 5.68 8.33 12.63
CA PRO A 280 6.14 9.56 11.95
C PRO A 280 4.95 10.41 11.55
N THR A 281 4.32 11.02 12.56
CA THR A 281 3.08 11.77 12.35
C THR A 281 3.25 13.00 11.45
N LEU A 282 2.40 13.08 10.42
CA LEU A 282 2.46 14.18 9.51
C LEU A 282 1.09 14.85 9.47
N TYR A 283 1.12 16.15 9.76
CA TYR A 283 -0.02 17.07 9.62
C TYR A 283 -0.13 17.52 8.19
N ASP A 284 -1.35 17.89 7.79
CA ASP A 284 -1.54 18.48 6.50
C ASP A 284 -1.80 19.99 6.65
N PHE A 285 -0.89 20.77 6.05
CA PHE A 285 -0.97 22.25 6.11
C PHE A 285 -1.31 22.68 4.72
N SER A 286 -2.45 23.34 4.58
CA SER A 286 -2.95 23.82 3.30
C SER A 286 -3.11 25.32 3.28
N ALA A 287 -2.38 26.01 2.40
CA ALA A 287 -2.58 27.46 2.20
C ALA A 287 -3.37 27.75 0.93
N GLN A 288 -4.30 28.68 1.02
CA GLN A 288 -5.12 29.08 -0.11
C GLN A 288 -5.23 30.60 -0.24
N ILE A 289 -5.28 31.07 -1.48
CA ILE A 289 -5.57 32.47 -1.78
C ILE A 289 -6.99 32.51 -2.36
N ALA A 290 -7.89 33.17 -1.64
CA ALA A 290 -9.30 33.27 -1.99
C ALA A 290 -9.67 34.68 -2.42
N CYS A 291 -10.22 34.80 -3.62
CA CYS A 291 -10.64 36.08 -4.17
C CYS A 291 -12.15 36.02 -4.43
N GLY A 292 -12.92 36.63 -3.53
CA GLY A 292 -14.39 36.56 -3.62
C GLY A 292 -14.92 35.24 -4.15
N ARG A 294 -13.80 32.34 -5.39
CA ARG A 294 -12.77 31.63 -6.10
C ARG A 294 -11.48 31.37 -5.30
N ILE A 295 -11.09 30.11 -5.18
CA ILE A 295 -9.76 29.77 -4.67
C ILE A 295 -8.83 29.83 -5.84
N VAL A 296 -8.09 30.94 -5.94
CA VAL A 296 -7.22 31.17 -7.10
C VAL A 296 -5.94 30.38 -7.09
N ALA A 297 -5.45 30.06 -5.87
CA ALA A 297 -4.19 29.37 -5.69
C ALA A 297 -4.25 28.64 -4.37
N GLU A 298 -3.65 27.46 -4.33
CA GLU A 298 -3.51 26.65 -3.09
C GLU A 298 -2.19 25.89 -3.18
N GLN A 299 -1.53 25.64 -2.05
CA GLN A 299 -0.34 24.79 -1.94
C GLN A 299 -0.40 24.18 -0.51
N SER A 300 -0.12 22.88 -0.44
CA SER A 300 -0.09 22.14 0.82
CA SER A 300 -0.08 22.12 0.81
C SER A 300 1.28 21.53 1.01
N HIS A 301 1.62 21.28 2.26
CA HIS A 301 2.76 20.47 2.64
C HIS A 301 2.26 19.52 3.73
N ARG A 302 2.90 18.37 3.84
CA ARG A 302 2.83 17.57 5.02
C ARG A 302 3.99 17.96 5.92
N ILE A 303 3.64 18.16 7.20
CA ILE A 303 4.48 18.78 8.20
C ILE A 303 4.64 17.92 9.40
N GLY A 304 5.88 17.65 9.80
CA GLY A 304 6.10 16.86 11.00
C GLY A 304 6.55 17.80 12.10
N LEU A 305 5.93 17.70 13.28
CA LEU A 305 6.26 18.57 14.38
C LEU A 305 7.32 17.89 15.24
N ARG A 306 8.55 18.39 15.21
CA ARG A 306 9.63 17.77 15.96
C ARG A 306 10.72 18.77 16.12
N THR A 307 11.60 18.52 17.07
CA THR A 307 12.85 19.31 17.09
C THR A 307 13.99 18.40 16.70
N ILE A 308 14.88 18.92 15.85
CA ILE A 308 16.16 18.27 15.58
C ILE A 308 17.29 19.27 15.86
N ARG A 309 18.19 18.90 16.76
CA ARG A 309 19.37 19.68 17.02
C ARG A 309 20.62 18.81 16.83
N VAL A 310 21.56 19.29 16.03
CA VAL A 310 22.85 18.63 15.89
C VAL A 310 23.73 19.30 16.92
N VAL A 311 24.30 18.50 17.79
CA VAL A 311 25.12 19.03 18.85
C VAL A 311 26.55 18.74 18.45
N ASN A 312 27.28 19.82 18.17
CA ASN A 312 28.63 19.74 17.70
C ASN A 312 29.48 20.69 18.59
N GLU A 313 29.89 20.14 19.73
CA GLU A 313 30.41 20.90 20.85
C GLU A 313 31.74 20.37 21.39
N LYS A 314 32.63 21.27 21.76
CA LYS A 314 33.83 20.89 22.53
C LYS A 314 33.47 20.13 23.82
N ASP A 315 34.22 19.07 24.12
CA ASP A 315 34.01 18.26 25.30
C ASP A 315 35.32 17.54 25.60
N LYS A 316 35.32 16.74 26.66
CA LYS A 316 36.54 16.10 27.12
C LYS A 316 37.11 15.12 26.10
N ASP A 317 36.29 14.61 25.18
CA ASP A 317 36.84 13.70 24.18
C ASP A 317 37.34 14.35 22.85
N GLY A 318 37.03 15.64 22.69
CA GLY A 318 37.40 16.44 21.54
C GLY A 318 36.19 17.29 21.16
N GLU A 319 35.44 16.88 20.12
CA GLU A 319 34.24 17.60 19.68
C GLU A 319 33.16 16.58 19.30
N SER A 320 32.01 16.70 19.95
CA SER A 320 30.91 15.77 19.78
C SER A 320 30.29 15.99 18.40
N PHE A 321 29.52 15.00 17.94
CA PHE A 321 28.77 15.18 16.68
C PHE A 321 27.60 14.23 16.82
N TYR A 322 26.46 14.72 17.27
CA TYR A 322 25.29 13.85 17.37
C TYR A 322 23.97 14.57 17.20
N PHE A 323 22.92 13.77 17.03
CA PHE A 323 21.61 14.27 16.81
C PHE A 323 20.75 14.04 18.10
N GLU A 324 20.06 15.10 18.52
CA GLU A 324 19.06 15.11 19.54
C GLU A 324 17.71 15.30 18.90
N VAL A 325 16.77 14.37 19.11
CA VAL A 325 15.51 14.42 18.39
C VAL A 325 14.38 14.56 19.43
N ASN A 326 13.53 15.54 19.27
CA ASN A 326 12.57 15.82 20.33
C ASN A 326 13.24 15.77 21.71
N GLY A 327 14.42 16.34 21.85
CA GLY A 327 15.04 16.49 23.15
C GLY A 327 15.89 15.30 23.55
N ILE A 328 15.94 14.26 22.73
CA ILE A 328 16.58 13.03 23.17
C ILE A 328 17.81 12.68 22.32
N PRO A 329 18.97 12.42 22.94
CA PRO A 329 20.09 11.99 22.07
C PRO A 329 19.74 10.71 21.31
N MET A 330 19.85 10.77 19.99
CA MET A 330 19.46 9.65 19.10
C MET A 330 20.66 9.07 18.35
N PHE A 331 21.00 7.82 18.67
CA PHE A 331 22.06 7.15 18.00
C PHE A 331 21.64 6.87 16.54
N ALA A 332 22.44 7.37 15.57
CA ALA A 332 22.08 7.30 14.16
C ALA A 332 22.48 5.95 13.61
N LYS A 333 21.60 5.34 12.86
CA LYS A 333 21.82 4.01 12.27
C LYS A 333 21.39 4.09 10.81
N GLY A 334 22.34 4.00 9.90
CA GLY A 334 21.96 4.17 8.51
C GLY A 334 23.05 3.90 7.52
N ALA A 335 22.94 4.61 6.38
CA ALA A 335 23.88 4.37 5.31
C ALA A 335 23.94 5.58 4.36
N ASN A 336 24.98 5.58 3.53
CA ASN A 336 25.11 6.60 2.49
C ASN A 336 24.38 6.16 1.24
N TYR A 337 23.60 7.07 0.71
CA TYR A 337 22.80 6.84 -0.45
C TYR A 337 23.44 7.51 -1.69
N ILE A 338 23.46 6.77 -2.80
CA ILE A 338 23.94 7.30 -4.10
C ILE A 338 22.78 7.23 -5.10
N PRO A 339 22.89 7.90 -6.27
CA PRO A 339 21.83 7.79 -7.27
C PRO A 339 21.43 6.30 -7.61
N GLN A 340 20.15 6.02 -7.84
CA GLN A 340 19.71 4.66 -8.03
C GLN A 340 19.90 4.16 -9.48
N ASP A 341 20.35 5.05 -10.37
CA ASP A 341 20.53 4.70 -11.79
C ASP A 341 21.51 5.69 -12.47
N ALA A 342 22.27 5.17 -13.44
CA ALA A 342 23.02 6.01 -14.38
C ALA A 342 22.10 7.00 -15.06
N LEU A 343 20.83 6.60 -15.25
CA LEU A 343 19.82 7.40 -15.92
C LEU A 343 18.65 7.73 -14.99
N LEU A 344 18.75 8.89 -14.36
CA LEU A 344 17.85 9.27 -13.25
C LEU A 344 16.38 9.12 -13.53
N PRO A 345 15.90 9.57 -14.73
CA PRO A 345 14.45 9.46 -14.89
C PRO A 345 13.99 8.02 -15.05
N ASN A 346 14.90 7.06 -15.15
CA ASN A 346 14.48 5.64 -15.20
C ASN A 346 13.96 5.12 -13.82
N VAL A 347 14.18 5.88 -12.74
CA VAL A 347 13.87 5.36 -11.39
C VAL A 347 12.42 5.68 -11.10
N THR A 348 11.64 4.61 -11.00
CA THR A 348 10.19 4.70 -10.89
C THR A 348 9.81 4.94 -9.40
N THR A 349 8.55 5.33 -9.18
CA THR A 349 7.96 5.45 -7.86
C THR A 349 8.20 4.17 -7.05
N GLU A 350 8.01 3.01 -7.67
N GLU A 350 8.02 3.04 -7.72
CA GLU A 350 8.11 1.71 -7.01
CA GLU A 350 8.08 1.73 -7.13
C GLU A 350 9.52 1.45 -6.48
C GLU A 350 9.47 1.42 -6.54
N ARG A 351 10.51 1.78 -7.29
CA ARG A 351 11.91 1.68 -6.89
C ARG A 351 12.23 2.62 -5.74
N TYR A 352 11.71 3.85 -5.78
CA TYR A 352 11.83 4.70 -4.57
C TYR A 352 11.13 4.09 -3.33
N GLN A 353 9.90 3.62 -3.50
CA GLN A 353 9.20 2.95 -2.39
C GLN A 353 9.91 1.76 -1.77
N THR A 354 10.43 0.88 -2.61
CA THR A 354 11.13 -0.36 -2.15
C THR A 354 12.41 -0.03 -1.44
N LEU A 355 13.16 0.97 -1.93
CA LEU A 355 14.36 1.41 -1.23
C LEU A 355 14.09 1.89 0.19
N PHE A 356 13.03 2.69 0.38
CA PHE A 356 12.63 3.05 1.73
C PHE A 356 12.11 1.89 2.59
N ARG A 357 11.47 0.91 1.97
CA ARG A 357 11.13 -0.32 2.68
C ARG A 357 12.41 -1.05 3.12
N ASP A 358 13.42 -1.05 2.28
CA ASP A 358 14.71 -1.66 2.60
C ASP A 358 15.39 -0.96 3.74
N MET A 359 15.37 0.38 3.81
CA MET A 359 15.96 1.06 4.95
C MET A 359 15.19 0.80 6.23
N LYS A 360 13.88 1.02 6.19
CA LYS A 360 13.02 0.79 7.37
C LYS A 360 13.12 -0.67 7.92
N GLU A 361 13.03 -1.65 7.04
CA GLU A 361 13.16 -3.05 7.46
C GLU A 361 14.52 -3.36 8.12
N ALA A 362 15.59 -2.66 7.70
CA ALA A 362 16.88 -2.84 8.30
C ALA A 362 17.05 -1.98 9.54
N ASN A 363 15.95 -1.47 10.10
CA ASN A 363 15.98 -0.67 11.36
C ASN A 363 16.77 0.65 11.25
N MET A 364 16.84 1.19 10.04
CA MET A 364 17.54 2.47 9.89
C MET A 364 16.74 3.68 10.39
N ASN A 365 17.42 4.73 10.79
CA ASN A 365 16.71 5.98 11.13
C ASN A 365 17.39 7.17 10.42
N MET A 366 18.38 6.91 9.56
CA MET A 366 19.13 7.99 8.86
C MET A 366 19.72 7.56 7.50
N VAL A 367 19.69 8.48 6.53
CA VAL A 367 20.31 8.28 5.26
C VAL A 367 21.06 9.59 4.97
N ARG A 368 22.31 9.44 4.55
CA ARG A 368 23.05 10.52 3.95
C ARG A 368 22.96 10.54 2.39
N ILE A 369 22.40 11.64 1.83
CA ILE A 369 22.41 11.90 0.39
C ILE A 369 23.77 12.57 0.04
N TRP A 370 24.71 11.70 -0.33
CA TRP A 370 26.09 12.05 -0.55
C TRP A 370 26.28 13.00 -1.77
N GLY A 371 27.24 13.90 -1.64
CA GLY A 371 27.42 15.00 -2.58
C GLY A 371 27.86 14.77 -4.02
N GLY A 372 27.99 13.53 -4.49
CA GLY A 372 28.25 13.28 -5.92
C GLY A 372 27.03 12.89 -6.77
N GLY A 373 25.82 12.96 -6.20
CA GLY A 373 24.58 12.53 -6.82
C GLY A 373 23.72 13.75 -7.21
N THR A 374 22.48 13.76 -6.79
CA THR A 374 21.60 14.91 -6.99
C THR A 374 20.94 15.29 -5.65
N TYR A 375 20.32 16.49 -5.62
CA TYR A 375 19.35 16.82 -4.55
C TYR A 375 18.17 15.95 -4.98
N GLU A 376 17.74 15.03 -4.13
CA GLU A 376 16.74 14.07 -4.60
C GLU A 376 15.37 14.69 -4.86
N ASN A 377 14.56 13.93 -5.58
CA ASN A 377 13.24 14.41 -5.98
C ASN A 377 12.28 14.56 -4.74
N ASN A 378 11.16 15.25 -4.90
CA ASN A 378 10.20 15.42 -3.81
C ASN A 378 9.68 14.11 -3.19
N LEU A 379 9.53 13.08 -4.01
CA LEU A 379 9.11 11.74 -3.53
C LEU A 379 10.07 11.10 -2.51
N PHE A 380 11.37 11.15 -2.77
CA PHE A 380 12.39 10.64 -1.89
C PHE A 380 12.22 11.21 -0.48
N TYR A 381 12.02 12.52 -0.39
N TYR A 381 12.02 12.51 -0.42
CA TYR A 381 11.85 13.17 0.91
CA TYR A 381 11.84 13.20 0.85
C TYR A 381 10.49 12.91 1.53
C TYR A 381 10.51 12.91 1.51
N ASP A 382 9.45 12.84 0.72
CA ASP A 382 8.13 12.39 1.20
C ASP A 382 8.16 11.00 1.86
N LEU A 383 8.99 10.11 1.29
CA LEU A 383 9.14 8.76 1.78
C LEU A 383 9.94 8.78 3.03
N ALA A 384 11.04 9.53 3.06
CA ALA A 384 11.73 9.71 4.29
C ALA A 384 10.81 10.22 5.45
N ASP A 385 10.03 11.27 5.20
CA ASP A 385 9.02 11.82 6.13
C ASP A 385 8.11 10.72 6.69
N GLU A 386 7.46 9.97 5.80
CA GLU A 386 6.54 8.94 6.23
C GLU A 386 7.17 7.64 6.79
N ASN A 387 8.48 7.46 6.61
CA ASN A 387 9.14 6.29 7.18
C ASN A 387 9.94 6.61 8.42
N GLY A 388 9.88 7.86 8.87
CA GLY A 388 10.76 8.28 9.99
C GLY A 388 12.24 8.18 9.78
N ILE A 389 12.69 8.58 8.58
CA ILE A 389 14.12 8.40 8.28
C ILE A 389 14.69 9.81 8.25
N LEU A 390 15.60 10.15 9.15
CA LEU A 390 16.25 11.49 9.09
C LEU A 390 17.12 11.62 7.85
N VAL A 391 17.13 12.80 7.25
CA VAL A 391 17.95 12.98 6.07
C VAL A 391 19.14 13.94 6.28
N TRP A 392 20.36 13.46 5.97
CA TRP A 392 21.59 14.32 5.94
C TRP A 392 21.86 14.73 4.46
N GLN A 393 21.70 16.02 4.12
CA GLN A 393 21.81 16.48 2.73
C GLN A 393 23.14 17.19 2.47
N ASP A 394 24.04 16.53 1.73
CA ASP A 394 25.21 17.20 1.14
C ASP A 394 24.73 18.13 0.05
N PHE A 395 25.40 19.26 -0.09
CA PHE A 395 25.32 19.97 -1.34
C PHE A 395 26.15 19.18 -2.34
N MET A 396 25.92 19.42 -3.64
CA MET A 396 26.43 18.54 -4.68
C MET A 396 27.86 18.93 -5.13
N PHE A 397 28.79 18.71 -4.20
CA PHE A 397 30.23 18.96 -4.40
C PHE A 397 30.93 17.79 -3.72
N ALA A 398 31.83 17.13 -4.45
CA ALA A 398 32.50 15.93 -3.87
C ALA A 398 33.92 15.71 -4.35
N CYS A 399 34.83 15.60 -3.39
CA CYS A 399 36.20 15.10 -3.62
C CYS A 399 37.20 16.04 -4.28
N THR A 400 36.74 17.03 -5.01
CA THR A 400 37.74 17.88 -5.68
C THR A 400 37.51 19.31 -5.25
N PRO A 401 38.54 20.14 -5.33
CA PRO A 401 38.19 21.54 -5.24
C PRO A 401 37.39 21.93 -6.53
N TYR A 402 36.63 23.01 -6.42
CA TYR A 402 35.80 23.53 -7.51
C TYR A 402 36.20 24.99 -7.82
N PRO A 403 35.76 25.52 -8.97
CA PRO A 403 35.89 26.95 -9.25
C PRO A 403 35.22 27.79 -8.17
N SER A 404 35.58 29.06 -8.10
CA SER A 404 34.91 29.96 -7.18
C SER A 404 34.78 31.36 -7.79
N ASP A 405 34.65 31.42 -9.12
CA ASP A 405 34.60 32.73 -9.78
C ASP A 405 33.18 33.31 -9.62
N PRO A 406 33.02 34.62 -9.80
CA PRO A 406 31.66 35.11 -9.59
C PRO A 406 30.50 34.41 -10.35
N THR A 407 30.69 34.06 -11.61
CA THR A 407 29.61 33.42 -12.34
C THR A 407 29.33 32.04 -11.78
N PHE A 408 30.40 31.28 -11.50
CA PHE A 408 30.22 29.96 -10.92
C PHE A 408 29.46 30.08 -9.61
N LEU A 409 29.74 31.11 -8.83
CA LEU A 409 29.16 31.19 -7.50
C LEU A 409 27.72 31.64 -7.59
N LYS A 410 27.38 32.47 -8.60
CA LYS A 410 25.99 32.80 -8.90
C LYS A 410 25.12 31.60 -9.24
N ARG A 411 25.63 30.67 -10.06
CA ARG A 411 24.96 29.40 -10.38
C ARG A 411 24.76 28.55 -9.15
N VAL A 412 25.77 28.42 -8.31
CA VAL A 412 25.62 27.67 -7.09
C VAL A 412 24.60 28.32 -6.14
N GLU A 413 24.66 29.66 -6.02
CA GLU A 413 23.71 30.35 -5.18
C GLU A 413 22.26 30.04 -5.60
N ALA A 414 22.02 30.04 -6.91
CA ALA A 414 20.73 29.69 -7.49
C ALA A 414 20.24 28.31 -7.03
N GLU A 415 21.07 27.26 -7.18
CA GLU A 415 20.71 25.90 -6.80
C GLU A 415 20.52 25.74 -5.27
N ALA A 416 21.34 26.41 -4.45
CA ALA A 416 21.18 26.41 -3.01
C ALA A 416 19.84 27.03 -2.62
N VAL A 417 19.59 28.24 -3.08
CA VAL A 417 18.32 28.84 -2.80
C VAL A 417 17.14 27.97 -3.29
N TYR A 418 17.24 27.47 -4.52
CA TYR A 418 16.16 26.61 -5.05
C TYR A 418 15.81 25.36 -4.18
N ASN A 419 16.86 24.58 -3.90
CA ASN A 419 16.76 23.30 -3.19
C ASN A 419 16.56 23.48 -1.68
N ILE A 420 17.02 24.59 -1.10
CA ILE A 420 16.68 24.87 0.29
C ILE A 420 15.16 25.13 0.42
N ARG A 421 14.59 25.94 -0.47
CA ARG A 421 13.20 26.25 -0.42
C ARG A 421 12.32 25.06 -0.81
N ARG A 422 12.77 24.32 -1.84
CA ARG A 422 12.19 23.02 -2.20
C ARG A 422 12.09 22.04 -1.02
N LEU A 423 13.14 21.94 -0.18
CA LEU A 423 13.26 20.83 0.80
C LEU A 423 12.99 21.16 2.29
N ARG A 424 12.88 22.45 2.59
CA ARG A 424 12.90 22.92 3.99
C ARG A 424 11.66 22.64 4.80
N ASN A 425 10.57 22.25 4.11
CA ASN A 425 9.36 21.82 4.83
C ASN A 425 9.33 20.34 5.20
N HIS A 426 10.33 19.56 4.83
CA HIS A 426 10.34 18.13 5.17
C HIS A 426 10.77 17.79 6.58
N ALA A 427 9.91 17.02 7.29
CA ALA A 427 10.18 16.58 8.62
C ALA A 427 11.52 15.86 8.73
N SER A 428 11.86 15.11 7.65
CA SER A 428 13.03 14.24 7.55
C SER A 428 14.33 15.05 7.48
N LEU A 429 14.27 16.22 6.85
CA LEU A 429 15.49 17.02 6.58
C LEU A 429 16.13 17.42 7.92
N ALA A 430 17.32 16.88 8.21
CA ALA A 430 18.00 17.06 9.51
C ALA A 430 19.19 18.03 9.52
N MET A 431 19.89 18.16 8.37
CA MET A 431 21.10 18.99 8.27
C MET A 431 21.60 19.07 6.84
N TRP A 432 22.47 20.07 6.60
CA TRP A 432 23.12 20.33 5.30
C TRP A 432 24.60 20.17 5.52
N CYS A 433 25.33 19.73 4.50
CA CYS A 433 26.78 19.60 4.61
C CYS A 433 27.37 20.10 3.32
N GLY A 434 28.32 21.02 3.39
CA GLY A 434 28.77 21.69 2.12
C GLY A 434 29.35 20.84 0.98
N ASN A 435 30.01 19.75 1.34
CA ASN A 435 30.66 18.87 0.39
C ASN A 435 31.11 17.54 1.04
N ASN A 436 31.41 16.57 0.17
CA ASN A 436 32.07 15.35 0.58
C ASN A 436 33.56 15.50 0.42
N GLU A 437 34.29 15.56 1.54
CA GLU A 437 35.75 15.33 1.50
C GLU A 437 36.64 16.37 0.82
N ILE A 438 36.12 17.54 0.51
CA ILE A 438 36.97 18.51 -0.21
C ILE A 438 38.04 19.10 0.70
N LEU A 439 37.75 19.35 1.96
CA LEU A 439 38.82 19.89 2.82
C LEU A 439 39.90 18.82 3.10
N GLU A 440 39.50 17.58 3.38
CA GLU A 440 40.46 16.47 3.44
C GLU A 440 41.37 16.41 2.21
N ALA A 441 40.77 16.44 1.02
CA ALA A 441 41.48 16.46 -0.26
C ALA A 441 42.50 17.58 -0.34
N LEU A 442 42.11 18.80 0.00
CA LEU A 442 43.00 19.95 -0.08
C LEU A 442 44.08 19.86 0.99
N LYS A 443 43.77 19.29 2.14
CA LYS A 443 44.82 19.08 3.17
C LYS A 443 45.82 17.92 2.92
N TYR A 444 45.31 16.81 2.35
CA TYR A 444 45.98 15.53 2.46
C TYR A 444 46.17 14.78 1.20
N TRP A 445 45.55 15.17 0.08
CA TRP A 445 45.68 14.30 -1.07
C TRP A 445 46.80 14.72 -2.00
N GLY A 446 47.73 15.55 -1.49
CA GLY A 446 48.97 15.85 -2.22
C GLY A 446 48.89 16.89 -3.31
N PHE A 447 47.88 17.77 -3.26
CA PHE A 447 47.74 18.86 -4.25
C PHE A 447 48.90 19.84 -4.25
N GLU A 448 49.48 20.06 -3.07
CA GLU A 448 50.57 21.03 -2.92
C GLU A 448 51.80 20.63 -3.70
N LYS A 449 51.81 19.38 -4.21
CA LYS A 449 52.89 18.88 -5.06
C LYS A 449 52.48 18.82 -6.55
N LYS A 450 51.18 19.01 -6.82
CA LYS A 450 50.61 18.87 -8.15
C LYS A 450 50.32 20.23 -8.79
N PHE A 451 50.33 21.28 -8.00
CA PHE A 451 49.97 22.63 -8.48
C PHE A 451 50.98 23.64 -8.05
N THR A 452 51.12 24.70 -8.84
CA THR A 452 51.94 25.84 -8.43
C THR A 452 51.47 26.41 -7.08
N PRO A 453 52.36 27.11 -6.36
CA PRO A 453 51.89 27.60 -5.05
C PRO A 453 50.75 28.64 -5.20
N GLU A 454 50.75 29.31 -6.34
CA GLU A 454 49.78 30.32 -6.63
C GLU A 454 48.38 29.69 -6.86
N VAL A 455 48.33 28.61 -7.65
CA VAL A 455 47.13 27.88 -7.93
C VAL A 455 46.63 27.13 -6.68
N TYR A 456 47.53 26.50 -5.92
CA TYR A 456 47.16 25.99 -4.61
C TYR A 456 46.46 27.06 -3.74
N GLN A 457 47.00 28.27 -3.68
CA GLN A 457 46.42 29.30 -2.81
C GLN A 457 45.05 29.72 -3.31
N GLY A 458 44.91 29.78 -4.63
CA GLY A 458 43.60 30.15 -5.17
C GLY A 458 42.61 29.05 -4.84
N LEU A 459 43.05 27.79 -4.84
CA LEU A 459 42.15 26.69 -4.46
C LEU A 459 41.65 26.86 -3.00
N MET A 460 42.57 27.17 -2.10
CA MET A 460 42.25 27.33 -0.68
C MET A 460 41.36 28.55 -0.41
N HIS A 461 41.64 29.70 -1.05
CA HIS A 461 40.74 30.85 -0.90
CA HIS A 461 40.75 30.83 -0.89
C HIS A 461 39.40 30.55 -1.55
N GLY A 462 39.43 29.77 -2.63
CA GLY A 462 38.22 29.37 -3.37
C GLY A 462 37.31 28.45 -2.55
N TYR A 463 37.93 27.58 -1.75
CA TYR A 463 37.19 26.80 -0.76
C TYR A 463 36.36 27.68 0.22
N ASP A 464 36.97 28.69 0.83
CA ASP A 464 36.25 29.43 1.83
C ASP A 464 35.08 30.20 1.21
N LYS A 465 35.32 30.76 0.01
CA LYS A 465 34.30 31.53 -0.69
C LYS A 465 32.95 30.78 -0.77
N LEU A 466 33.06 29.50 -1.09
CA LEU A 466 31.92 28.68 -1.37
C LEU A 466 31.44 28.00 -0.09
N PHE A 467 32.34 27.29 0.59
CA PHE A 467 31.91 26.43 1.67
C PHE A 467 31.87 27.05 3.03
N ARG A 468 32.62 28.13 3.23
CA ARG A 468 32.61 28.80 4.54
C ARG A 468 31.96 30.15 4.47
N GLU A 469 31.46 30.56 3.29
CA GLU A 469 30.72 31.84 3.19
C GLU A 469 29.41 31.71 2.45
N LEU A 470 29.47 31.45 1.15
CA LEU A 470 28.23 31.41 0.34
C LEU A 470 27.24 30.36 0.86
N LEU A 471 27.67 29.10 0.98
CA LEU A 471 26.69 28.05 1.41
C LEU A 471 26.12 28.25 2.84
N PRO A 472 27.00 28.46 3.86
CA PRO A 472 26.46 28.74 5.19
C PRO A 472 25.60 30.00 5.31
N SER A 473 25.90 31.11 4.61
CA SER A 473 25.01 32.30 4.64
CA SER A 473 24.98 32.29 4.68
C SER A 473 23.64 31.99 4.03
N THR A 474 23.65 31.25 2.93
CA THR A 474 22.41 30.86 2.30
C THR A 474 21.55 29.99 3.24
N VAL A 475 22.17 29.04 3.95
CA VAL A 475 21.43 28.24 4.89
C VAL A 475 20.89 29.10 6.02
N LYS A 476 21.69 30.06 6.46
CA LYS A 476 21.34 30.94 7.59
C LYS A 476 20.12 31.75 7.20
N GLU A 477 20.06 32.14 5.93
CA GLU A 477 18.95 32.95 5.45
C GLU A 477 17.64 32.19 5.22
N PHE A 478 17.73 31.02 4.59
CA PHE A 478 16.57 30.27 4.13
C PHE A 478 16.19 29.04 4.95
N ASP A 479 17.09 28.58 5.81
CA ASP A 479 16.83 27.43 6.69
C ASP A 479 17.49 27.57 8.06
N SER A 480 17.11 28.61 8.80
CA SER A 480 18.01 29.11 9.84
C SER A 480 18.03 28.27 11.07
N ASP A 481 17.10 27.34 11.21
CA ASP A 481 17.14 26.47 12.40
C ASP A 481 17.72 25.11 12.01
N ARG A 482 18.23 24.96 10.78
CA ARG A 482 18.94 23.71 10.39
C ARG A 482 20.45 23.79 10.44
N PHE A 483 21.06 22.76 11.02
CA PHE A 483 22.52 22.62 11.04
C PHE A 483 23.19 22.63 9.65
N TYR A 484 24.28 23.37 9.53
CA TYR A 484 25.19 23.35 8.38
C TYR A 484 26.61 23.06 8.87
N VAL A 485 27.35 22.19 8.20
CA VAL A 485 28.75 21.97 8.44
C VAL A 485 29.43 22.07 7.06
N HIS A 486 30.60 22.70 6.97
CA HIS A 486 31.26 22.95 5.65
C HIS A 486 31.70 21.71 4.84
N SER A 487 32.02 20.60 5.53
CA SER A 487 32.51 19.41 4.87
C SER A 487 32.40 18.20 5.78
N SER A 488 32.27 17.01 5.16
CA SER A 488 32.31 15.72 5.84
C SER A 488 33.48 14.90 5.20
N PRO A 489 34.44 14.45 6.00
CA PRO A 489 34.55 14.75 7.45
C PRO A 489 35.12 16.15 7.69
N TYR A 490 34.62 16.86 8.71
CA TYR A 490 35.06 18.24 8.86
C TYR A 490 36.52 18.39 9.36
N LEU A 491 36.97 17.49 10.22
CA LEU A 491 38.35 17.55 10.76
C LEU A 491 39.06 16.18 10.79
N ALA A 492 38.36 15.15 11.24
CA ALA A 492 38.96 13.83 11.47
C ALA A 492 39.49 13.27 10.15
N ASN A 493 40.71 12.74 10.21
CA ASN A 493 41.27 11.99 9.11
C ASN A 493 41.67 10.56 9.54
N TRP A 494 41.39 9.59 8.67
CA TRP A 494 41.50 8.18 9.08
C TRP A 494 42.91 7.77 9.39
N GLY A 495 43.89 8.48 8.82
CA GLY A 495 45.29 8.15 9.06
C GLY A 495 45.92 8.84 10.28
N ARG A 496 45.14 9.65 11.00
CA ARG A 496 45.62 10.52 12.08
C ARG A 496 44.80 10.31 13.35
N PRO A 497 45.19 9.31 14.18
CA PRO A 497 44.45 8.92 15.39
C PRO A 497 44.13 10.10 16.33
N GLU A 498 45.07 11.04 16.45
CA GLU A 498 44.87 12.28 17.23
C GLU A 498 43.59 13.05 16.81
N SER A 499 43.15 12.90 15.54
CA SER A 499 42.02 13.68 15.03
C SER A 499 40.68 12.96 15.27
N TRP A 500 40.72 11.69 15.72
CA TRP A 500 39.47 10.86 15.74
C TRP A 500 38.40 11.28 16.75
N GLY A 501 38.81 12.02 17.79
CA GLY A 501 37.83 12.52 18.79
C GLY A 501 37.17 13.83 18.43
N THR A 502 37.37 14.27 17.19
CA THR A 502 36.91 15.57 16.73
C THR A 502 35.95 15.42 15.53
N GLY A 503 34.66 15.49 15.82
CA GLY A 503 33.62 15.43 14.79
C GLY A 503 33.45 14.09 14.13
N ASP A 504 32.92 14.12 12.90
CA ASP A 504 32.60 12.88 12.16
C ASP A 504 33.83 12.29 11.45
N SER A 505 33.85 10.95 11.32
CA SER A 505 34.93 10.28 10.59
C SER A 505 34.43 9.59 9.34
N HIS A 506 35.28 9.63 8.29
CA HIS A 506 35.24 8.66 7.17
C HIS A 506 36.39 7.67 7.37
N ASN A 507 36.12 6.52 7.96
CA ASN A 507 37.26 5.69 8.35
C ASN A 507 37.53 4.76 7.21
N TRP A 508 38.47 5.14 6.36
CA TRP A 508 38.79 4.26 5.26
C TRP A 508 40.04 3.45 5.52
N GLY A 509 40.28 3.25 6.81
CA GLY A 509 41.32 2.37 7.30
C GLY A 509 41.02 0.95 6.88
N VAL A 510 39.80 0.51 7.14
CA VAL A 510 39.26 -0.72 6.53
C VAL A 510 39.01 -0.40 5.07
N TRP A 511 39.32 -1.37 4.20
CA TRP A 511 39.36 -1.15 2.74
C TRP A 511 40.69 -0.47 2.35
N TYR A 512 40.74 0.86 2.13
CA TYR A 512 41.96 1.52 1.60
C TYR A 512 43.18 1.33 2.46
N GLY A 513 43.03 1.43 3.77
CA GLY A 513 44.18 1.22 4.63
C GLY A 513 44.51 -0.27 4.89
N LYS A 514 43.71 -1.19 4.32
CA LYS A 514 43.96 -2.65 4.51
C LYS A 514 43.86 -3.16 5.97
N LYS A 515 43.30 -2.36 6.86
CA LYS A 515 43.15 -2.74 8.26
C LYS A 515 42.12 -3.84 8.46
N PRO A 516 42.39 -4.77 9.42
CA PRO A 516 41.44 -5.82 9.77
C PRO A 516 40.10 -5.22 10.23
N PHE A 517 38.99 -5.93 10.00
CA PHE A 517 37.70 -5.50 10.58
C PHE A 517 37.79 -5.27 12.12
N GLU A 518 38.70 -5.97 12.76
CA GLU A 518 38.89 -5.82 14.24
C GLU A 518 39.40 -4.44 14.70
N SER A 519 40.01 -3.72 13.76
CA SER A 519 40.50 -2.38 13.98
C SER A 519 39.29 -1.49 14.32
N LEU A 520 38.08 -1.90 13.93
CA LEU A 520 36.85 -1.06 14.16
C LEU A 520 36.46 -1.02 15.65
N ASP A 521 36.96 -1.99 16.40
CA ASP A 521 36.73 -2.10 17.84
C ASP A 521 37.66 -1.14 18.61
N THR A 522 38.83 -0.84 18.05
CA THR A 522 39.77 0.03 18.70
C THR A 522 39.78 1.49 18.12
N ASP A 523 39.45 1.65 16.85
CA ASP A 523 39.65 2.92 16.15
C ASP A 523 38.29 3.59 16.03
N LEU A 524 37.90 4.25 17.11
CA LEU A 524 36.54 4.70 17.30
C LEU A 524 36.31 6.15 16.91
N PRO A 525 35.17 6.44 16.23
CA PRO A 525 34.91 7.84 15.92
C PRO A 525 33.84 8.42 16.87
N ARG A 526 33.62 9.73 16.81
CA ARG A 526 32.48 10.35 17.51
C ARG A 526 31.19 10.08 16.80
N PHE A 527 31.29 9.93 15.49
CA PHE A 527 30.18 9.67 14.57
C PHE A 527 30.87 9.16 13.28
N MET A 528 30.55 7.92 12.87
CA MET A 528 31.05 7.33 11.61
C MET A 528 30.14 7.74 10.46
N SER A 529 30.55 8.72 9.67
CA SER A 529 29.69 9.10 8.58
C SER A 529 30.01 8.27 7.31
N GLU A 530 31.15 7.60 7.29
CA GLU A 530 31.40 6.61 6.20
C GLU A 530 32.35 5.56 6.74
N PHE A 531 32.11 4.29 6.38
CA PHE A 531 33.12 3.24 6.37
C PHE A 531 32.54 2.12 5.49
N GLY A 532 33.35 1.24 4.89
CA GLY A 532 32.76 0.34 3.88
C GLY A 532 33.67 -0.75 3.39
N PHE A 533 33.13 -1.73 2.63
CA PHE A 533 33.89 -2.86 2.12
C PHE A 533 33.12 -3.38 0.89
N GLN A 534 33.82 -3.68 -0.19
CA GLN A 534 33.19 -4.12 -1.40
C GLN A 534 32.69 -5.54 -1.37
N SER A 535 31.71 -5.79 -2.25
CA SER A 535 31.48 -7.18 -2.65
C SER A 535 31.01 -7.24 -4.10
N PHE A 536 31.40 -8.32 -4.78
CA PHE A 536 30.68 -8.77 -6.00
C PHE A 536 29.21 -9.04 -5.68
N PRO A 537 28.29 -8.58 -6.54
CA PRO A 537 26.91 -8.94 -6.30
C PRO A 537 26.63 -10.39 -6.67
N GLU A 538 25.47 -10.91 -6.25
CA GLU A 538 25.20 -12.35 -6.47
C GLU A 538 25.20 -12.73 -7.93
N MET A 539 25.20 -14.04 -8.15
CA MET A 539 25.31 -14.60 -9.49
C MET A 539 24.28 -14.13 -10.49
N LYS A 540 23.03 -13.98 -10.07
CA LYS A 540 22.00 -13.56 -11.00
C LYS A 540 22.23 -12.11 -11.46
N THR A 541 22.95 -11.32 -10.65
CA THR A 541 23.35 -9.96 -11.07
C THR A 541 24.52 -9.96 -12.04
N ILE A 542 25.53 -10.80 -11.76
CA ILE A 542 26.62 -11.01 -12.70
C ILE A 542 26.06 -11.44 -14.07
N ALA A 543 25.08 -12.36 -14.09
CA ALA A 543 24.57 -12.86 -15.38
C ALA A 543 23.80 -11.77 -16.11
N ALA A 544 23.42 -10.69 -15.41
CA ALA A 544 22.79 -9.56 -16.07
C ALA A 544 23.81 -8.76 -16.92
N PHE A 545 25.05 -8.78 -16.53
CA PHE A 545 26.02 -8.05 -17.35
C PHE A 545 27.03 -8.93 -18.10
N ALA A 546 27.23 -10.16 -17.61
CA ALA A 546 28.31 -11.06 -18.10
C ALA A 546 27.72 -12.35 -18.66
N ALA A 547 28.29 -12.82 -19.78
CA ALA A 547 28.03 -14.17 -20.33
C ALA A 547 28.91 -15.17 -19.54
N PRO A 548 28.52 -16.47 -19.48
CA PRO A 548 29.26 -17.40 -18.58
C PRO A 548 30.76 -17.57 -18.83
N GLU A 549 31.17 -17.41 -20.08
CA GLU A 549 32.59 -17.26 -20.50
C GLU A 549 33.34 -16.21 -19.67
N ASP A 550 32.62 -15.10 -19.39
CA ASP A 550 33.20 -13.94 -18.70
C ASP A 550 33.26 -14.10 -17.19
N TYR A 551 32.54 -15.10 -16.61
CA TYR A 551 32.51 -15.32 -15.10
C TYR A 551 33.85 -15.68 -14.47
N GLN A 552 34.82 -14.78 -14.59
CA GLN A 552 36.08 -14.85 -13.85
C GLN A 552 36.26 -13.48 -13.17
N ILE A 553 37.00 -13.41 -12.07
CA ILE A 553 37.25 -12.12 -11.43
C ILE A 553 37.77 -11.05 -12.43
N GLU A 554 38.73 -11.49 -13.25
CA GLU A 554 39.46 -10.56 -14.07
C GLU A 554 39.15 -10.67 -15.55
N SER A 555 38.04 -11.30 -15.93
CA SER A 555 37.64 -11.10 -17.35
C SER A 555 37.48 -9.60 -17.76
N GLU A 556 37.60 -9.36 -19.07
CA GLU A 556 37.37 -8.03 -19.66
C GLU A 556 35.99 -7.50 -19.31
N VAL A 557 34.99 -8.39 -19.29
CA VAL A 557 33.64 -8.01 -18.90
C VAL A 557 33.55 -7.72 -17.40
N MET A 558 34.10 -8.61 -16.57
CA MET A 558 34.21 -8.36 -15.12
C MET A 558 34.90 -7.04 -14.83
N ASN A 559 35.99 -6.77 -15.55
N ASN A 559 35.90 -6.74 -15.67
CA ASN A 559 36.80 -5.67 -15.12
CA ASN A 559 36.67 -5.51 -15.52
C ASN A 559 36.32 -4.31 -15.59
C ASN A 559 35.89 -4.26 -15.84
N ALA A 560 35.54 -4.31 -16.67
N ALA A 560 35.17 -4.30 -16.96
CA ALA A 560 34.75 -3.16 -16.95
CA ALA A 560 34.23 -3.26 -17.28
C ALA A 560 34.00 -2.79 -15.65
C ALA A 560 33.34 -2.91 -16.07
N HIS A 561 33.33 -3.77 -15.03
CA HIS A 561 32.39 -3.63 -13.89
C HIS A 561 33.00 -3.56 -12.53
N GLN A 562 34.25 -3.17 -12.51
CA GLN A 562 34.96 -2.96 -11.29
C GLN A 562 35.69 -1.61 -11.43
N LYS A 563 35.21 -0.60 -10.72
CA LYS A 563 35.71 0.76 -10.95
C LYS A 563 36.73 1.12 -9.93
N SER A 564 36.90 0.24 -8.96
CA SER A 564 38.03 0.33 -8.03
C SER A 564 39.15 -0.57 -8.61
N SER A 565 40.30 0.04 -8.90
CA SER A 565 41.39 -0.64 -9.61
C SER A 565 42.25 -1.48 -8.66
N ILE A 566 42.00 -1.33 -7.36
CA ILE A 566 42.66 -2.15 -6.35
C ILE A 566 41.65 -3.13 -5.74
N GLY A 567 40.42 -3.07 -6.23
CA GLY A 567 39.32 -3.68 -5.54
C GLY A 567 39.34 -5.17 -5.49
N ASN A 568 39.52 -5.82 -6.62
CA ASN A 568 39.33 -7.27 -6.67
C ASN A 568 40.41 -7.94 -5.81
N SER A 569 41.63 -7.45 -5.93
CA SER A 569 42.72 -7.87 -5.06
C SER A 569 42.50 -7.65 -3.52
N LEU A 570 42.03 -6.49 -3.08
CA LEU A 570 41.69 -6.35 -1.66
C LEU A 570 40.66 -7.38 -1.20
N ILE A 571 39.63 -7.66 -2.00
CA ILE A 571 38.61 -8.61 -1.58
C ILE A 571 39.25 -9.98 -1.22
N ARG A 572 40.10 -10.47 -2.13
CA ARG A 572 40.78 -11.78 -1.93
C ARG A 572 41.70 -11.76 -0.69
N THR A 573 42.46 -10.66 -0.53
CA THR A 573 43.36 -10.42 0.61
C THR A 573 42.60 -10.55 1.93
N TYR A 574 41.44 -9.91 2.00
CA TYR A 574 40.65 -9.94 3.20
C TYR A 574 39.96 -11.28 3.35
N MET A 575 39.49 -11.87 2.25
CA MET A 575 38.86 -13.17 2.34
C MET A 575 39.78 -14.19 3.00
N GLU A 576 41.07 -14.17 2.59
CA GLU A 576 42.05 -15.17 3.02
C GLU A 576 42.31 -15.07 4.52
N ARG A 577 42.23 -13.86 5.09
CA ARG A 577 42.40 -13.71 6.53
C ARG A 577 41.35 -14.49 7.31
N ASP A 578 40.16 -14.67 6.75
CA ASP A 578 39.04 -15.17 7.60
C ASP A 578 38.29 -16.41 7.10
N TYR A 579 38.49 -16.74 5.83
CA TYR A 579 37.77 -17.82 5.13
C TYR A 579 38.74 -18.55 4.24
N ILE A 580 38.40 -19.79 3.93
CA ILE A 580 39.16 -20.50 2.94
C ILE A 580 38.70 -19.98 1.59
N ILE A 581 39.67 -19.63 0.75
CA ILE A 581 39.30 -19.07 -0.55
C ILE A 581 38.84 -20.18 -1.51
N PRO A 582 37.57 -20.14 -1.99
CA PRO A 582 37.05 -21.18 -2.87
C PRO A 582 37.67 -21.17 -4.25
N GLU A 583 37.73 -22.36 -4.85
CA GLU A 583 38.19 -22.53 -6.21
C GLU A 583 37.23 -22.05 -7.28
N SER A 584 35.93 -22.25 -7.10
CA SER A 584 34.99 -21.77 -8.12
C SER A 584 34.65 -20.28 -7.94
N PHE A 585 34.39 -19.63 -9.07
CA PHE A 585 33.97 -18.24 -9.15
C PHE A 585 32.67 -18.02 -8.37
N GLU A 586 31.67 -18.87 -8.64
N GLU A 586 31.66 -18.85 -8.61
CA GLU A 586 30.40 -18.93 -7.91
CA GLU A 586 30.39 -18.77 -7.86
C GLU A 586 30.54 -18.94 -6.38
C GLU A 586 30.51 -18.95 -6.33
N ASP A 587 31.42 -19.79 -5.88
CA ASP A 587 31.62 -19.98 -4.43
C ASP A 587 32.39 -18.79 -3.82
N PHE A 588 33.31 -18.23 -4.60
CA PHE A 588 34.03 -17.01 -4.20
C PHE A 588 33.03 -15.82 -4.06
N VAL A 589 32.10 -15.71 -5.00
CA VAL A 589 31.06 -14.68 -4.91
C VAL A 589 30.23 -14.84 -3.65
N TYR A 590 29.79 -16.08 -3.38
CA TYR A 590 29.08 -16.41 -2.17
C TYR A 590 29.89 -16.03 -0.91
N VAL A 591 31.11 -16.49 -0.81
CA VAL A 591 31.95 -16.13 0.35
C VAL A 591 32.25 -14.60 0.45
N GLY A 592 32.47 -13.92 -0.65
CA GLY A 592 32.60 -12.47 -0.58
C GLY A 592 31.36 -11.72 -0.05
N LEU A 593 30.15 -12.24 -0.32
CA LEU A 593 28.95 -11.67 0.26
C LEU A 593 28.98 -11.87 1.79
N VAL A 594 29.29 -13.10 2.20
CA VAL A 594 29.37 -13.45 3.58
C VAL A 594 30.41 -12.57 4.26
N LEU A 595 31.60 -12.53 3.67
CA LEU A 595 32.70 -11.68 4.14
C LEU A 595 32.32 -10.19 4.38
N GLN A 596 31.88 -9.50 3.33
CA GLN A 596 31.44 -8.11 3.42
C GLN A 596 30.44 -7.99 4.58
N GLY A 597 29.50 -8.93 4.71
CA GLY A 597 28.44 -8.81 5.72
C GLY A 597 28.92 -8.96 7.15
N GLN A 598 29.83 -9.90 7.36
CA GLN A 598 30.30 -10.24 8.69
C GLN A 598 31.29 -9.20 9.17
N GLY A 599 32.20 -8.76 8.29
CA GLY A 599 33.15 -7.74 8.69
C GLY A 599 32.54 -6.36 8.98
N MET A 600 31.69 -5.90 8.07
CA MET A 600 30.96 -4.64 8.29
C MET A 600 30.04 -4.65 9.53
N ARG A 601 29.27 -5.71 9.74
CA ARG A 601 28.50 -5.72 10.99
C ARG A 601 29.34 -5.73 12.25
N HIS A 602 30.52 -6.32 12.22
CA HIS A 602 31.40 -6.22 13.41
C HIS A 602 31.69 -4.73 13.77
N GLY A 603 31.79 -3.90 12.75
CA GLY A 603 31.99 -2.46 12.88
C GLY A 603 30.79 -1.74 13.37
N LEU A 604 29.62 -1.99 12.76
CA LEU A 604 28.38 -1.40 13.22
C LEU A 604 28.09 -1.72 14.67
N GLU A 605 28.41 -2.95 15.07
CA GLU A 605 28.39 -3.35 16.52
C GLU A 605 29.36 -2.56 17.42
N ALA A 606 30.60 -2.39 16.99
CA ALA A 606 31.57 -1.59 17.73
C ALA A 606 31.04 -0.17 17.94
N HIS A 607 30.30 0.34 16.96
CA HIS A 607 29.90 1.73 17.06
C HIS A 607 28.76 1.89 18.02
N ARG A 608 27.76 1.03 17.94
CA ARG A 608 26.70 1.03 18.97
C ARG A 608 27.23 0.73 20.38
N ARG A 609 28.11 -0.26 20.48
CA ARG A 609 28.65 -0.72 21.77
C ARG A 609 29.33 0.41 22.54
N ASN A 610 29.95 1.33 21.80
CA ASN A 610 30.75 2.44 22.31
C ASN A 610 30.02 3.80 22.36
N ARG A 611 28.69 3.78 22.31
CA ARG A 611 27.88 4.89 22.73
C ARG A 611 28.16 5.08 24.24
N PRO A 612 28.21 6.35 24.76
CA PRO A 612 27.99 7.66 24.11
C PRO A 612 29.19 8.28 23.35
N TYR A 613 30.41 7.73 23.46
CA TYR A 613 31.56 8.25 22.75
C TYR A 613 31.32 8.37 21.23
N CYS A 614 30.81 7.27 20.66
CA CYS A 614 30.29 7.20 19.29
C CYS A 614 28.79 7.39 19.30
N MET A 615 28.26 8.26 18.42
CA MET A 615 26.84 8.51 18.43
C MET A 615 26.15 8.28 17.06
N GLY A 616 26.79 7.57 16.15
CA GLY A 616 26.17 7.29 14.87
C GLY A 616 27.08 6.50 13.95
N THR A 617 26.47 5.73 13.05
CA THR A 617 27.22 5.02 12.05
C THR A 617 26.41 4.97 10.78
N LEU A 618 27.02 5.48 9.71
CA LEU A 618 26.40 5.39 8.40
C LEU A 618 27.33 4.69 7.44
N TYR A 619 27.07 3.40 7.13
CA TYR A 619 28.01 2.71 6.28
C TYR A 619 27.98 3.17 4.81
N TRP A 620 29.15 3.06 4.19
CA TRP A 620 29.32 3.23 2.77
C TRP A 620 29.25 1.82 2.10
N GLN A 621 28.23 1.48 1.28
CA GLN A 621 27.14 2.39 0.83
C GLN A 621 25.86 1.56 0.81
N LEU A 622 24.70 2.23 0.67
CA LEU A 622 23.44 1.48 0.65
C LEU A 622 23.21 0.76 -0.69
N ASN A 623 23.37 1.47 -1.82
CA ASN A 623 22.70 1.08 -3.07
C ASN A 623 23.63 1.23 -4.27
N ASP A 624 23.16 0.83 -5.47
CA ASP A 624 24.01 0.84 -6.67
C ASP A 624 23.29 1.55 -7.82
N SER A 625 24.03 2.20 -8.70
CA SER A 625 23.39 2.89 -9.83
C SER A 625 23.31 2.01 -11.10
N TRP A 626 24.01 0.86 -11.04
CA TRP A 626 24.09 -0.07 -12.16
C TRP A 626 24.70 -1.42 -11.71
N PRO A 627 24.67 -2.44 -12.59
CA PRO A 627 25.23 -3.76 -12.19
C PRO A 627 26.72 -3.63 -12.04
N VAL A 628 27.24 -3.85 -10.84
CA VAL A 628 28.64 -3.49 -10.61
C VAL A 628 29.14 -4.15 -9.33
N VAL A 629 30.46 -4.25 -9.17
CA VAL A 629 31.10 -4.63 -7.90
C VAL A 629 31.26 -3.35 -7.03
N SER A 630 30.70 -3.33 -5.83
CA SER A 630 30.76 -2.11 -5.02
C SER A 630 30.60 -2.43 -3.54
N TRP A 631 30.56 -1.36 -2.73
CA TRP A 631 30.45 -1.39 -1.29
C TRP A 631 28.97 -1.48 -0.87
N SER A 632 28.06 -1.62 -1.82
CA SER A 632 26.61 -1.55 -1.51
C SER A 632 26.15 -2.76 -0.67
N SER A 633 25.04 -2.60 0.04
CA SER A 633 24.39 -3.75 0.77
C SER A 633 23.19 -4.26 0.01
N ILE A 634 22.82 -3.50 -1.04
CA ILE A 634 21.70 -3.84 -1.92
C ILE A 634 22.20 -3.59 -3.35
N ASP A 635 22.22 -4.63 -4.18
CA ASP A 635 22.68 -4.49 -5.58
C ASP A 635 21.66 -3.78 -6.47
N TYR A 636 22.01 -3.54 -7.73
CA TYR A 636 21.24 -2.65 -8.59
C TYR A 636 19.82 -3.16 -8.81
N TYR A 637 19.65 -4.51 -8.76
CA TYR A 637 18.33 -5.16 -8.96
C TYR A 637 17.44 -5.28 -7.73
N GLY A 638 17.90 -4.74 -6.61
CA GLY A 638 17.10 -4.73 -5.41
C GLY A 638 17.45 -5.89 -4.45
N ASN A 639 18.42 -6.73 -4.82
CA ASN A 639 18.68 -7.92 -4.03
C ASN A 639 19.53 -7.55 -2.85
N TRP A 640 19.08 -8.00 -1.68
CA TRP A 640 19.85 -7.78 -0.48
C TRP A 640 21.07 -8.68 -0.49
N LYS A 641 22.25 -8.09 -0.37
CA LYS A 641 23.45 -8.86 -0.06
C LYS A 641 23.37 -9.28 1.42
N ALA A 642 24.32 -10.10 1.84
CA ALA A 642 24.45 -10.49 3.26
C ALA A 642 24.48 -9.27 4.17
N LEU A 643 25.19 -8.24 3.71
CA LEU A 643 25.35 -7.02 4.48
C LEU A 643 24.03 -6.40 4.85
N HIS A 644 23.03 -6.47 3.98
CA HIS A 644 21.77 -5.85 4.36
C HIS A 644 21.08 -6.59 5.50
N TYR A 645 21.10 -7.93 5.46
CA TYR A 645 20.53 -8.71 6.56
C TYR A 645 21.35 -8.46 7.82
N GLN A 646 22.67 -8.32 7.67
CA GLN A 646 23.56 -8.11 8.83
C GLN A 646 23.39 -6.71 9.44
N ALA A 647 23.16 -5.69 8.60
CA ALA A 647 22.84 -4.32 9.10
C ALA A 647 21.52 -4.30 9.89
N LYS A 648 20.50 -4.97 9.35
CA LYS A 648 19.23 -5.16 10.07
C LYS A 648 19.44 -5.70 11.52
N ARG A 649 20.21 -6.80 11.63
CA ARG A 649 20.54 -7.45 12.88
C ARG A 649 21.41 -6.55 13.75
N ALA A 650 22.41 -5.91 13.16
CA ALA A 650 23.26 -5.02 13.99
C ALA A 650 22.54 -3.78 14.50
N PHE A 651 21.43 -3.42 13.87
CA PHE A 651 20.70 -2.19 14.14
C PHE A 651 19.41 -2.52 14.90
N ALA A 652 19.15 -3.79 15.23
CA ALA A 652 17.98 -4.14 16.02
C ALA A 652 17.89 -3.25 17.27
N PRO A 653 16.67 -2.79 17.65
CA PRO A 653 16.50 -1.89 18.85
C PRO A 653 17.17 -2.40 20.10
N VAL A 654 17.04 -3.69 20.40
CA VAL A 654 17.81 -4.33 21.50
C VAL A 654 18.73 -5.37 20.87
N LEU A 655 20.01 -5.32 21.22
CA LEU A 655 20.95 -6.23 20.61
C LEU A 655 21.77 -6.84 21.70
N ILE A 656 21.94 -8.16 21.65
CA ILE A 656 22.94 -8.82 22.48
C ILE A 656 24.22 -8.90 21.66
N ASN A 657 25.27 -8.28 22.20
CA ASN A 657 26.55 -8.20 21.54
C ASN A 657 27.74 -8.84 22.33
N PRO A 658 28.04 -10.12 22.04
CA PRO A 658 29.27 -10.75 22.58
C PRO A 658 30.47 -10.26 21.77
N ILE A 659 31.53 -9.85 22.45
CA ILE A 659 32.74 -9.33 21.80
C ILE A 659 33.90 -10.06 22.48
N GLN A 660 34.70 -10.74 21.68
CA GLN A 660 35.78 -11.54 22.23
C GLN A 660 37.10 -10.93 21.80
N GLN A 661 37.93 -10.58 22.78
CA GLN A 661 39.27 -10.01 22.56
C GLN A 661 40.21 -10.49 23.67
N ASN A 662 41.50 -10.60 23.32
CA ASN A 662 42.57 -11.05 24.25
C ASN A 662 42.18 -12.36 24.92
N ASP A 663 41.70 -13.32 24.13
CA ASP A 663 41.29 -14.63 24.68
C ASP A 663 40.25 -14.49 25.83
N SER A 664 39.41 -13.47 25.75
CA SER A 664 38.32 -13.28 26.70
C SER A 664 37.02 -12.81 26.00
N LEU A 665 35.87 -13.07 26.65
CA LEU A 665 34.54 -12.74 26.12
C LEU A 665 33.85 -11.74 27.00
N SER A 666 33.27 -10.72 26.37
CA SER A 666 32.43 -9.77 27.09
C SER A 666 31.08 -9.77 26.42
N VAL A 667 30.01 -9.59 27.18
CA VAL A 667 28.66 -9.50 26.58
C VAL A 667 28.01 -8.18 26.95
N TYR A 668 27.62 -7.44 25.92
CA TYR A 668 26.92 -6.18 26.08
C TYR A 668 25.48 -6.27 25.67
N LEU A 669 24.71 -5.46 26.36
CA LEU A 669 23.32 -5.28 25.99
C LEU A 669 23.17 -3.83 25.56
N ILE A 670 22.60 -3.68 24.37
CA ILE A 670 22.56 -2.41 23.72
C ILE A 670 21.11 -2.13 23.37
N SER A 671 20.58 -1.04 23.91
CA SER A 671 19.21 -0.67 23.58
C SER A 671 19.20 0.69 22.97
N ASP A 672 18.47 0.87 21.86
CA ASP A 672 17.96 2.21 21.45
C ASP A 672 16.48 2.39 21.75
N ARG A 673 15.93 1.60 22.67
CA ARG A 673 14.53 1.79 23.12
C ARG A 673 14.42 3.03 23.98
N LEU A 674 13.29 3.72 23.89
CA LEU A 674 12.98 4.83 24.80
C LEU A 674 12.57 4.42 26.25
N ASP A 675 12.21 3.16 26.46
CA ASP A 675 11.92 2.59 27.79
C ASP A 675 13.07 1.72 28.29
N THR A 676 13.28 1.77 29.59
CA THR A 676 14.18 0.89 30.33
C THR A 676 13.56 -0.50 30.61
N MET A 677 14.30 -1.56 30.30
CA MET A 677 13.86 -2.91 30.62
C MET A 677 14.44 -3.38 31.97
N GLU A 678 13.57 -3.94 32.81
CA GLU A 678 13.90 -4.30 34.20
C GLU A 678 13.76 -5.79 34.48
N GLN A 679 14.60 -6.33 35.37
CA GLN A 679 14.46 -7.74 35.83
C GLN A 679 14.77 -8.76 34.74
N MET A 680 15.84 -8.51 34.01
CA MET A 680 16.13 -9.27 32.80
C MET A 680 17.10 -10.38 33.10
N THR A 681 17.04 -11.42 32.27
CA THR A 681 17.93 -12.55 32.36
C THR A 681 18.57 -12.81 31.00
N LEU A 682 19.90 -12.75 31.00
CA LEU A 682 20.69 -13.23 29.90
C LEU A 682 20.98 -14.68 30.18
N GLU A 683 20.79 -15.51 29.17
CA GLU A 683 21.11 -16.93 29.21
C GLU A 683 21.91 -17.35 27.97
N MET A 684 22.98 -18.10 28.23
CA MET A 684 23.90 -18.61 27.24
C MET A 684 24.18 -20.12 27.42
N LYS A 685 24.41 -20.81 26.32
CA LYS A 685 24.94 -22.15 26.41
C LYS A 685 25.77 -22.49 25.17
N VAL A 686 26.81 -23.28 25.43
CA VAL A 686 27.78 -23.67 24.43
C VAL A 686 27.21 -24.93 23.81
N VAL A 687 27.18 -24.99 22.49
CA VAL A 687 26.52 -26.09 21.77
C VAL A 687 27.52 -26.52 20.73
N ASP A 688 27.78 -27.82 20.61
CA ASP A 688 28.66 -28.28 19.53
C ASP A 688 27.93 -28.26 18.18
N PHE A 689 28.64 -28.60 17.12
CA PHE A 689 28.11 -28.56 15.77
C PHE A 689 27.17 -29.72 15.43
N ASP A 690 27.08 -30.71 16.32
CA ASP A 690 26.10 -31.81 16.14
C ASP A 690 24.80 -31.57 16.92
N GLY A 691 24.80 -30.58 17.82
CA GLY A 691 23.59 -30.20 18.55
C GLY A 691 23.70 -30.30 20.06
N LYS A 692 24.81 -30.85 20.52
CA LYS A 692 24.94 -31.32 21.89
C LYS A 692 25.48 -30.21 22.74
N THR A 693 24.72 -29.84 23.78
CA THR A 693 25.16 -28.86 24.77
C THR A 693 26.48 -29.29 25.37
N LEU A 694 27.37 -28.33 25.63
CA LEU A 694 28.62 -28.57 26.34
C LEU A 694 28.60 -27.84 27.68
N GLY A 695 28.76 -28.57 28.77
CA GLY A 695 28.66 -27.94 30.09
C GLY A 695 27.21 -27.63 30.39
N LYS A 696 26.98 -26.66 31.26
CA LYS A 696 25.63 -26.26 31.63
C LYS A 696 25.32 -24.90 31.00
N LYS A 697 24.02 -24.56 31.00
CA LYS A 697 23.54 -23.22 30.73
C LYS A 697 24.11 -22.28 31.77
N ILE A 698 24.48 -21.07 31.34
CA ILE A 698 24.97 -20.00 32.19
C ILE A 698 23.85 -18.99 32.31
N GLN A 699 23.55 -18.55 33.55
CA GLN A 699 22.55 -17.53 33.84
C GLN A 699 23.07 -16.26 34.53
N VAL A 700 22.60 -15.11 34.03
CA VAL A 700 22.73 -13.82 34.71
C VAL A 700 21.36 -13.18 34.85
N HIS A 701 20.88 -13.13 36.10
CA HIS A 701 19.57 -12.57 36.41
C HIS A 701 19.68 -11.11 36.83
N SER A 702 18.54 -10.53 37.14
CA SER A 702 18.46 -9.22 37.74
C SER A 702 19.10 -8.08 36.88
N LEU A 703 19.13 -8.23 35.56
CA LEU A 703 19.71 -7.19 34.69
C LEU A 703 18.70 -6.11 34.35
N GLU A 704 19.12 -4.85 34.39
CA GLU A 704 18.36 -3.82 33.72
C GLU A 704 19.07 -3.25 32.45
N VAL A 705 18.27 -2.83 31.48
CA VAL A 705 18.80 -2.27 30.24
C VAL A 705 18.16 -0.91 30.11
N PRO A 706 18.84 0.14 30.60
CA PRO A 706 18.30 1.52 30.54
C PRO A 706 18.06 1.95 29.09
N ALA A 707 17.15 2.90 28.88
CA ALA A 707 16.88 3.38 27.55
C ALA A 707 18.20 3.89 26.93
N ASN A 708 18.42 3.61 25.65
CA ASN A 708 19.46 4.34 24.87
C ASN A 708 20.83 4.20 25.50
N THR A 709 21.20 2.98 25.91
CA THR A 709 22.50 2.67 26.52
C THR A 709 23.15 1.40 25.96
N SER A 710 24.47 1.35 26.08
CA SER A 710 25.23 0.13 25.86
C SER A 710 25.90 -0.22 27.21
N LYS A 711 25.70 -1.43 27.73
CA LYS A 711 26.37 -1.81 29.02
C LYS A 711 26.85 -3.24 29.03
N CYS A 712 28.01 -3.48 29.65
CA CYS A 712 28.57 -4.82 29.83
C CYS A 712 27.89 -5.47 31.04
N VAL A 713 27.42 -6.70 30.86
CA VAL A 713 26.72 -7.44 31.89
C VAL A 713 27.41 -8.78 32.18
N TYR A 714 28.49 -9.10 31.49
CA TYR A 714 29.10 -10.42 31.62
C TYR A 714 30.48 -10.45 31.00
N ARG A 715 31.43 -11.03 31.73
CA ARG A 715 32.81 -11.22 31.29
C ARG A 715 33.26 -12.56 31.82
N ALA A 716 33.97 -13.33 31.00
CA ALA A 716 34.56 -14.58 31.41
C ALA A 716 35.73 -14.79 30.49
N LYS A 717 36.90 -15.09 31.07
CA LYS A 717 38.09 -15.41 30.30
C LYS A 717 37.84 -16.77 29.66
N LEU A 718 38.41 -17.03 28.49
CA LEU A 718 38.18 -18.30 27.80
C LEU A 718 39.01 -19.45 28.39
N ASP A 719 40.16 -19.11 28.98
CA ASP A 719 41.02 -20.10 29.63
C ASP A 719 40.41 -20.71 30.93
N GLY A 720 40.28 -22.04 30.91
CA GLY A 720 39.66 -22.80 31.98
C GLY A 720 38.18 -23.00 31.71
N TRP A 721 37.74 -22.56 30.54
CA TRP A 721 36.32 -22.67 30.14
C TRP A 721 36.19 -23.55 28.90
N LEU A 722 36.95 -23.23 27.85
CA LEU A 722 36.85 -23.96 26.62
C LEU A 722 38.26 -24.25 26.17
N THR A 723 38.47 -25.46 25.65
CA THR A 723 39.79 -25.76 25.10
C THR A 723 39.94 -25.15 23.68
N PRO A 724 41.18 -24.96 23.20
CA PRO A 724 41.37 -24.53 21.80
C PRO A 724 40.58 -25.39 20.83
N GLU A 725 40.26 -26.62 21.25
CA GLU A 725 39.60 -27.57 20.36
C GLU A 725 38.10 -27.31 20.36
N ASP A 726 37.53 -27.00 21.53
CA ASP A 726 36.12 -26.61 21.68
C ASP A 726 35.79 -25.38 20.87
N CYS A 727 36.73 -24.44 20.84
CA CYS A 727 36.61 -23.16 20.13
C CYS A 727 36.54 -23.33 18.62
N ARG A 728 37.22 -24.37 18.11
CA ARG A 728 37.09 -24.82 16.73
C ARG A 728 35.78 -25.63 16.46
N ARG A 729 35.03 -26.01 17.49
CA ARG A 729 33.99 -27.04 17.29
C ARG A 729 32.59 -26.73 17.83
N SER A 730 32.45 -25.57 18.45
CA SER A 730 31.20 -25.17 19.13
C SER A 730 30.87 -23.66 18.94
N PHE A 731 29.73 -23.24 19.46
CA PHE A 731 29.31 -21.83 19.40
C PHE A 731 28.53 -21.42 20.64
N LEU A 732 28.49 -20.13 20.92
CA LEU A 732 27.73 -19.62 22.04
C LEU A 732 26.35 -19.17 21.56
N LYS A 733 25.31 -19.76 22.14
CA LYS A 733 23.94 -19.38 21.88
C LYS A 733 23.60 -18.37 23.01
N LEU A 734 22.95 -17.25 22.72
CA LEU A 734 22.67 -16.20 23.72
C LEU A 734 21.26 -15.68 23.51
N ILE A 735 20.49 -15.65 24.60
CA ILE A 735 19.15 -15.07 24.61
C ILE A 735 18.97 -14.16 25.79
N LEU A 736 18.13 -13.15 25.59
CA LEU A 736 17.71 -12.24 26.65
C LEU A 736 16.22 -12.39 26.81
N LYS A 737 15.78 -12.50 28.05
CA LYS A 737 14.35 -12.63 28.39
C LYS A 737 13.94 -11.81 29.59
N ASP A 738 12.68 -11.36 29.55
CA ASP A 738 12.06 -10.68 30.68
C ASP A 738 11.81 -11.61 31.91
N LYS A 739 11.30 -11.02 33.00
CA LYS A 739 11.05 -11.79 34.25
C LYS A 739 10.30 -13.11 33.99
N SER A 740 9.21 -13.03 33.21
CA SER A 740 8.39 -14.20 32.86
C SER A 740 8.96 -15.22 31.82
N GLY A 741 10.20 -15.03 31.34
CA GLY A 741 10.80 -15.93 30.34
C GLY A 741 10.46 -15.67 28.85
N HIS A 742 9.86 -14.52 28.55
CA HIS A 742 9.62 -14.16 27.14
C HIS A 742 10.86 -13.59 26.48
N GLN A 743 11.27 -14.23 25.39
CA GLN A 743 12.47 -13.84 24.65
C GLN A 743 12.36 -12.46 24.01
N VAL A 744 13.30 -11.58 24.33
CA VAL A 744 13.33 -10.31 23.63
C VAL A 744 14.49 -10.16 22.61
N ALA A 745 15.52 -10.98 22.73
CA ALA A 745 16.67 -10.90 21.83
C ALA A 745 17.40 -12.23 21.86
N GLU A 746 18.11 -12.55 20.78
CA GLU A 746 19.04 -13.69 20.74
C GLU A 746 20.24 -13.40 19.88
N SER A 747 21.33 -14.11 20.13
CA SER A 747 22.53 -13.99 19.35
CA SER A 747 22.56 -13.96 19.38
C SER A 747 23.27 -15.33 19.24
N VAL A 748 24.07 -15.51 18.17
CA VAL A 748 25.05 -16.60 18.13
CA VAL A 748 25.05 -16.61 18.12
C VAL A 748 26.46 -16.02 18.10
N HIS A 749 27.39 -16.65 18.81
CA HIS A 749 28.81 -16.26 18.81
C HIS A 749 29.80 -17.40 18.46
N PHE A 750 30.73 -17.16 17.54
CA PHE A 750 31.76 -18.16 17.22
C PHE A 750 33.07 -17.64 17.78
N PHE A 751 33.87 -18.58 18.29
CA PHE A 751 35.11 -18.27 19.02
C PHE A 751 36.33 -18.21 18.13
N ARG A 752 36.19 -18.74 16.91
CA ARG A 752 37.27 -18.70 15.93
C ARG A 752 36.78 -18.11 14.62
N LYS A 753 37.73 -17.70 13.79
CA LYS A 753 37.45 -17.28 12.45
C LYS A 753 36.94 -18.49 11.72
N THR A 754 36.05 -18.24 10.77
CA THR A 754 35.41 -19.29 10.01
C THR A 754 36.42 -20.31 9.36
N LYS A 755 37.56 -19.81 8.81
CA LYS A 755 38.50 -20.70 8.20
C LYS A 755 39.05 -21.69 9.22
N ASP A 756 39.03 -21.35 10.51
CA ASP A 756 39.63 -22.15 11.58
C ASP A 756 38.68 -23.15 12.21
N LEU A 757 37.39 -22.97 11.92
CA LEU A 757 36.31 -23.83 12.44
C LEU A 757 36.33 -25.22 11.84
N GLN A 758 36.07 -26.24 12.65
CA GLN A 758 35.90 -27.60 12.10
C GLN A 758 34.48 -27.90 11.63
N LEU A 759 34.09 -27.30 10.52
CA LEU A 759 32.72 -27.49 10.02
C LEU A 759 32.47 -28.93 9.48
N PRO A 760 31.44 -29.61 10.02
CA PRO A 760 31.17 -30.94 9.47
C PRO A 760 30.58 -30.87 8.05
N PRO A 761 30.90 -31.85 7.16
CA PRO A 761 30.16 -31.91 5.89
C PRO A 761 28.67 -32.20 6.18
N THR A 762 27.78 -31.56 5.42
CA THR A 762 26.36 -31.63 5.77
C THR A 762 25.38 -31.23 4.69
N SER A 763 24.16 -31.70 4.85
CA SER A 763 23.13 -31.44 3.88
C SER A 763 22.02 -30.61 4.51
N VAL A 764 21.79 -29.43 3.95
CA VAL A 764 20.59 -28.68 4.28
C VAL A 764 19.45 -29.22 3.38
N SER A 765 18.45 -29.84 4.00
CA SER A 765 17.29 -30.29 3.24
C SER A 765 16.16 -29.28 3.44
N TYR A 766 15.19 -29.28 2.54
CA TYR A 766 14.08 -28.38 2.71
C TYR A 766 12.76 -28.92 2.21
N GLN A 767 11.69 -28.55 2.89
CA GLN A 767 10.37 -28.68 2.32
C GLN A 767 9.99 -27.33 1.75
N MET A 768 9.15 -27.35 0.72
CA MET A 768 8.66 -26.15 0.06
C MET A 768 7.16 -26.19 -0.13
N LYS A 769 6.49 -25.11 0.26
CA LYS A 769 5.08 -24.95 -0.01
C LYS A 769 4.87 -23.66 -0.84
N GLN A 770 4.57 -23.81 -2.13
CA GLN A 770 4.58 -22.73 -3.12
C GLN A 770 3.21 -22.38 -3.70
N THR A 771 2.95 -21.08 -3.70
CA THR A 771 1.66 -20.55 -4.14
C THR A 771 1.96 -19.32 -5.01
N ASP A 772 0.94 -18.63 -5.51
CA ASP A 772 1.23 -17.45 -6.31
C ASP A 772 1.82 -16.35 -5.43
N GLY A 773 2.97 -15.84 -5.87
CA GLY A 773 3.62 -14.77 -5.15
C GLY A 773 4.45 -15.17 -3.96
N LYS A 774 4.53 -16.48 -3.67
CA LYS A 774 5.07 -16.96 -2.37
C LYS A 774 5.62 -18.38 -2.28
N CYS A 775 6.80 -18.53 -1.66
CA CYS A 775 7.26 -19.84 -1.14
C CYS A 775 7.56 -19.85 0.33
N GLU A 776 6.98 -20.80 1.04
CA GLU A 776 7.42 -21.11 2.37
C GLU A 776 8.28 -22.31 2.28
N LEU A 777 9.51 -22.14 2.77
CA LEU A 777 10.54 -23.20 2.89
C LEU A 777 10.74 -23.53 4.33
N THR A 778 10.92 -24.83 4.62
CA THR A 778 11.27 -25.28 5.98
C THR A 778 12.59 -25.98 5.79
N LEU A 779 13.60 -25.48 6.49
CA LEU A 779 14.96 -26.00 6.32
C LEU A 779 15.40 -26.76 7.56
N PHE A 780 16.27 -27.75 7.36
CA PHE A 780 16.72 -28.62 8.44
C PHE A 780 18.06 -29.21 8.05
N SER A 781 19.00 -29.18 8.99
CA SER A 781 20.26 -29.90 8.88
C SER A 781 20.60 -30.41 10.29
N SER A 782 20.98 -31.69 10.41
CA SER A 782 21.34 -32.24 11.74
C SER A 782 22.60 -31.60 12.32
N MET A 783 23.47 -31.11 11.44
CA MET A 783 24.66 -30.39 11.87
C MET A 783 24.62 -28.90 11.49
N LEU A 784 25.39 -28.09 12.18
CA LEU A 784 25.49 -26.70 11.81
C LEU A 784 25.84 -26.53 10.32
N ALA A 785 25.06 -25.65 9.67
CA ALA A 785 25.39 -25.17 8.34
C ALA A 785 25.66 -23.64 8.46
N LYS A 786 26.86 -23.25 8.05
CA LYS A 786 27.39 -21.93 8.36
C LYS A 786 27.01 -20.92 7.28
N ASP A 787 26.53 -19.74 7.68
CA ASP A 787 26.24 -18.66 6.71
C ASP A 787 25.47 -19.08 5.46
N ILE A 788 24.30 -19.66 5.64
CA ILE A 788 23.61 -20.20 4.47
C ILE A 788 23.11 -19.10 3.55
N PHE A 789 23.20 -19.38 2.26
CA PHE A 789 22.69 -18.52 1.24
C PHE A 789 21.61 -19.30 0.50
N ILE A 790 20.36 -18.87 0.64
CA ILE A 790 19.27 -19.40 -0.18
C ILE A 790 19.18 -18.58 -1.43
N GLU A 791 19.62 -19.20 -2.52
CA GLU A 791 19.77 -18.55 -3.82
C GLU A 791 18.67 -18.99 -4.83
N THR A 792 18.00 -18.00 -5.42
CA THR A 792 16.99 -18.19 -6.43
C THR A 792 17.29 -17.35 -7.66
N PRO A 793 16.88 -17.82 -8.85
CA PRO A 793 17.28 -17.04 -10.00
C PRO A 793 16.37 -15.83 -10.23
N LEU A 794 15.29 -15.75 -9.46
CA LEU A 794 14.32 -14.66 -9.53
C LEU A 794 14.81 -13.26 -9.10
N GLN A 795 14.94 -12.32 -10.03
CA GLN A 795 15.50 -11.01 -9.68
C GLN A 795 14.54 -10.30 -8.76
N GLY A 796 15.09 -9.66 -7.73
CA GLY A 796 14.29 -8.94 -6.76
C GLY A 796 13.41 -9.76 -5.80
N ALA A 797 13.62 -11.07 -5.72
CA ALA A 797 12.92 -11.91 -4.73
C ALA A 797 13.24 -11.41 -3.32
N ARG A 798 12.24 -11.30 -2.44
CA ARG A 798 12.45 -10.87 -1.05
C ARG A 798 12.42 -12.06 -0.10
N TYR A 799 13.22 -12.02 0.96
CA TYR A 799 13.28 -13.16 1.91
C TYR A 799 12.99 -12.68 3.31
N SER A 800 12.22 -13.44 4.09
CA SER A 800 12.09 -13.11 5.53
C SER A 800 13.46 -13.17 6.19
N ASP A 801 14.35 -14.03 5.68
CA ASP A 801 15.73 -14.09 6.24
C ASP A 801 16.60 -14.79 5.25
N ASN A 802 17.90 -14.56 5.39
CA ASN A 802 18.89 -15.15 4.52
C ASN A 802 20.26 -14.81 5.12
N PHE A 803 21.29 -15.52 4.70
CA PHE A 803 22.64 -15.30 5.22
C PHE A 803 22.75 -15.44 6.73
N PHE A 804 22.23 -16.57 7.20
CA PHE A 804 22.17 -16.89 8.61
C PHE A 804 22.74 -18.29 8.83
N ASP A 805 23.01 -18.58 10.09
CA ASP A 805 23.56 -19.87 10.46
C ASP A 805 22.39 -20.77 10.76
N LEU A 806 22.35 -21.91 10.09
CA LEU A 806 21.37 -22.95 10.34
C LEU A 806 21.95 -23.90 11.39
N LEU A 807 21.34 -23.86 12.56
CA LEU A 807 21.90 -24.46 13.73
C LEU A 807 21.52 -25.93 13.77
N PRO A 808 22.36 -26.76 14.44
CA PRO A 808 22.21 -28.20 14.35
C PRO A 808 20.83 -28.62 14.83
N GLY A 809 20.12 -29.34 13.96
CA GLY A 809 18.82 -29.90 14.24
C GLY A 809 17.75 -28.91 14.67
N GLU A 810 17.78 -27.69 14.13
CA GLU A 810 16.82 -26.65 14.54
C GLU A 810 16.14 -26.20 13.28
N ARG A 811 14.83 -26.43 13.15
CA ARG A 811 14.15 -26.17 11.89
C ARG A 811 14.00 -24.63 11.71
N LYS A 812 14.00 -24.19 10.46
CA LYS A 812 13.91 -22.73 10.19
C LYS A 812 12.97 -22.51 9.07
N LYS A 813 11.98 -21.66 9.32
CA LYS A 813 11.05 -21.21 8.31
C LYS A 813 11.57 -19.97 7.56
N VAL A 814 11.48 -19.98 6.23
CA VAL A 814 11.87 -18.84 5.39
C VAL A 814 10.79 -18.59 4.34
N ILE A 815 10.28 -17.37 4.31
CA ILE A 815 9.31 -17.04 3.28
C ILE A 815 9.99 -16.24 2.18
N ILE A 816 9.78 -16.67 0.93
CA ILE A 816 10.25 -15.94 -0.25
C ILE A 816 9.01 -15.40 -1.02
N THR A 817 9.03 -14.10 -1.32
CA THR A 817 7.96 -13.44 -2.06
C THR A 817 8.46 -12.77 -3.33
N SER A 818 7.58 -12.69 -4.33
CA SER A 818 7.87 -12.07 -5.63
C SER A 818 6.63 -12.22 -6.49
N PRO A 819 6.20 -11.13 -7.18
CA PRO A 819 5.04 -11.16 -8.07
C PRO A 819 5.17 -12.22 -9.16
N ARG A 820 6.39 -12.69 -9.41
CA ARG A 820 6.65 -13.66 -10.45
C ARG A 820 6.70 -15.11 -9.95
N ILE A 821 6.24 -15.32 -8.71
CA ILE A 821 6.15 -16.69 -8.21
C ILE A 821 4.80 -17.24 -8.64
N LYS A 822 4.83 -18.27 -9.49
CA LYS A 822 3.60 -18.92 -9.95
C LYS A 822 3.42 -20.30 -9.30
N LYS A 823 2.21 -20.56 -8.82
CA LYS A 823 1.83 -21.89 -8.34
CA LYS A 823 1.80 -21.89 -8.36
C LYS A 823 2.05 -22.90 -9.48
N GLY A 824 2.77 -23.98 -9.17
CA GLY A 824 3.05 -25.00 -10.19
C GLY A 824 4.04 -24.58 -11.26
N GLU A 825 4.86 -23.57 -10.96
CA GLU A 825 6.13 -23.38 -11.66
C GLU A 825 7.17 -23.31 -10.54
N GLU A 826 7.49 -24.51 -10.01
CA GLU A 826 8.33 -24.67 -8.82
C GLU A 826 9.57 -23.80 -8.86
N LEU A 827 9.75 -22.99 -7.82
CA LEU A 827 10.89 -22.03 -7.75
C LEU A 827 12.23 -22.76 -7.56
N PRO A 828 13.21 -22.55 -8.49
CA PRO A 828 14.58 -23.07 -8.30
C PRO A 828 15.24 -22.52 -7.03
N VAL A 829 15.82 -23.41 -6.24
CA VAL A 829 16.46 -23.05 -4.98
C VAL A 829 17.77 -23.78 -4.88
N ASN A 830 18.83 -23.03 -4.66
CA ASN A 830 20.16 -23.58 -4.45
C ASN A 830 20.59 -23.08 -3.06
N ILE A 831 20.90 -24.00 -2.15
CA ILE A 831 21.34 -23.59 -0.80
C ILE A 831 22.87 -23.81 -0.63
N LYS A 832 23.58 -22.74 -0.32
CA LYS A 832 25.03 -22.81 -0.20
C LYS A 832 25.31 -22.61 1.25
N HIS A 833 26.40 -23.23 1.71
CA HIS A 833 26.91 -22.96 3.06
C HIS A 833 28.42 -23.08 3.04
N ILE A 834 29.08 -22.63 4.09
CA ILE A 834 30.54 -22.48 4.01
C ILE A 834 31.30 -23.80 3.67
N ARG A 835 30.97 -24.88 4.37
CA ARG A 835 31.64 -26.17 4.24
C ARG A 835 31.65 -26.75 2.83
N GLU A 836 30.56 -26.56 2.08
CA GLU A 836 30.48 -26.92 0.66
C GLU A 836 31.48 -26.23 -0.24
N THR A 837 32.07 -25.12 0.22
CA THR A 837 32.90 -24.32 -0.67
C THR A 837 34.34 -24.85 -0.86
N TYR A 838 34.76 -25.76 0.02
CA TYR A 838 36.08 -26.44 -0.12
C TYR A 838 35.99 -27.94 0.16
N LYS A 839 36.92 -28.69 -0.41
CA LYS A 839 36.85 -30.18 -0.40
C LYS A 839 37.90 -30.85 0.50
N ASN B 3 -1.61 -2.68 25.62
CA ASN B 3 -2.98 -2.32 26.15
C ASN B 3 -3.27 -2.70 27.65
N ASP B 4 -2.97 -3.94 28.07
CA ASP B 4 -3.21 -4.39 29.45
C ASP B 4 -2.15 -5.42 29.89
N THR B 5 -2.31 -6.00 31.08
CA THR B 5 -1.29 -6.92 31.61
C THR B 5 -1.44 -8.35 31.20
N SER B 6 -2.45 -8.64 30.38
CA SER B 6 -2.67 -9.99 29.95
C SER B 6 -1.70 -10.42 28.88
N GLU B 7 -1.54 -11.71 28.80
CA GLU B 7 -0.77 -12.25 27.72
C GLU B 7 -1.65 -13.05 26.73
N VAL B 8 -1.47 -12.84 25.45
CA VAL B 8 -2.26 -13.60 24.46
C VAL B 8 -1.31 -14.43 23.66
N MET B 9 -1.57 -15.72 23.54
CA MET B 9 -0.75 -16.61 22.74
C MET B 9 -1.64 -17.07 21.54
N LEU B 10 -1.11 -16.94 20.32
CA LEU B 10 -1.84 -17.27 19.09
C LEU B 10 -1.52 -18.71 18.83
N LEU B 11 -2.52 -19.57 18.71
CA LEU B 11 -2.23 -20.99 18.45
C LEU B 11 -2.38 -21.14 16.96
N ASP B 12 -1.34 -20.74 16.24
CA ASP B 12 -1.47 -20.70 14.79
C ASP B 12 -0.40 -21.52 14.08
N THR B 13 0.34 -22.35 14.81
CA THR B 13 1.30 -23.25 14.18
C THR B 13 1.38 -24.58 14.92
N GLY B 14 1.94 -25.59 14.27
CA GLY B 14 2.04 -26.86 14.95
C GLY B 14 0.87 -27.78 14.67
N TRP B 15 -0.06 -27.36 13.80
CA TRP B 15 -1.31 -28.09 13.62
C TRP B 15 -1.16 -29.14 12.57
N GLU B 16 -1.92 -30.22 12.71
CA GLU B 16 -1.90 -31.34 11.79
C GLU B 16 -3.34 -31.76 11.68
N PHE B 17 -3.66 -32.53 10.64
CA PHE B 17 -5.01 -32.92 10.35
C PHE B 17 -5.04 -34.38 9.84
N SER B 18 -6.21 -35.03 9.94
CA SER B 18 -6.34 -36.43 9.57
C SER B 18 -7.76 -36.73 9.14
N GLN B 19 -7.88 -37.45 8.04
CA GLN B 19 -9.18 -38.01 7.68
C GLN B 19 -9.44 -39.11 8.70
N SER B 20 -10.49 -38.94 9.48
CA SER B 20 -10.83 -39.84 10.55
C SER B 20 -10.86 -41.31 10.14
N GLY B 21 -10.16 -42.12 10.93
CA GLY B 21 -10.18 -43.56 10.72
C GLY B 21 -8.95 -44.02 10.00
N THR B 22 -8.20 -43.10 9.38
CA THR B 22 -6.99 -43.47 8.62
C THR B 22 -5.73 -43.52 9.50
N GLU B 23 -5.75 -42.80 10.63
CA GLU B 23 -4.59 -42.69 11.51
C GLU B 23 -3.37 -42.00 10.85
N LYS B 24 -3.60 -41.34 9.71
CA LYS B 24 -2.52 -40.64 8.98
C LYS B 24 -2.65 -39.14 9.14
N TRP B 25 -1.59 -38.51 9.66
CA TRP B 25 -1.54 -37.10 10.01
C TRP B 25 -0.60 -36.32 9.08
N MET B 26 -0.97 -35.06 8.80
CA MET B 26 -0.21 -34.22 7.88
CA MET B 26 -0.24 -34.22 7.86
C MET B 26 -0.32 -32.78 8.35
N PRO B 27 0.67 -31.93 7.96
CA PRO B 27 0.62 -30.56 8.45
C PRO B 27 -0.63 -29.85 7.95
N ALA B 28 -1.22 -28.99 8.78
CA ALA B 28 -2.42 -28.23 8.44
C ALA B 28 -2.10 -26.77 8.62
N THR B 29 -2.91 -25.89 8.02
CA THR B 29 -2.80 -24.46 8.31
C THR B 29 -4.07 -23.99 9.04
N VAL B 30 -3.87 -23.24 10.13
CA VAL B 30 -4.96 -22.71 10.92
C VAL B 30 -4.74 -21.19 11.21
N PRO B 31 -5.75 -20.34 10.91
CA PRO B 31 -7.08 -20.77 10.42
C PRO B 31 -6.96 -21.39 9.05
N GLY B 32 -7.88 -22.27 8.72
CA GLY B 32 -7.86 -22.86 7.37
C GLY B 32 -9.07 -23.71 7.22
N THR B 33 -9.09 -24.49 6.15
CA THR B 33 -10.19 -25.36 5.85
C THR B 33 -9.61 -26.74 5.55
N VAL B 34 -10.42 -27.79 5.69
CA VAL B 34 -10.02 -29.15 5.31
C VAL B 34 -9.63 -29.23 3.80
N HIS B 35 -10.45 -28.58 2.93
CA HIS B 35 -10.22 -28.55 1.49
C HIS B 35 -8.87 -27.94 1.16
N GLN B 36 -8.50 -26.85 1.84
CA GLN B 36 -7.23 -26.24 1.53
C GLN B 36 -6.06 -27.07 2.07
N ASP B 37 -6.23 -27.69 3.24
CA ASP B 37 -5.16 -28.55 3.77
C ASP B 37 -4.92 -29.71 2.79
N LEU B 38 -5.98 -30.27 2.21
CA LEU B 38 -5.91 -31.31 1.19
C LEU B 38 -5.32 -30.83 -0.14
N ILE B 39 -5.80 -29.68 -0.64
CA ILE B 39 -5.24 -29.06 -1.86
C ILE B 39 -3.74 -28.87 -1.68
N SER B 40 -3.32 -28.42 -0.51
CA SER B 40 -1.91 -28.09 -0.38
C SER B 40 -1.03 -29.34 -0.32
N HIS B 41 -1.63 -30.53 -0.15
CA HIS B 41 -0.81 -31.75 -0.23
C HIS B 41 -1.18 -32.50 -1.53
N GLU B 42 -1.68 -31.76 -2.51
CA GLU B 42 -2.25 -32.37 -3.72
C GLU B 42 -3.09 -33.65 -3.42
N LEU B 43 -3.96 -33.57 -2.43
CA LEU B 43 -4.85 -34.67 -2.10
C LEU B 43 -6.20 -34.36 -2.66
N LEU B 44 -6.29 -33.18 -3.28
CA LEU B 44 -7.43 -32.77 -4.10
C LEU B 44 -6.89 -32.08 -5.35
N PRO B 45 -7.65 -32.10 -6.45
CA PRO B 45 -7.24 -31.26 -7.55
C PRO B 45 -7.71 -29.81 -7.32
N ASN B 46 -7.26 -28.89 -8.19
CA ASN B 46 -7.76 -27.55 -8.18
C ASN B 46 -9.28 -27.61 -8.35
N PRO B 47 -10.05 -27.29 -7.28
CA PRO B 47 -11.53 -27.40 -7.27
C PRO B 47 -12.24 -26.47 -8.24
N PHE B 48 -11.55 -25.38 -8.65
CA PHE B 48 -12.14 -24.34 -9.52
C PHE B 48 -11.94 -24.67 -11.03
N TYR B 49 -11.06 -25.64 -11.37
CA TYR B 49 -10.70 -25.95 -12.76
C TYR B 49 -11.60 -26.97 -13.42
N GLY B 50 -11.88 -26.83 -14.72
CA GLY B 50 -12.46 -27.96 -15.50
C GLY B 50 -13.77 -28.55 -14.99
N MET B 51 -13.80 -29.86 -14.83
CA MET B 51 -15.01 -30.54 -14.31
C MET B 51 -14.79 -31.00 -12.87
N ASN B 52 -13.81 -30.38 -12.19
CA ASN B 52 -13.40 -30.77 -10.83
C ASN B 52 -14.41 -30.69 -9.69
N GLU B 53 -15.55 -30.02 -9.87
CA GLU B 53 -16.52 -29.92 -8.75
C GLU B 53 -17.02 -31.30 -8.24
N LYS B 54 -17.40 -32.20 -9.17
CA LYS B 54 -17.93 -33.53 -8.85
C LYS B 54 -16.88 -34.37 -8.15
N LYS B 55 -15.62 -34.11 -8.49
CA LYS B 55 -14.45 -34.83 -7.96
C LYS B 55 -14.01 -34.48 -6.54
N ILE B 56 -14.48 -33.37 -5.97
CA ILE B 56 -14.06 -33.01 -4.59
C ILE B 56 -15.22 -33.21 -3.58
N GLN B 57 -16.33 -33.72 -4.06
CA GLN B 57 -17.50 -33.90 -3.22
C GLN B 57 -17.30 -34.93 -2.08
N TRP B 58 -16.40 -35.91 -2.25
CA TRP B 58 -16.23 -37.00 -1.27
C TRP B 58 -15.92 -36.50 0.16
N VAL B 59 -15.16 -35.38 0.22
CA VAL B 59 -14.70 -34.73 1.44
C VAL B 59 -15.85 -34.43 2.39
N GLU B 60 -17.00 -34.01 1.90
CA GLU B 60 -18.13 -33.66 2.79
C GLU B 60 -18.69 -34.89 3.53
N ASN B 61 -18.42 -36.09 3.00
CA ASN B 61 -18.87 -37.33 3.63
C ASN B 61 -17.94 -37.92 4.70
N GLU B 62 -16.74 -37.36 4.87
CA GLU B 62 -15.76 -37.86 5.84
C GLU B 62 -15.79 -37.01 7.10
N ASP B 63 -15.20 -37.53 8.17
CA ASP B 63 -15.01 -36.75 9.40
C ASP B 63 -13.56 -36.39 9.41
N TRP B 64 -13.24 -35.24 10.03
CA TRP B 64 -11.84 -34.75 10.02
C TRP B 64 -11.36 -34.38 11.40
N GLU B 65 -10.12 -34.77 11.71
CA GLU B 65 -9.49 -34.44 12.98
C GLU B 65 -8.29 -33.49 12.85
N TYR B 66 -8.15 -32.58 13.81
CA TYR B 66 -7.02 -31.63 13.91
C TYR B 66 -6.41 -31.71 15.28
N ARG B 67 -5.12 -31.46 15.38
CA ARG B 67 -4.45 -31.47 16.67
C ARG B 67 -3.32 -30.48 16.61
N THR B 68 -2.99 -29.94 17.78
CA THR B 68 -1.77 -29.18 17.94
C THR B 68 -1.32 -29.40 19.37
N SER B 69 -0.04 -29.09 19.68
CA SER B 69 0.46 -29.06 21.06
CA SER B 69 0.40 -29.03 21.07
C SER B 69 1.09 -27.70 21.36
N PHE B 70 1.25 -27.36 22.63
CA PHE B 70 1.85 -26.07 22.97
C PHE B 70 2.32 -26.15 24.38
N ILE B 71 3.24 -25.27 24.78
CA ILE B 71 3.88 -25.35 26.10
C ILE B 71 3.25 -24.31 27.00
N VAL B 72 3.06 -24.68 28.27
CA VAL B 72 2.63 -23.70 29.27
C VAL B 72 3.67 -23.65 30.42
N SER B 73 4.05 -22.42 30.80
CA SER B 73 5.07 -22.22 31.80
C SER B 73 4.41 -22.17 33.17
N GLU B 74 5.20 -22.47 34.20
CA GLU B 74 4.82 -22.27 35.57
C GLU B 74 4.29 -20.85 35.81
N GLU B 75 4.92 -19.85 35.20
CA GLU B 75 4.54 -18.46 35.35
C GLU B 75 3.13 -18.22 34.76
N GLN B 76 2.91 -18.75 33.54
CA GLN B 76 1.61 -18.74 32.88
C GLN B 76 0.55 -19.48 33.71
N LEU B 77 0.90 -20.65 34.24
CA LEU B 77 -0.01 -21.37 35.15
C LEU B 77 -0.41 -20.63 36.43
N ASN B 78 0.37 -19.64 36.88
CA ASN B 78 -0.02 -18.85 38.06
C ASN B 78 -0.83 -17.61 37.80
N ARG B 79 -1.22 -17.38 36.55
CA ARG B 79 -2.10 -16.24 36.27
C ARG B 79 -3.48 -16.55 36.89
N ASP B 80 -4.21 -15.53 37.27
CA ASP B 80 -5.52 -15.77 37.88
C ASP B 80 -6.49 -16.55 36.96
N GLY B 81 -6.44 -16.28 35.65
CA GLY B 81 -7.46 -16.83 34.74
C GLY B 81 -6.78 -17.17 33.45
N ILE B 82 -7.21 -18.27 32.80
CA ILE B 82 -6.68 -18.65 31.48
C ILE B 82 -7.85 -19.09 30.59
N GLN B 83 -8.08 -18.34 29.50
CA GLN B 83 -9.20 -18.58 28.52
C GLN B 83 -8.68 -19.12 27.22
N LEU B 84 -9.38 -20.12 26.66
CA LEU B 84 -9.22 -20.53 25.23
C LEU B 84 -10.37 -19.97 24.37
N ILE B 85 -10.01 -19.24 23.32
CA ILE B 85 -11.00 -18.58 22.49
C ILE B 85 -10.96 -19.13 21.03
N PHE B 86 -12.13 -19.52 20.55
CA PHE B 86 -12.34 -19.99 19.19
C PHE B 86 -13.20 -18.94 18.56
N GLU B 87 -12.60 -18.12 17.70
CA GLU B 87 -13.39 -17.13 16.95
C GLU B 87 -14.32 -17.74 15.89
N GLY B 88 -14.06 -18.98 15.50
CA GLY B 88 -14.96 -19.72 14.62
C GLY B 88 -14.58 -21.18 14.41
N LEU B 89 -15.58 -22.06 14.59
CA LEU B 89 -15.46 -23.50 14.26
C LEU B 89 -16.55 -23.91 13.29
N ASP B 90 -16.17 -24.49 12.15
CA ASP B 90 -17.10 -24.89 11.07
C ASP B 90 -17.11 -26.44 11.01
N THR B 91 -18.08 -27.14 11.58
CA THR B 91 -19.21 -26.64 12.42
C THR B 91 -19.45 -27.51 13.69
N TYR B 92 -19.66 -28.81 13.49
CA TYR B 92 -19.88 -29.76 14.56
C TYR B 92 -18.55 -30.29 15.08
N ALA B 93 -17.96 -29.56 16.02
CA ALA B 93 -16.60 -29.84 16.50
C ALA B 93 -16.59 -30.14 17.98
N ASP B 94 -15.96 -31.27 18.34
CA ASP B 94 -15.82 -31.68 19.73
C ASP B 94 -14.40 -31.34 20.07
N VAL B 95 -14.24 -30.46 21.05
CA VAL B 95 -12.95 -29.86 21.38
C VAL B 95 -12.41 -30.49 22.68
N TYR B 96 -11.26 -31.12 22.60
CA TYR B 96 -10.65 -31.88 23.69
C TYR B 96 -9.30 -31.29 24.06
N LEU B 97 -9.11 -30.98 25.33
CA LEU B 97 -7.87 -30.46 25.79
C LEU B 97 -7.38 -31.32 27.01
N ASN B 98 -6.28 -32.04 26.82
CA ASN B 98 -5.63 -32.79 27.91
C ASN B 98 -6.60 -33.78 28.55
N GLY B 99 -7.36 -34.49 27.71
CA GLY B 99 -8.35 -35.49 28.20
C GLY B 99 -9.70 -34.95 28.62
N SER B 100 -9.93 -33.64 28.51
CA SER B 100 -11.17 -33.00 28.90
C SER B 100 -11.96 -32.54 27.69
N LEU B 101 -13.24 -32.92 27.61
CA LEU B 101 -14.13 -32.37 26.59
C LEU B 101 -14.56 -30.97 26.96
N LEU B 102 -14.00 -29.98 26.28
CA LEU B 102 -14.31 -28.60 26.62
C LEU B 102 -15.62 -28.09 26.07
N LEU B 103 -16.07 -28.63 24.94
CA LEU B 103 -17.08 -27.93 24.17
C LEU B 103 -17.56 -28.88 23.05
N LYS B 104 -18.88 -28.85 22.77
CA LYS B 104 -19.40 -29.51 21.58
C LYS B 104 -19.97 -28.38 20.73
N ALA B 105 -19.17 -27.84 19.80
CA ALA B 105 -19.56 -26.63 19.03
C ALA B 105 -20.64 -26.99 18.01
N ASP B 106 -21.56 -26.09 17.66
CA ASP B 106 -22.64 -26.42 16.74
C ASP B 106 -23.13 -25.17 15.98
N ASN B 107 -22.24 -24.18 15.85
CA ASN B 107 -22.64 -22.93 15.19
C ASN B 107 -21.43 -22.20 14.62
N MET B 108 -21.30 -22.24 13.30
CA MET B 108 -20.14 -21.65 12.59
C MET B 108 -20.01 -20.11 12.92
N PHE B 109 -21.12 -19.47 13.22
CA PHE B 109 -21.28 -18.05 13.38
C PHE B 109 -21.04 -17.56 14.82
N VAL B 110 -20.62 -18.48 15.71
CA VAL B 110 -20.43 -18.16 17.17
C VAL B 110 -18.94 -18.26 17.58
N GLY B 111 -18.47 -17.27 18.38
CA GLY B 111 -17.15 -17.40 19.03
C GLY B 111 -17.28 -18.05 20.40
N TYR B 112 -16.33 -18.86 20.81
CA TYR B 112 -16.44 -19.53 22.10
C TYR B 112 -15.29 -19.09 22.94
N THR B 113 -15.54 -18.73 24.20
CA THR B 113 -14.51 -18.42 25.18
C THR B 113 -14.59 -19.47 26.29
N LEU B 114 -13.51 -20.21 26.51
CA LEU B 114 -13.48 -21.39 27.36
C LEU B 114 -12.49 -21.23 28.52
N PRO B 115 -12.98 -21.26 29.81
CA PRO B 115 -12.02 -21.20 30.92
C PRO B 115 -11.26 -22.51 30.98
N VAL B 116 -9.95 -22.49 30.89
CA VAL B 116 -9.14 -23.74 30.85
C VAL B 116 -7.99 -23.83 31.88
N LYS B 117 -7.86 -22.84 32.74
CA LYS B 117 -6.72 -22.85 33.66
C LYS B 117 -6.59 -24.19 34.40
N SER B 118 -7.69 -24.70 34.93
CA SER B 118 -7.62 -25.91 35.73
C SER B 118 -7.41 -27.22 34.93
N VAL B 119 -7.45 -27.21 33.59
CA VAL B 119 -7.14 -28.42 32.80
C VAL B 119 -5.78 -28.35 32.11
N LEU B 120 -5.16 -27.16 32.24
CA LEU B 120 -3.85 -26.94 31.67
C LEU B 120 -2.74 -27.60 32.51
N ARG B 121 -1.69 -28.01 31.83
CA ARG B 121 -0.52 -28.62 32.50
C ARG B 121 0.75 -27.80 32.21
N LYS B 122 1.73 -27.87 33.12
CA LYS B 122 3.04 -27.26 32.93
C LYS B 122 3.76 -28.11 31.92
N GLY B 123 4.31 -27.47 30.89
CA GLY B 123 4.91 -28.22 29.80
C GLY B 123 3.91 -28.45 28.68
N GLU B 124 4.00 -29.63 28.06
CA GLU B 124 3.12 -30.06 26.98
CA GLU B 124 3.12 -30.04 26.96
C GLU B 124 1.61 -30.09 27.29
N ASN B 125 0.83 -29.49 26.37
CA ASN B 125 -0.63 -29.51 26.42
C ASN B 125 -1.08 -29.94 25.02
N HIS B 126 -2.18 -30.71 24.91
CA HIS B 126 -2.57 -31.34 23.64
C HIS B 126 -3.98 -30.97 23.33
N LEU B 127 -4.20 -30.26 22.22
CA LEU B 127 -5.55 -29.88 21.85
C LEU B 127 -5.93 -30.76 20.66
N TYR B 128 -7.07 -31.49 20.72
CA TYR B 128 -7.58 -32.25 19.56
C TYR B 128 -8.97 -31.77 19.28
N ILE B 129 -9.32 -31.63 18.01
CA ILE B 129 -10.67 -31.21 17.68
C ILE B 129 -11.19 -32.23 16.67
N TYR B 130 -12.41 -32.71 16.92
CA TYR B 130 -13.07 -33.69 16.07
C TYR B 130 -14.18 -32.99 15.30
N PHE B 131 -14.00 -32.83 13.98
CA PHE B 131 -15.08 -32.24 13.15
C PHE B 131 -15.95 -33.36 12.58
N HIS B 132 -17.19 -33.47 13.04
CA HIS B 132 -18.16 -34.34 12.36
C HIS B 132 -18.61 -33.77 10.97
N SER B 133 -18.70 -34.64 9.97
CA SER B 133 -19.32 -34.30 8.72
C SER B 133 -20.66 -33.57 8.99
N PRO B 134 -20.80 -32.33 8.48
CA PRO B 134 -22.10 -31.70 8.69
C PRO B 134 -23.18 -32.46 7.89
N ILE B 135 -22.78 -33.24 6.87
CA ILE B 135 -23.72 -34.09 6.12
C ILE B 135 -24.18 -35.27 6.99
N ARG B 136 -23.25 -36.16 7.35
CA ARG B 136 -23.58 -37.28 8.25
C ARG B 136 -24.21 -36.84 9.56
N GLN B 137 -23.77 -35.70 10.09
CA GLN B 137 -24.41 -35.21 11.31
C GLN B 137 -25.92 -34.97 11.20
N THR B 138 -26.40 -34.56 10.03
CA THR B 138 -27.79 -34.17 9.91
C THR B 138 -28.61 -35.19 9.10
N LEU B 139 -28.01 -36.30 8.71
CA LEU B 139 -28.80 -37.33 8.01
C LEU B 139 -29.93 -37.90 8.90
N PRO B 140 -29.63 -38.20 10.22
CA PRO B 140 -30.66 -38.65 11.16
C PRO B 140 -31.74 -37.62 11.30
N GLN B 141 -31.33 -36.36 11.40
CA GLN B 141 -32.23 -35.25 11.64
C GLN B 141 -33.18 -35.09 10.44
N TYR B 142 -32.63 -35.23 9.26
CA TYR B 142 -33.44 -35.15 8.02
C TYR B 142 -34.49 -36.29 7.95
N ALA B 143 -34.02 -37.52 8.09
CA ALA B 143 -34.83 -38.76 8.23
C ALA B 143 -35.97 -38.60 9.25
N SER B 144 -35.70 -37.98 10.39
CA SER B 144 -36.72 -37.74 11.42
C SER B 144 -37.75 -36.67 11.01
N ASN B 145 -37.39 -35.84 10.04
CA ASN B 145 -38.18 -34.65 9.71
C ASN B 145 -39.48 -34.90 8.97
N GLY B 146 -39.44 -35.86 8.05
CA GLY B 146 -40.60 -36.26 7.31
C GLY B 146 -40.88 -35.43 6.06
N PHE B 147 -40.04 -34.42 5.78
CA PHE B 147 -40.10 -33.71 4.50
C PHE B 147 -38.68 -33.13 4.20
N ASN B 148 -38.45 -32.84 2.91
CA ASN B 148 -37.34 -32.08 2.40
C ASN B 148 -37.68 -30.57 2.38
N TYR B 149 -36.95 -29.73 3.13
CA TYR B 149 -37.15 -28.27 3.02
C TYR B 149 -36.81 -27.82 1.60
N PRO B 150 -37.48 -26.80 1.10
CA PRO B 150 -37.25 -26.44 -0.34
C PRO B 150 -36.03 -25.55 -0.62
N ALA B 151 -34.85 -25.97 -0.19
CA ALA B 151 -33.63 -25.17 -0.39
C ALA B 151 -33.01 -25.53 -1.73
N ASP B 152 -33.49 -24.89 -2.78
CA ASP B 152 -33.12 -25.26 -4.14
C ASP B 152 -31.68 -24.92 -4.47
N ASN B 153 -31.11 -23.95 -3.76
CA ASN B 153 -29.65 -23.67 -3.90
C ASN B 153 -28.71 -24.66 -3.18
N ASP B 154 -29.29 -25.59 -2.41
CA ASP B 154 -28.49 -26.61 -1.70
C ASP B 154 -28.32 -27.77 -2.70
N HIS B 155 -27.13 -27.93 -3.25
CA HIS B 155 -26.93 -28.81 -4.43
C HIS B 155 -26.78 -30.27 -4.05
N HIS B 156 -27.89 -30.87 -3.62
CA HIS B 156 -27.93 -32.27 -3.10
C HIS B 156 -29.41 -32.68 -3.11
N GLU B 157 -29.68 -33.95 -3.38
CA GLU B 157 -31.04 -34.55 -3.15
C GLU B 157 -31.63 -34.15 -1.79
N LYS B 158 -30.79 -34.25 -0.78
CA LYS B 158 -31.27 -33.97 0.56
C LYS B 158 -30.80 -32.58 0.93
N HIS B 159 -31.73 -31.73 1.33
CA HIS B 159 -31.37 -30.35 1.66
C HIS B 159 -31.08 -30.15 3.16
N LEU B 160 -29.88 -30.57 3.53
CA LEU B 160 -29.40 -30.61 4.89
C LEU B 160 -28.94 -29.25 5.43
N SER B 161 -28.74 -28.27 4.53
CA SER B 161 -28.14 -27.01 4.92
C SER B 161 -29.01 -26.41 5.96
N VAL B 162 -30.34 -26.55 5.82
CA VAL B 162 -31.23 -25.82 6.74
C VAL B 162 -31.12 -26.28 8.20
N PHE B 163 -30.56 -27.47 8.42
CA PHE B 163 -30.45 -27.97 9.81
C PHE B 163 -29.26 -27.36 10.55
N SER B 164 -28.26 -26.88 9.79
CA SER B 164 -26.98 -26.43 10.32
C SER B 164 -26.80 -24.91 10.25
N ARG B 165 -26.28 -24.33 11.34
CA ARG B 165 -25.92 -22.94 11.37
C ARG B 165 -24.51 -22.89 10.80
N LYS B 166 -24.47 -22.79 9.47
CA LYS B 166 -23.25 -22.92 8.68
C LYS B 166 -23.56 -22.15 7.40
N ALA B 167 -22.56 -21.48 6.82
CA ALA B 167 -22.75 -20.58 5.66
C ALA B 167 -23.57 -21.25 4.58
N PRO B 168 -24.80 -20.74 4.31
CA PRO B 168 -25.68 -21.39 3.31
C PRO B 168 -25.04 -21.68 1.97
N TYR B 169 -24.22 -20.75 1.45
CA TYR B 169 -23.66 -20.84 0.06
C TYR B 169 -22.65 -21.97 -0.02
N SER B 170 -22.12 -22.44 1.12
CA SER B 170 -21.15 -23.57 1.07
C SER B 170 -21.75 -24.85 0.45
N TYR B 171 -23.06 -24.99 0.56
CA TYR B 171 -23.82 -26.14 0.01
C TYR B 171 -24.14 -25.98 -1.48
N GLY B 172 -23.61 -24.89 -2.08
CA GLY B 172 -23.83 -24.49 -3.47
C GLY B 172 -24.71 -23.26 -3.53
N TRP B 173 -24.73 -22.57 -4.67
CA TRP B 173 -25.66 -21.47 -4.90
C TRP B 173 -25.71 -21.28 -6.44
N ASP B 174 -26.47 -20.29 -6.92
CA ASP B 174 -26.65 -20.16 -8.39
C ASP B 174 -25.51 -19.36 -9.04
N TRP B 175 -24.48 -19.03 -8.22
CA TRP B 175 -23.22 -18.49 -8.74
C TRP B 175 -22.07 -19.21 -8.09
N GLY B 176 -22.32 -20.30 -7.36
CA GLY B 176 -21.26 -20.90 -6.46
C GLY B 176 -20.97 -22.41 -6.61
N ILE B 177 -19.80 -22.87 -6.19
CA ILE B 177 -19.42 -24.25 -6.22
C ILE B 177 -19.88 -24.82 -4.86
N ARG B 178 -20.22 -26.10 -4.84
CA ARG B 178 -20.53 -26.73 -3.59
C ARG B 178 -19.19 -27.20 -2.99
N MET B 179 -18.81 -26.58 -1.87
CA MET B 179 -17.61 -27.02 -1.13
CA MET B 179 -17.63 -27.03 -1.13
C MET B 179 -17.95 -27.00 0.36
N VAL B 180 -18.60 -28.09 0.79
CA VAL B 180 -19.11 -28.22 2.16
C VAL B 180 -17.89 -28.54 3.00
N THR B 181 -17.28 -27.44 3.48
CA THR B 181 -16.00 -27.53 4.18
C THR B 181 -16.15 -27.59 5.69
N SER B 182 -15.03 -27.81 6.37
CA SER B 182 -14.99 -27.82 7.79
C SER B 182 -13.65 -27.22 8.24
N GLY B 183 -13.56 -26.88 9.53
CA GLY B 183 -12.30 -26.44 10.07
C GLY B 183 -12.32 -25.29 11.06
N VAL B 184 -11.11 -24.92 11.51
CA VAL B 184 -10.90 -23.81 12.43
C VAL B 184 -10.76 -22.63 11.51
N TRP B 185 -11.89 -22.02 11.17
CA TRP B 185 -11.97 -21.02 10.12
C TRP B 185 -11.62 -19.58 10.54
N ARG B 186 -11.50 -19.34 11.86
CA ARG B 186 -11.13 -18.03 12.37
C ARG B 186 -10.16 -18.31 13.54
N PRO B 187 -9.41 -17.30 14.02
CA PRO B 187 -8.27 -17.62 14.92
C PRO B 187 -8.57 -18.28 16.29
N VAL B 188 -7.58 -18.99 16.82
CA VAL B 188 -7.65 -19.58 18.15
C VAL B 188 -6.54 -18.93 18.94
N THR B 189 -6.90 -18.52 20.17
CA THR B 189 -6.06 -17.74 21.05
CA THR B 189 -6.02 -17.78 21.06
C THR B 189 -6.17 -18.25 22.51
N LEU B 190 -5.07 -18.20 23.22
CA LEU B 190 -5.03 -18.44 24.65
C LEU B 190 -4.70 -17.12 25.36
N ARG B 191 -5.53 -16.77 26.33
CA ARG B 191 -5.35 -15.51 27.06
C ARG B 191 -5.08 -15.76 28.56
N PHE B 192 -3.92 -15.33 29.04
CA PHE B 192 -3.52 -15.47 30.47
C PHE B 192 -3.67 -14.11 31.12
N TYR B 193 -4.55 -14.00 32.11
CA TYR B 193 -4.81 -12.69 32.65
C TYR B 193 -4.87 -12.68 34.20
N ASP B 194 -4.93 -11.50 34.81
CA ASP B 194 -5.26 -11.41 36.23
C ASP B 194 -6.56 -10.70 36.51
N ILE B 195 -7.23 -11.15 37.58
CA ILE B 195 -8.42 -10.51 38.14
C ILE B 195 -9.70 -10.72 37.30
N ALA B 196 -9.71 -10.19 36.07
CA ALA B 196 -10.95 -10.03 35.30
C ALA B 196 -10.61 -9.81 33.83
N THR B 197 -11.56 -10.14 32.93
CA THR B 197 -11.50 -9.70 31.53
C THR B 197 -12.71 -8.78 31.27
N ILE B 198 -12.60 -7.87 30.28
CA ILE B 198 -13.81 -7.18 29.78
C ILE B 198 -14.46 -8.12 28.72
N SER B 199 -15.64 -8.68 28.99
CA SER B 199 -16.21 -9.58 27.99
CA SER B 199 -16.31 -9.58 28.05
C SER B 199 -16.97 -8.79 26.95
N ASP B 200 -17.41 -7.58 27.29
CA ASP B 200 -18.04 -6.71 26.31
C ASP B 200 -17.84 -5.23 26.67
N TYR B 201 -17.62 -4.40 25.65
CA TYR B 201 -17.57 -3.00 25.80
C TYR B 201 -18.41 -2.46 24.69
N TYR B 202 -19.46 -1.75 25.07
CA TYR B 202 -20.34 -1.12 24.17
C TYR B 202 -20.50 0.38 24.41
N VAL B 203 -20.32 1.16 23.36
CA VAL B 203 -20.39 2.58 23.46
C VAL B 203 -21.74 2.99 22.90
N ARG B 204 -22.68 3.30 23.79
CA ARG B 204 -24.00 3.66 23.37
C ARG B 204 -24.14 5.14 23.18
N GLN B 205 -24.58 5.54 22.01
CA GLN B 205 -24.82 6.92 21.71
C GLN B 205 -26.22 7.37 22.20
N LEU B 206 -26.22 8.29 23.16
CA LEU B 206 -27.43 8.75 23.81
C LEU B 206 -28.07 9.81 22.96
N SER B 207 -27.31 10.84 22.58
CA SER B 207 -27.79 11.83 21.62
C SER B 207 -26.61 12.39 20.88
N LEU B 208 -26.89 13.03 19.75
CA LEU B 208 -25.84 13.69 19.03
C LEU B 208 -26.39 14.97 18.46
N THR B 209 -25.79 16.11 18.84
CA THR B 209 -26.07 17.34 18.13
C THR B 209 -24.74 17.94 17.63
N ASP B 210 -24.76 19.07 16.92
CA ASP B 210 -23.51 19.75 16.53
C ASP B 210 -22.68 20.24 17.73
N GLU B 211 -23.35 20.47 18.85
CA GLU B 211 -22.74 21.00 20.08
C GLU B 211 -22.21 19.91 21.02
N ASN B 212 -22.89 18.78 21.11
CA ASN B 212 -22.50 17.79 22.07
C ASN B 212 -22.94 16.40 21.62
N ALA B 213 -22.10 15.41 21.92
CA ALA B 213 -22.50 14.02 21.80
C ALA B 213 -22.51 13.46 23.18
N ARG B 214 -23.59 12.79 23.56
CA ARG B 214 -23.57 12.11 24.86
C ARG B 214 -23.50 10.59 24.71
N LEU B 215 -22.52 9.99 25.39
CA LEU B 215 -22.23 8.58 25.30
C LEU B 215 -22.35 7.87 26.65
N SER B 216 -22.71 6.59 26.60
CA SER B 216 -22.78 5.80 27.78
C SER B 216 -21.91 4.60 27.52
N ASN B 217 -20.85 4.47 28.32
CA ASN B 217 -19.91 3.40 28.19
C ASN B 217 -20.33 2.20 29.03
N GLU B 218 -20.79 1.17 28.33
CA GLU B 218 -21.33 -0.02 28.99
C GLU B 218 -20.35 -1.15 28.96
N LEU B 219 -19.93 -1.56 30.15
CA LEU B 219 -18.96 -2.65 30.29
C LEU B 219 -19.51 -3.85 31.02
N ILE B 220 -19.14 -5.04 30.53
CA ILE B 220 -19.41 -6.28 31.26
C ILE B 220 -18.05 -6.85 31.56
N VAL B 221 -17.75 -6.97 32.85
CA VAL B 221 -16.47 -7.42 33.37
C VAL B 221 -16.67 -8.77 34.09
N ASN B 222 -15.92 -9.79 33.65
CA ASN B 222 -15.99 -11.11 34.27
C ASN B 222 -14.80 -11.33 35.16
N GLN B 223 -15.05 -11.28 36.46
CA GLN B 223 -14.01 -11.49 37.43
C GLN B 223 -13.89 -12.96 37.80
N ILE B 224 -12.65 -13.42 37.82
CA ILE B 224 -12.33 -14.84 37.96
C ILE B 224 -11.86 -15.20 39.40
N VAL B 225 -11.64 -14.19 40.23
CA VAL B 225 -11.09 -14.44 41.56
C VAL B 225 -12.18 -14.29 42.64
N PRO B 226 -12.06 -15.05 43.76
CA PRO B 226 -13.15 -15.09 44.75
C PRO B 226 -13.32 -13.83 45.60
N GLN B 227 -12.25 -13.10 45.87
CA GLN B 227 -12.38 -11.95 46.76
C GLN B 227 -12.99 -10.75 46.05
N LYS B 228 -13.65 -9.86 46.83
CA LYS B 228 -14.05 -8.57 46.31
C LYS B 228 -12.78 -7.81 45.92
N ILE B 229 -12.88 -7.00 44.84
CA ILE B 229 -11.70 -6.30 44.30
C ILE B 229 -11.94 -4.80 44.18
N PRO B 230 -11.13 -4.00 44.89
CA PRO B 230 -10.99 -2.57 44.61
C PRO B 230 -10.46 -2.34 43.17
N ALA B 231 -11.18 -1.53 42.40
CA ALA B 231 -10.75 -1.21 41.03
C ALA B 231 -11.23 0.16 40.60
N GLU B 232 -10.59 0.71 39.58
CA GLU B 232 -11.01 1.95 38.96
C GLU B 232 -11.23 1.75 37.46
N VAL B 233 -12.44 2.05 37.02
CA VAL B 233 -12.74 2.02 35.59
C VAL B 233 -12.43 3.34 34.93
N ARG B 234 -11.64 3.27 33.84
CA ARG B 234 -11.23 4.46 33.10
C ARG B 234 -11.65 4.35 31.64
N VAL B 235 -12.23 5.43 31.11
CA VAL B 235 -12.50 5.52 29.70
C VAL B 235 -11.78 6.77 29.16
N ASN B 236 -10.87 6.55 28.23
CA ASN B 236 -10.23 7.65 27.50
C ASN B 236 -10.85 7.75 26.13
N VAL B 237 -11.35 8.93 25.77
CA VAL B 237 -11.79 9.24 24.42
C VAL B 237 -10.72 10.16 23.74
N SER B 238 -10.21 9.73 22.59
CA SER B 238 -9.23 10.50 21.82
CA SER B 238 -9.27 10.55 21.82
C SER B 238 -9.58 10.58 20.32
N LEU B 239 -9.05 11.62 19.64
CA LEU B 239 -9.22 11.83 18.21
C LEU B 239 -7.83 12.07 17.68
N ASN B 240 -7.35 11.14 16.86
CA ASN B 240 -6.07 11.30 16.17
C ASN B 240 -4.92 11.53 17.16
N GLY B 241 -4.91 10.78 18.24
CA GLY B 241 -3.74 10.74 19.16
C GLY B 241 -3.75 11.79 20.28
N THR B 242 -4.84 12.56 20.37
CA THR B 242 -5.02 13.53 21.45
C THR B 242 -6.32 13.23 22.23
N THR B 243 -6.20 12.97 23.52
CA THR B 243 -7.34 12.94 24.44
C THR B 243 -8.34 14.09 24.27
N VAL B 244 -9.61 13.75 24.03
CA VAL B 244 -10.67 14.76 24.07
C VAL B 244 -11.45 14.71 25.40
N THR B 245 -11.56 13.52 25.99
CA THR B 245 -12.21 13.35 27.31
C THR B 245 -11.82 12.08 28.05
N GLU B 246 -11.77 12.19 29.37
CA GLU B 246 -11.36 11.08 30.21
C GLU B 246 -12.34 10.97 31.38
N VAL B 247 -12.93 9.78 31.56
CA VAL B 247 -13.84 9.58 32.69
C VAL B 247 -13.34 8.38 33.48
N LYS B 248 -13.63 8.41 34.79
CA LYS B 248 -13.28 7.32 35.71
C LYS B 248 -14.35 7.10 36.77
N GLN B 249 -14.26 5.98 37.46
CA GLN B 249 -15.29 5.59 38.36
C GLN B 249 -14.72 4.46 39.19
N GLN B 250 -14.81 4.62 40.51
CA GLN B 250 -14.36 3.64 41.50
C GLN B 250 -15.31 2.47 41.52
N VAL B 251 -14.79 1.25 41.53
CA VAL B 251 -15.69 0.08 41.65
C VAL B 251 -15.14 -0.96 42.59
N THR B 252 -16.07 -1.76 43.11
CA THR B 252 -15.66 -2.98 43.76
C THR B 252 -16.23 -4.04 42.87
N LEU B 253 -15.34 -4.87 42.34
CA LEU B 253 -15.79 -5.96 41.54
C LEU B 253 -16.08 -7.15 42.47
N GLN B 254 -17.08 -7.93 42.08
CA GLN B 254 -17.40 -9.19 42.68
C GLN B 254 -17.06 -10.33 41.70
N PRO B 255 -16.86 -11.55 42.23
CA PRO B 255 -16.64 -12.69 41.34
C PRO B 255 -17.75 -12.85 40.30
N GLY B 256 -17.39 -13.34 39.11
CA GLY B 256 -18.31 -13.46 37.99
C GLY B 256 -18.67 -12.10 37.37
N ILE B 257 -19.92 -11.97 36.93
CA ILE B 257 -20.35 -10.92 36.06
C ILE B 257 -20.65 -9.60 36.76
N ASN B 258 -19.95 -8.55 36.30
CA ASN B 258 -20.17 -7.18 36.73
C ASN B 258 -20.70 -6.34 35.56
N HIS B 259 -21.64 -5.43 35.83
CA HIS B 259 -22.15 -4.49 34.84
C HIS B 259 -21.79 -3.10 35.30
N ILE B 260 -21.03 -2.39 34.48
CA ILE B 260 -20.51 -1.09 34.80
C ILE B 260 -20.95 -0.10 33.74
N THR B 261 -21.26 1.13 34.15
CA THR B 261 -21.68 2.14 33.19
C THR B 261 -21.17 3.50 33.58
N LEU B 262 -20.43 4.13 32.67
CA LEU B 262 -19.97 5.53 32.86
C LEU B 262 -20.35 6.37 31.65
N PRO B 263 -20.95 7.53 31.94
CA PRO B 263 -21.26 8.50 30.88
C PRO B 263 -19.98 9.20 30.36
N ALA B 264 -20.02 9.74 29.15
CA ALA B 264 -18.99 10.67 28.68
C ALA B 264 -19.60 11.52 27.60
N GLU B 265 -19.04 12.70 27.39
CA GLU B 265 -19.56 13.63 26.40
C GLU B 265 -18.40 14.16 25.57
N VAL B 266 -18.67 14.46 24.31
CA VAL B 266 -17.69 15.06 23.43
C VAL B 266 -18.37 16.34 22.96
N THR B 267 -17.79 17.48 23.31
CA THR B 267 -18.28 18.79 22.89
C THR B 267 -17.86 19.03 21.46
N ASN B 268 -18.70 19.72 20.69
CA ASN B 268 -18.40 19.98 19.26
C ASN B 268 -17.86 18.73 18.53
N PRO B 269 -18.55 17.58 18.67
CA PRO B 269 -18.06 16.33 18.06
C PRO B 269 -17.80 16.45 16.53
N VAL B 270 -16.75 15.80 16.07
CA VAL B 270 -16.50 15.73 14.60
C VAL B 270 -17.24 14.49 14.07
N ARG B 271 -18.23 14.72 13.22
CA ARG B 271 -19.03 13.63 12.77
C ARG B 271 -18.34 12.68 11.73
N TRP B 272 -18.70 11.40 11.79
N TRP B 272 -18.76 11.42 11.77
CA TRP B 272 -18.34 10.42 10.76
CA TRP B 272 -18.46 10.43 10.75
C TRP B 272 -19.32 10.72 9.66
C TRP B 272 -19.41 10.71 9.61
N MET B 273 -18.84 10.90 8.42
CA MET B 273 -19.79 11.04 7.30
CA MET B 273 -19.61 11.14 7.19
C MET B 273 -19.55 9.89 6.34
N PRO B 274 -20.58 9.59 5.53
N PRO B 274 -20.63 9.58 5.60
CA PRO B 274 -20.53 8.52 4.54
CA PRO B 274 -20.47 8.54 4.58
C PRO B 274 -19.82 8.98 3.26
C PRO B 274 -19.52 8.99 3.47
N ASN B 275 -19.15 8.03 2.62
CA ASN B 275 -18.37 8.25 1.43
C ASN B 275 -19.05 9.21 0.49
N GLY B 276 -18.31 10.24 0.10
CA GLY B 276 -18.82 11.33 -0.75
C GLY B 276 -19.30 12.56 0.04
N TRP B 277 -19.58 12.37 1.32
CA TRP B 277 -20.07 13.49 2.17
C TRP B 277 -19.01 14.02 3.14
N GLY B 278 -17.80 13.47 3.07
CA GLY B 278 -16.73 14.02 3.86
C GLY B 278 -15.92 12.90 4.46
N THR B 279 -15.33 13.23 5.61
CA THR B 279 -14.40 12.34 6.30
C THR B 279 -15.13 11.31 7.17
N PRO B 280 -14.78 10.04 7.01
CA PRO B 280 -15.38 9.05 7.94
C PRO B 280 -14.62 9.10 9.30
N THR B 281 -14.73 10.23 10.03
CA THR B 281 -14.07 10.44 11.33
C THR B 281 -14.34 9.37 12.39
N LEU B 282 -13.27 8.81 12.97
CA LEU B 282 -13.32 7.73 13.93
C LEU B 282 -12.56 8.21 15.15
N TYR B 283 -13.25 8.21 16.29
CA TYR B 283 -12.58 8.42 17.61
C TYR B 283 -12.12 7.08 18.15
N ASP B 284 -11.10 7.12 18.97
CA ASP B 284 -10.65 5.97 19.77
C ASP B 284 -11.17 6.00 21.19
N PHE B 285 -12.00 4.99 21.51
CA PHE B 285 -12.57 4.82 22.86
C PHE B 285 -11.91 3.64 23.53
N SER B 286 -11.14 3.91 24.58
CA SER B 286 -10.45 2.86 25.31
C SER B 286 -10.99 2.76 26.76
N ALA B 287 -11.36 1.54 27.15
CA ALA B 287 -11.90 1.27 28.49
C ALA B 287 -10.88 0.39 29.17
N GLN B 288 -10.43 0.85 30.35
CA GLN B 288 -9.44 0.15 31.18
C GLN B 288 -9.99 -0.24 32.57
N ILE B 289 -9.62 -1.44 33.04
CA ILE B 289 -9.90 -1.83 34.44
C ILE B 289 -8.60 -1.74 35.22
N ALA B 290 -8.51 -0.74 36.10
CA ALA B 290 -7.29 -0.51 36.86
C ALA B 290 -7.40 -1.11 38.28
N CYS B 291 -6.45 -1.98 38.62
CA CYS B 291 -6.35 -2.55 39.98
C CYS B 291 -5.00 -2.18 40.51
N GLY B 292 -4.98 -1.16 41.35
CA GLY B 292 -3.72 -0.56 41.73
C GLY B 292 -3.38 0.36 40.61
N ASP B 293 -2.13 0.30 40.17
CA ASP B 293 -1.75 0.89 38.91
C ASP B 293 -1.56 -0.21 37.82
N ARG B 294 -2.18 -1.39 38.03
CA ARG B 294 -2.18 -2.47 37.03
C ARG B 294 -3.44 -2.30 36.21
N ILE B 295 -3.26 -2.22 34.89
CA ILE B 295 -4.38 -2.24 33.93
C ILE B 295 -4.54 -3.71 33.61
N VAL B 296 -5.49 -4.35 34.30
CA VAL B 296 -5.66 -5.81 34.22
C VAL B 296 -6.43 -6.12 32.94
N ALA B 297 -7.23 -5.17 32.46
CA ALA B 297 -8.05 -5.43 31.31
C ALA B 297 -8.24 -4.13 30.58
N GLU B 298 -8.10 -4.20 29.25
CA GLU B 298 -8.37 -3.05 28.38
C GLU B 298 -9.10 -3.46 27.11
N GLN B 299 -10.05 -2.63 26.64
CA GLN B 299 -10.72 -2.86 25.34
C GLN B 299 -10.99 -1.53 24.66
N SER B 300 -10.68 -1.48 23.34
CA SER B 300 -10.84 -0.27 22.49
C SER B 300 -11.77 -0.53 21.33
N HIS B 301 -12.43 0.52 20.86
CA HIS B 301 -13.25 0.53 19.68
C HIS B 301 -12.97 1.86 18.98
N ARG B 302 -12.97 1.82 17.65
CA ARG B 302 -13.10 3.03 16.87
C ARG B 302 -14.58 3.39 16.80
N ILE B 303 -14.89 4.66 17.06
CA ILE B 303 -16.28 5.05 17.12
C ILE B 303 -16.49 6.17 16.13
N GLY B 304 -17.51 6.06 15.29
CA GLY B 304 -17.94 7.15 14.46
C GLY B 304 -19.18 7.74 15.10
N LEU B 305 -19.19 9.07 15.27
CA LEU B 305 -20.30 9.80 15.89
C LEU B 305 -21.19 10.25 14.74
N ARG B 306 -22.37 9.64 14.62
CA ARG B 306 -23.29 9.97 13.55
C ARG B 306 -24.69 9.48 13.91
N THR B 307 -25.72 10.06 13.28
CA THR B 307 -26.99 9.42 13.33
C THR B 307 -27.30 8.72 12.01
N ILE B 308 -27.91 7.55 12.15
CA ILE B 308 -28.45 6.78 11.03
C ILE B 308 -29.84 6.36 11.45
N ARG B 309 -30.82 6.87 10.71
CA ARG B 309 -32.21 6.49 10.86
C ARG B 309 -32.73 5.90 9.54
N VAL B 310 -33.29 4.69 9.59
CA VAL B 310 -34.01 4.14 8.45
C VAL B 310 -35.44 4.61 8.62
N VAL B 311 -35.89 5.43 7.67
CA VAL B 311 -37.27 5.90 7.64
C VAL B 311 -38.10 4.95 6.77
N ASN B 312 -38.97 4.20 7.43
CA ASN B 312 -39.88 3.25 6.78
C ASN B 312 -41.31 3.64 7.26
N GLU B 313 -42.00 4.44 6.46
CA GLU B 313 -43.21 5.12 6.90
C GLU B 313 -44.21 5.17 5.75
N LYS B 314 -45.51 5.07 6.12
CA LYS B 314 -46.63 5.28 5.20
C LYS B 314 -46.59 6.67 4.62
N ASP B 315 -46.81 6.81 3.31
CA ASP B 315 -46.81 8.14 2.66
C ASP B 315 -47.67 8.01 1.43
N LYS B 316 -47.73 9.05 0.61
CA LYS B 316 -48.74 9.10 -0.42
C LYS B 316 -48.50 8.06 -1.50
N ASP B 317 -47.28 7.52 -1.53
CA ASP B 317 -46.86 6.59 -2.57
C ASP B 317 -46.83 5.15 -2.11
N GLY B 318 -47.10 4.92 -0.85
CA GLY B 318 -47.14 3.56 -0.30
C GLY B 318 -46.35 3.48 0.98
N GLU B 319 -45.15 2.89 0.96
CA GLU B 319 -44.29 2.92 2.18
C GLU B 319 -42.83 3.22 1.82
N SER B 320 -42.31 4.35 2.34
CA SER B 320 -40.94 4.79 2.08
C SER B 320 -39.91 3.76 2.62
N PHE B 321 -38.70 3.81 2.04
CA PHE B 321 -37.62 3.02 2.63
C PHE B 321 -36.34 3.75 2.31
N TYR B 322 -35.82 4.54 3.26
CA TYR B 322 -34.58 5.27 3.01
C TYR B 322 -33.77 5.53 4.28
N PHE B 323 -32.50 5.89 4.07
CA PHE B 323 -31.54 6.19 5.12
C PHE B 323 -31.34 7.72 5.31
N GLU B 324 -31.45 8.15 6.57
N GLU B 324 -31.48 8.17 6.56
CA GLU B 324 -31.17 9.50 6.99
CA GLU B 324 -31.16 9.52 6.95
C GLU B 324 -29.85 9.44 7.74
C GLU B 324 -29.87 9.46 7.73
N VAL B 325 -28.86 10.18 7.27
CA VAL B 325 -27.53 10.16 7.89
C VAL B 325 -27.17 11.57 8.33
N ASN B 326 -26.89 11.70 9.63
CA ASN B 326 -26.71 13.01 10.24
C ASN B 326 -27.86 13.94 9.88
N GLY B 327 -29.10 13.42 9.96
CA GLY B 327 -30.34 14.16 9.67
C GLY B 327 -30.62 14.46 8.19
N ILE B 328 -29.76 13.99 7.28
CA ILE B 328 -29.91 14.29 5.86
C ILE B 328 -30.30 13.05 5.08
N PRO B 329 -31.39 13.12 4.25
CA PRO B 329 -31.71 11.90 3.47
C PRO B 329 -30.61 11.59 2.44
N MET B 330 -30.09 10.37 2.48
CA MET B 330 -28.91 9.98 1.70
C MET B 330 -29.32 8.90 0.71
N PHE B 331 -29.17 9.20 -0.57
CA PHE B 331 -29.57 8.26 -1.60
C PHE B 331 -28.49 7.18 -1.59
N ALA B 332 -28.90 5.92 -1.41
CA ALA B 332 -27.91 4.76 -1.34
C ALA B 332 -27.45 4.26 -2.71
N LYS B 333 -26.14 3.99 -2.82
CA LYS B 333 -25.49 3.59 -4.04
C LYS B 333 -24.50 2.51 -3.66
N GLY B 334 -24.69 1.29 -4.16
CA GLY B 334 -23.82 0.23 -3.79
C GLY B 334 -24.25 -1.08 -4.40
N ALA B 335 -23.95 -2.16 -3.70
CA ALA B 335 -24.12 -3.50 -4.24
C ALA B 335 -24.29 -4.55 -3.13
N ASN B 336 -24.75 -5.72 -3.55
CA ASN B 336 -24.84 -6.87 -2.70
C ASN B 336 -23.56 -7.63 -2.72
N TYR B 337 -23.07 -7.92 -1.53
CA TYR B 337 -21.80 -8.59 -1.30
C TYR B 337 -22.04 -10.06 -0.93
N ILE B 338 -21.27 -10.97 -1.57
CA ILE B 338 -21.28 -12.41 -1.27
C ILE B 338 -19.91 -12.80 -0.75
N PRO B 339 -19.74 -14.00 -0.19
CA PRO B 339 -18.39 -14.36 0.23
C PRO B 339 -17.35 -14.23 -0.91
N GLN B 340 -16.08 -13.95 -0.57
CA GLN B 340 -15.05 -13.71 -1.61
C GLN B 340 -14.37 -14.98 -2.05
N ASP B 341 -14.73 -16.09 -1.41
CA ASP B 341 -14.10 -17.37 -1.72
C ASP B 341 -15.01 -18.48 -1.19
N ALA B 342 -15.00 -19.60 -1.94
CA ALA B 342 -15.47 -20.92 -1.49
C ALA B 342 -14.78 -21.33 -0.18
N LEU B 343 -13.53 -20.94 -0.03
CA LEU B 343 -12.75 -21.25 1.19
C LEU B 343 -12.43 -19.96 1.94
N LEU B 344 -13.23 -19.67 2.96
CA LEU B 344 -13.16 -18.32 3.61
C LEU B 344 -11.81 -17.92 4.19
N PRO B 345 -11.10 -18.83 4.90
CA PRO B 345 -9.80 -18.38 5.36
C PRO B 345 -8.80 -18.09 4.25
N ASN B 346 -9.11 -18.46 2.99
CA ASN B 346 -8.20 -18.09 1.89
C ASN B 346 -8.20 -16.61 1.63
N VAL B 347 -9.20 -15.90 2.14
CA VAL B 347 -9.26 -14.49 1.85
C VAL B 347 -8.28 -13.65 2.69
N THR B 348 -7.26 -13.08 2.05
CA THR B 348 -6.27 -12.27 2.76
C THR B 348 -6.73 -10.87 3.13
N THR B 349 -5.93 -10.25 4.01
CA THR B 349 -6.13 -8.86 4.38
C THR B 349 -6.16 -7.92 3.15
N GLU B 350 -5.22 -8.12 2.26
CA GLU B 350 -5.02 -7.36 1.03
C GLU B 350 -6.25 -7.46 0.11
N ARG B 351 -6.79 -8.67 0.05
CA ARG B 351 -8.02 -8.93 -0.74
C ARG B 351 -9.20 -8.13 -0.17
N TYR B 352 -9.36 -8.13 1.16
CA TYR B 352 -10.35 -7.25 1.76
C TYR B 352 -10.14 -5.76 1.42
N GLN B 353 -8.95 -5.25 1.68
CA GLN B 353 -8.59 -3.87 1.36
C GLN B 353 -8.89 -3.51 -0.11
N THR B 354 -8.58 -4.42 -1.01
CA THR B 354 -8.80 -4.17 -2.45
C THR B 354 -10.26 -4.07 -2.79
N LEU B 355 -11.06 -4.94 -2.19
CA LEU B 355 -12.52 -4.89 -2.40
C LEU B 355 -13.11 -3.58 -1.92
N PHE B 356 -12.70 -3.15 -0.72
CA PHE B 356 -13.05 -1.80 -0.24
C PHE B 356 -12.51 -0.67 -1.14
N ARG B 357 -11.32 -0.83 -1.68
CA ARG B 357 -10.87 0.20 -2.67
C ARG B 357 -11.83 0.21 -3.92
N ASP B 358 -12.18 -0.99 -4.42
CA ASP B 358 -13.13 -1.13 -5.54
C ASP B 358 -14.50 -0.49 -5.30
N MET B 359 -15.08 -0.68 -4.10
CA MET B 359 -16.33 0.02 -3.75
C MET B 359 -16.16 1.54 -3.61
N LYS B 360 -15.13 1.98 -2.88
CA LYS B 360 -14.90 3.42 -2.72
C LYS B 360 -14.65 4.11 -4.08
N GLU B 361 -13.85 3.49 -4.94
CA GLU B 361 -13.54 3.99 -6.27
C GLU B 361 -14.73 4.02 -7.24
N ALA B 362 -15.79 3.23 -6.98
CA ALA B 362 -17.01 3.31 -7.78
C ALA B 362 -18.01 4.26 -7.15
N ASN B 363 -17.57 5.08 -6.18
CA ASN B 363 -18.46 6.08 -5.57
C ASN B 363 -19.61 5.48 -4.75
N MET B 364 -19.43 4.24 -4.27
CA MET B 364 -20.48 3.61 -3.42
C MET B 364 -20.54 4.15 -1.97
N ASN B 365 -21.72 4.11 -1.35
CA ASN B 365 -21.83 4.51 0.04
C ASN B 365 -22.58 3.44 0.86
N MET B 366 -22.92 2.31 0.25
CA MET B 366 -23.56 1.22 1.00
C MET B 366 -23.19 -0.13 0.39
N VAL B 367 -23.07 -1.14 1.26
CA VAL B 367 -23.00 -2.54 0.83
C VAL B 367 -24.03 -3.39 1.65
N ARG B 368 -24.77 -4.28 0.98
CA ARG B 368 -25.56 -5.32 1.65
C ARG B 368 -24.79 -6.63 1.84
N ILE B 369 -24.62 -7.07 3.09
CA ILE B 369 -24.02 -8.36 3.31
C ILE B 369 -25.20 -9.37 3.26
N TRP B 370 -25.39 -10.00 2.10
CA TRP B 370 -26.55 -10.84 1.88
C TRP B 370 -26.49 -12.15 2.75
N GLY B 371 -27.69 -12.62 3.13
CA GLY B 371 -27.87 -13.67 4.12
C GLY B 371 -27.52 -15.11 3.76
N GLY B 372 -26.92 -15.35 2.60
CA GLY B 372 -26.44 -16.71 2.31
C GLY B 372 -24.95 -16.85 2.55
N GLY B 373 -24.28 -15.79 3.06
CA GLY B 373 -22.83 -15.82 3.21
C GLY B 373 -22.40 -16.05 4.65
N THR B 374 -21.57 -15.14 5.20
CA THR B 374 -21.27 -15.16 6.66
C THR B 374 -21.48 -13.79 7.23
N TYR B 375 -21.69 -13.72 8.55
CA TYR B 375 -21.47 -12.47 9.27
C TYR B 375 -19.96 -12.17 9.06
N GLU B 376 -19.64 -11.06 8.40
CA GLU B 376 -18.23 -10.84 8.03
C GLU B 376 -17.22 -10.59 9.16
N ASN B 377 -15.95 -10.74 8.87
CA ASN B 377 -14.97 -10.65 9.90
C ASN B 377 -14.91 -9.19 10.37
N ASN B 378 -14.25 -8.97 11.50
CA ASN B 378 -14.09 -7.62 12.07
C ASN B 378 -13.33 -6.67 11.10
N LEU B 379 -12.33 -7.17 10.40
CA LEU B 379 -11.65 -6.39 9.31
C LEU B 379 -12.61 -5.77 8.30
N PHE B 380 -13.54 -6.60 7.82
CA PHE B 380 -14.53 -6.12 6.86
C PHE B 380 -15.22 -4.82 7.38
N TYR B 381 -15.82 -4.88 8.58
CA TYR B 381 -16.48 -3.70 9.19
C TYR B 381 -15.53 -2.57 9.56
N ASP B 382 -14.31 -2.89 10.01
CA ASP B 382 -13.25 -1.85 10.17
C ASP B 382 -12.95 -1.08 8.85
N LEU B 383 -12.86 -1.81 7.72
CA LEU B 383 -12.66 -1.17 6.43
C LEU B 383 -13.87 -0.37 6.00
N ALA B 384 -15.06 -0.87 6.23
CA ALA B 384 -16.23 -0.06 5.93
C ALA B 384 -16.26 1.21 6.77
N ASP B 385 -15.95 1.11 8.05
CA ASP B 385 -15.93 2.28 8.96
C ASP B 385 -15.02 3.38 8.37
N GLU B 386 -13.85 2.97 7.91
CA GLU B 386 -12.79 3.91 7.55
C GLU B 386 -12.89 4.36 6.07
N ASN B 387 -13.83 3.74 5.33
CA ASN B 387 -14.07 4.10 3.95
C ASN B 387 -15.44 4.74 3.80
N GLY B 388 -16.18 4.91 4.89
CA GLY B 388 -17.50 5.63 4.82
C GLY B 388 -18.65 4.88 4.15
N ILE B 389 -18.56 3.57 4.23
CA ILE B 389 -19.52 2.69 3.61
C ILE B 389 -20.53 2.09 4.58
N LEU B 390 -21.81 2.46 4.44
CA LEU B 390 -22.85 1.89 5.31
C LEU B 390 -23.01 0.40 5.01
N VAL B 391 -23.24 -0.35 6.10
CA VAL B 391 -23.44 -1.75 5.98
C VAL B 391 -24.88 -2.19 6.32
N TRP B 392 -25.53 -2.85 5.36
CA TRP B 392 -26.80 -3.54 5.63
C TRP B 392 -26.48 -5.02 5.96
N GLN B 393 -26.82 -5.48 7.17
CA GLN B 393 -26.39 -6.84 7.57
C GLN B 393 -27.61 -7.77 7.63
N ASP B 394 -27.72 -8.69 6.67
CA ASP B 394 -28.78 -9.74 6.79
C ASP B 394 -28.36 -10.70 7.92
N PHE B 395 -29.32 -11.33 8.61
CA PHE B 395 -28.96 -12.54 9.38
C PHE B 395 -28.74 -13.67 8.36
N MET B 396 -28.03 -14.72 8.72
CA MET B 396 -27.64 -15.74 7.70
C MET B 396 -28.73 -16.77 7.38
N PHE B 397 -29.79 -16.28 6.72
CA PHE B 397 -30.90 -17.10 6.32
C PHE B 397 -31.34 -16.61 4.94
N ALA B 398 -31.38 -17.54 3.97
CA ALA B 398 -31.65 -17.14 2.60
C ALA B 398 -32.51 -18.13 1.82
N CYS B 399 -33.66 -17.63 1.34
CA CYS B 399 -34.47 -18.30 0.26
C CYS B 399 -35.17 -19.63 0.59
N THR B 400 -35.04 -20.16 1.78
CA THR B 400 -35.85 -21.29 2.19
C THR B 400 -36.49 -20.94 3.51
N PRO B 401 -37.67 -21.53 3.82
CA PRO B 401 -37.95 -21.51 5.27
C PRO B 401 -36.99 -22.45 5.98
N TYR B 402 -36.90 -22.26 7.29
CA TYR B 402 -35.95 -22.99 8.16
C TYR B 402 -36.80 -23.64 9.30
N PRO B 403 -36.25 -24.66 9.98
CA PRO B 403 -36.76 -25.16 11.26
C PRO B 403 -36.99 -24.00 12.26
N SER B 404 -37.75 -24.30 13.31
CA SER B 404 -38.06 -23.34 14.32
C SER B 404 -38.36 -24.04 15.63
N ASP B 405 -37.80 -25.23 15.80
CA ASP B 405 -37.94 -26.01 17.04
C ASP B 405 -37.10 -25.27 18.15
N PRO B 406 -37.33 -25.58 19.46
CA PRO B 406 -36.61 -24.81 20.48
C PRO B 406 -35.07 -24.94 20.40
N THR B 407 -34.54 -26.14 20.19
CA THR B 407 -33.08 -26.23 20.09
CA THR B 407 -33.09 -26.30 20.05
C THR B 407 -32.52 -25.39 18.97
N PHE B 408 -33.15 -25.39 17.79
CA PHE B 408 -32.65 -24.64 16.65
C PHE B 408 -32.75 -23.13 16.98
N LEU B 409 -33.83 -22.74 17.61
CA LEU B 409 -34.03 -21.34 17.94
C LEU B 409 -33.01 -20.90 19.00
N LYS B 410 -32.55 -21.86 19.82
CA LYS B 410 -31.52 -21.58 20.83
C LYS B 410 -30.17 -21.33 20.20
N ARG B 411 -29.72 -22.18 19.28
CA ARG B 411 -28.60 -21.94 18.39
C ARG B 411 -28.67 -20.57 17.71
N VAL B 412 -29.83 -20.20 17.17
CA VAL B 412 -29.96 -18.94 16.44
C VAL B 412 -29.89 -17.75 17.36
N GLU B 413 -30.53 -17.82 18.53
CA GLU B 413 -30.33 -16.80 19.58
C GLU B 413 -28.84 -16.53 19.91
N ALA B 414 -28.07 -17.60 20.10
CA ALA B 414 -26.69 -17.46 20.50
C ALA B 414 -25.89 -16.74 19.38
N GLU B 415 -26.13 -17.11 18.12
CA GLU B 415 -25.42 -16.44 17.03
C GLU B 415 -25.86 -14.96 16.88
N ALA B 416 -27.12 -14.69 17.18
CA ALA B 416 -27.64 -13.34 17.08
C ALA B 416 -27.00 -12.47 18.15
N VAL B 417 -27.02 -12.93 19.40
CA VAL B 417 -26.44 -12.15 20.49
C VAL B 417 -24.91 -11.96 20.25
N TYR B 418 -24.20 -13.05 19.92
CA TYR B 418 -22.77 -13.01 19.62
C TYR B 418 -22.43 -11.96 18.50
N ASN B 419 -23.09 -12.07 17.35
CA ASN B 419 -22.75 -11.14 16.24
C ASN B 419 -23.23 -9.73 16.45
N ILE B 420 -24.38 -9.52 17.07
CA ILE B 420 -24.83 -8.18 17.40
C ILE B 420 -23.84 -7.47 18.32
N ARG B 421 -23.40 -8.14 19.38
CA ARG B 421 -22.42 -7.60 20.28
C ARG B 421 -21.05 -7.43 19.63
N ARG B 422 -20.61 -8.40 18.83
CA ARG B 422 -19.39 -8.25 18.03
C ARG B 422 -19.42 -6.96 17.11
N LEU B 423 -20.58 -6.65 16.49
CA LEU B 423 -20.68 -5.62 15.41
C LEU B 423 -21.26 -4.26 15.79
N ARG B 424 -21.89 -4.16 16.96
CA ARG B 424 -22.69 -2.98 17.26
C ARG B 424 -21.94 -1.71 17.52
N ASN B 425 -20.62 -1.74 17.64
CA ASN B 425 -19.86 -0.49 17.82
C ASN B 425 -19.34 0.13 16.51
N HIS B 426 -19.66 -0.50 15.38
CA HIS B 426 -19.14 -0.07 14.09
C HIS B 426 -19.94 1.03 13.56
N ALA B 427 -19.25 2.16 13.28
CA ALA B 427 -19.91 3.32 12.67
C ALA B 427 -20.69 2.91 11.38
N SER B 428 -20.11 1.98 10.64
CA SER B 428 -20.67 1.55 9.34
C SER B 428 -21.99 0.77 9.45
N LEU B 429 -22.23 0.07 10.55
CA LEU B 429 -23.44 -0.80 10.62
C LEU B 429 -24.67 0.04 10.62
N ALA B 430 -25.54 -0.15 9.63
CA ALA B 430 -26.64 0.77 9.46
C ALA B 430 -27.97 0.10 9.80
N MET B 431 -28.03 -1.24 9.74
CA MET B 431 -29.32 -1.98 9.92
C MET B 431 -29.15 -3.47 9.84
N TRP B 432 -30.09 -4.18 10.44
CA TRP B 432 -30.23 -5.64 10.40
C TRP B 432 -31.46 -6.03 9.59
N CYS B 433 -31.28 -7.13 8.88
CA CYS B 433 -32.39 -7.68 8.08
C CYS B 433 -32.56 -9.16 8.38
N GLY B 434 -33.78 -9.57 8.72
CA GLY B 434 -33.98 -11.00 9.11
C GLY B 434 -33.50 -12.05 8.15
N ASN B 435 -33.74 -11.83 6.87
CA ASN B 435 -33.45 -12.88 5.91
C ASN B 435 -33.49 -12.35 4.47
N ASN B 436 -32.97 -13.14 3.56
CA ASN B 436 -33.18 -12.89 2.15
C ASN B 436 -34.35 -13.70 1.57
N GLU B 437 -35.44 -13.02 1.19
CA GLU B 437 -36.48 -13.61 0.33
C GLU B 437 -37.34 -14.73 0.94
N ILE B 438 -37.36 -14.90 2.26
CA ILE B 438 -38.12 -16.07 2.81
C ILE B 438 -39.64 -15.83 2.80
N LEU B 439 -40.10 -14.65 3.22
CA LEU B 439 -41.53 -14.37 3.11
C LEU B 439 -41.98 -14.38 1.67
N GLU B 440 -41.12 -13.91 0.75
CA GLU B 440 -41.39 -14.02 -0.69
C GLU B 440 -41.60 -15.47 -1.17
N ALA B 441 -40.67 -16.34 -0.80
CA ALA B 441 -40.72 -17.78 -1.06
C ALA B 441 -42.00 -18.41 -0.54
N LEU B 442 -42.31 -18.15 0.73
CA LEU B 442 -43.54 -18.61 1.35
C LEU B 442 -44.81 -18.19 0.60
N LYS B 443 -44.89 -16.91 0.22
CA LYS B 443 -46.07 -16.36 -0.44
C LYS B 443 -46.14 -16.70 -1.92
N TYR B 444 -45.02 -16.71 -2.64
CA TYR B 444 -45.08 -16.71 -4.10
C TYR B 444 -44.37 -17.82 -4.82
N TRP B 445 -43.64 -18.68 -4.14
CA TRP B 445 -42.84 -19.66 -4.92
C TRP B 445 -43.48 -21.03 -5.07
N GLY B 446 -44.80 -21.12 -4.80
CA GLY B 446 -45.59 -22.35 -5.02
C GLY B 446 -45.34 -23.50 -4.05
N PHE B 447 -45.10 -23.16 -2.78
CA PHE B 447 -44.84 -24.20 -1.77
C PHE B 447 -46.12 -24.92 -1.32
N GLU B 448 -47.28 -24.24 -1.23
CA GLU B 448 -48.53 -24.92 -0.90
C GLU B 448 -48.83 -26.18 -1.79
N LYS B 449 -48.36 -26.19 -3.04
CA LYS B 449 -48.51 -27.36 -3.86
C LYS B 449 -47.45 -28.45 -3.59
N LYS B 450 -46.39 -28.11 -2.85
CA LYS B 450 -45.23 -28.98 -2.63
C LYS B 450 -45.29 -29.70 -1.27
N PHE B 451 -46.11 -29.18 -0.35
CA PHE B 451 -46.19 -29.71 1.00
C PHE B 451 -47.64 -29.91 1.37
N THR B 452 -47.90 -30.90 2.22
CA THR B 452 -49.21 -31.04 2.90
C THR B 452 -49.61 -29.69 3.49
N PRO B 453 -50.91 -29.42 3.65
CA PRO B 453 -51.29 -28.15 4.31
C PRO B 453 -50.83 -28.01 5.78
N GLU B 454 -50.61 -29.16 6.43
CA GLU B 454 -50.13 -29.18 7.81
C GLU B 454 -48.69 -28.66 7.88
N VAL B 455 -47.83 -29.17 7.00
CA VAL B 455 -46.44 -28.72 6.83
C VAL B 455 -46.37 -27.25 6.41
N TYR B 456 -47.09 -26.87 5.37
CA TYR B 456 -47.16 -25.45 5.01
C TYR B 456 -47.55 -24.53 6.19
N GLN B 457 -48.60 -24.84 6.94
CA GLN B 457 -48.98 -23.98 8.07
C GLN B 457 -47.89 -23.86 9.19
N GLY B 458 -47.10 -24.94 9.37
CA GLY B 458 -46.09 -24.96 10.39
C GLY B 458 -44.84 -24.19 9.97
N LEU B 459 -44.62 -24.16 8.66
CA LEU B 459 -43.62 -23.28 8.04
C LEU B 459 -43.95 -21.82 8.26
N MET B 460 -45.20 -21.43 7.99
CA MET B 460 -45.71 -20.09 8.30
C MET B 460 -45.53 -19.67 9.76
N HIS B 461 -45.87 -20.58 10.70
CA HIS B 461 -45.76 -20.24 12.11
C HIS B 461 -44.30 -20.16 12.53
N GLY B 462 -43.49 -21.10 12.04
CA GLY B 462 -42.05 -21.07 12.23
C GLY B 462 -41.40 -19.77 11.76
N TYR B 463 -41.88 -19.23 10.64
CA TYR B 463 -41.37 -17.97 10.07
C TYR B 463 -41.53 -16.85 11.07
N ASP B 464 -42.74 -16.70 11.63
CA ASP B 464 -42.94 -15.71 12.68
C ASP B 464 -42.08 -15.92 13.92
N LYS B 465 -41.88 -17.17 14.32
CA LYS B 465 -41.19 -17.46 15.56
C LYS B 465 -39.76 -16.97 15.45
N LEU B 466 -39.16 -17.18 14.27
CA LEU B 466 -37.76 -16.85 14.03
C LEU B 466 -37.64 -15.32 13.71
N PHE B 467 -38.35 -14.91 12.64
CA PHE B 467 -38.18 -13.60 12.01
C PHE B 467 -39.06 -12.47 12.51
N ARG B 468 -40.22 -12.78 13.08
CA ARG B 468 -41.01 -11.71 13.68
C ARG B 468 -40.92 -11.73 15.20
N GLU B 469 -40.23 -12.70 15.78
CA GLU B 469 -40.24 -12.71 17.25
C GLU B 469 -38.84 -12.77 17.82
N LEU B 470 -38.12 -13.86 17.56
CA LEU B 470 -36.74 -14.03 18.10
C LEU B 470 -35.72 -12.96 17.60
N LEU B 471 -35.53 -12.87 16.27
CA LEU B 471 -34.58 -11.86 15.72
C LEU B 471 -34.91 -10.39 16.11
N PRO B 472 -36.16 -9.90 15.86
CA PRO B 472 -36.47 -8.53 16.27
C PRO B 472 -36.28 -8.24 17.74
N SER B 473 -36.67 -9.17 18.65
CA SER B 473 -36.49 -8.93 20.10
CA SER B 473 -36.50 -8.87 20.07
C SER B 473 -35.02 -8.88 20.50
N THR B 474 -34.19 -9.68 19.85
CA THR B 474 -32.76 -9.69 20.11
CA THR B 474 -32.74 -9.69 20.14
C THR B 474 -32.09 -8.37 19.70
N VAL B 475 -32.47 -7.84 18.53
CA VAL B 475 -31.96 -6.54 18.08
C VAL B 475 -32.47 -5.46 19.03
N LYS B 476 -33.72 -5.58 19.45
CA LYS B 476 -34.32 -4.59 20.35
C LYS B 476 -33.54 -4.57 21.68
N GLU B 477 -33.17 -5.76 22.15
CA GLU B 477 -32.49 -5.88 23.43
C GLU B 477 -31.02 -5.40 23.33
N PHE B 478 -30.38 -5.69 22.20
CA PHE B 478 -28.92 -5.54 22.12
C PHE B 478 -28.45 -4.45 21.18
N ASP B 479 -29.37 -3.87 20.41
CA ASP B 479 -29.00 -2.85 19.42
C ASP B 479 -30.21 -1.99 19.16
N SER B 480 -30.67 -1.32 20.24
CA SER B 480 -31.95 -0.60 20.32
CA SER B 480 -31.99 -0.69 20.23
C SER B 480 -32.10 0.57 19.35
N ASP B 481 -30.98 1.20 18.98
CA ASP B 481 -31.03 2.36 18.07
C ASP B 481 -30.85 1.98 16.60
N ARG B 482 -30.76 0.70 16.28
CA ARG B 482 -30.69 0.29 14.88
C ARG B 482 -31.96 -0.36 14.35
N PHE B 483 -32.23 -0.09 13.08
CA PHE B 483 -33.40 -0.62 12.39
C PHE B 483 -33.25 -2.13 12.16
N TYR B 484 -34.37 -2.85 12.33
CA TYR B 484 -34.51 -4.25 11.89
C TYR B 484 -35.72 -4.34 10.97
N VAL B 485 -35.62 -5.06 9.88
CA VAL B 485 -36.78 -5.49 9.13
C VAL B 485 -36.73 -7.01 8.95
N HIS B 486 -37.90 -7.67 8.96
CA HIS B 486 -37.96 -9.16 9.01
C HIS B 486 -37.39 -9.89 7.79
N SER B 487 -37.33 -9.24 6.62
CA SER B 487 -36.99 -9.91 5.35
C SER B 487 -36.74 -8.86 4.26
N SER B 488 -35.94 -9.21 3.27
CA SER B 488 -35.78 -8.36 2.05
C SER B 488 -36.09 -9.22 0.82
N PRO B 489 -37.08 -8.82 -0.01
CA PRO B 489 -37.94 -7.63 0.13
C PRO B 489 -39.04 -7.86 1.17
N TYR B 490 -39.42 -6.83 1.93
CA TYR B 490 -40.36 -7.15 2.99
C TYR B 490 -41.84 -7.30 2.50
N LEU B 491 -42.20 -6.64 1.39
CA LEU B 491 -43.58 -6.78 0.88
C LEU B 491 -43.63 -6.86 -0.66
N ALA B 492 -42.80 -6.02 -1.32
CA ALA B 492 -42.85 -5.87 -2.77
C ALA B 492 -42.42 -7.15 -3.43
N ASN B 493 -43.11 -7.50 -4.52
CA ASN B 493 -42.76 -8.66 -5.32
C ASN B 493 -42.70 -8.16 -6.76
N TRP B 494 -41.65 -8.55 -7.51
CA TRP B 494 -41.44 -7.99 -8.88
C TRP B 494 -42.63 -8.27 -9.84
N GLY B 495 -43.48 -9.25 -9.49
CA GLY B 495 -44.59 -9.71 -10.35
C GLY B 495 -45.90 -9.05 -10.00
N ARG B 496 -45.88 -8.21 -8.95
CA ARG B 496 -47.08 -7.53 -8.38
C ARG B 496 -46.94 -6.02 -8.48
N PRO B 497 -47.22 -5.46 -9.68
CA PRO B 497 -46.96 -4.02 -9.85
C PRO B 497 -47.59 -3.20 -8.77
N GLU B 498 -48.68 -3.68 -8.15
CA GLU B 498 -49.35 -2.89 -7.13
C GLU B 498 -48.59 -2.83 -5.82
N SER B 499 -47.57 -3.71 -5.67
CA SER B 499 -46.78 -3.75 -4.42
C SER B 499 -45.50 -2.88 -4.45
N TRP B 500 -45.20 -2.30 -5.62
CA TRP B 500 -43.85 -1.67 -5.86
C TRP B 500 -43.63 -0.42 -5.07
N GLY B 501 -44.74 0.22 -4.71
CA GLY B 501 -44.74 1.42 -3.89
C GLY B 501 -44.46 1.18 -2.41
N THR B 502 -44.25 -0.07 -2.02
CA THR B 502 -44.20 -0.49 -0.58
C THR B 502 -42.87 -1.11 -0.18
N GLY B 503 -42.01 -0.31 0.43
CA GLY B 503 -40.70 -0.74 0.91
C GLY B 503 -39.68 -1.03 -0.20
N ASP B 504 -38.75 -1.94 0.09
CA ASP B 504 -37.63 -2.27 -0.84
C ASP B 504 -38.03 -3.35 -1.85
N SER B 505 -37.51 -3.25 -3.07
CA SER B 505 -37.79 -4.24 -4.16
C SER B 505 -36.56 -5.05 -4.55
N HIS B 506 -36.73 -6.34 -4.79
CA HIS B 506 -35.80 -7.16 -5.62
C HIS B 506 -36.40 -7.31 -7.01
N ASN B 507 -36.04 -6.40 -7.91
CA ASN B 507 -36.71 -6.35 -9.22
C ASN B 507 -36.04 -7.32 -10.12
N TRP B 508 -36.58 -8.54 -10.13
CA TRP B 508 -36.03 -9.55 -11.02
C TRP B 508 -36.91 -9.73 -12.27
N GLY B 509 -37.80 -8.77 -12.48
CA GLY B 509 -38.44 -8.66 -13.81
C GLY B 509 -37.40 -8.60 -14.93
N VAL B 510 -36.42 -7.71 -14.81
CA VAL B 510 -35.21 -7.82 -15.67
C VAL B 510 -34.43 -9.06 -15.23
N TRP B 511 -33.96 -9.81 -16.20
CA TRP B 511 -33.30 -11.08 -16.01
C TRP B 511 -34.37 -12.19 -16.00
N TYR B 512 -34.86 -12.56 -14.81
N TYR B 512 -34.86 -12.58 -14.81
CA TYR B 512 -35.79 -13.66 -14.70
CA TYR B 512 -35.84 -13.68 -14.65
C TYR B 512 -37.11 -13.47 -15.45
C TYR B 512 -37.14 -13.48 -15.43
N GLY B 513 -37.70 -12.28 -15.34
CA GLY B 513 -38.95 -11.97 -16.05
C GLY B 513 -38.73 -11.56 -17.50
N LYS B 514 -37.46 -11.63 -17.96
CA LYS B 514 -37.08 -11.28 -19.36
C LYS B 514 -37.43 -9.88 -19.83
N LYS B 515 -37.81 -8.96 -18.92
CA LYS B 515 -38.19 -7.61 -19.34
C LYS B 515 -36.99 -6.86 -19.86
N PRO B 516 -37.21 -5.93 -20.80
CA PRO B 516 -36.10 -5.12 -21.33
C PRO B 516 -35.54 -4.17 -20.29
N PHE B 517 -34.26 -3.77 -20.49
CA PHE B 517 -33.59 -2.85 -19.57
C PHE B 517 -34.34 -1.53 -19.44
N GLU B 518 -35.03 -1.12 -20.49
CA GLU B 518 -35.91 0.07 -20.46
C GLU B 518 -37.09 0.02 -19.49
N SER B 519 -37.55 -1.19 -19.13
CA SER B 519 -38.59 -1.33 -18.12
C SER B 519 -38.11 -0.67 -16.79
N LEU B 520 -36.80 -0.63 -16.53
CA LEU B 520 -36.27 -0.03 -15.29
C LEU B 520 -36.60 1.46 -15.19
N ASP B 521 -36.84 2.11 -16.35
CA ASP B 521 -37.34 3.50 -16.37
C ASP B 521 -38.77 3.68 -15.84
N THR B 522 -39.62 2.66 -16.03
CA THR B 522 -41.03 2.79 -15.66
C THR B 522 -41.40 1.97 -14.41
N ASP B 523 -40.65 0.92 -14.12
CA ASP B 523 -41.03 0.03 -13.01
C ASP B 523 -40.20 0.42 -11.78
N LEU B 524 -40.61 1.48 -11.08
CA LEU B 524 -39.76 2.08 -10.05
C LEU B 524 -40.00 1.51 -8.67
N PRO B 525 -38.91 1.36 -7.88
CA PRO B 525 -39.10 0.92 -6.51
C PRO B 525 -38.94 2.11 -5.57
N ARG B 526 -39.34 1.95 -4.30
CA ARG B 526 -39.00 2.99 -3.29
C ARG B 526 -37.51 2.90 -2.92
N PHE B 527 -36.95 1.72 -3.16
CA PHE B 527 -35.56 1.43 -2.83
C PHE B 527 -35.23 0.10 -3.50
N MET B 528 -34.18 0.07 -4.32
CA MET B 528 -33.84 -1.17 -5.01
C MET B 528 -32.79 -1.95 -4.22
N SER B 529 -33.16 -3.06 -3.57
CA SER B 529 -32.16 -3.76 -2.74
C SER B 529 -31.49 -4.95 -3.48
N GLU B 530 -32.10 -5.34 -4.62
CA GLU B 530 -31.47 -6.21 -5.63
C GLU B 530 -32.01 -5.90 -7.03
N PHE B 531 -31.14 -5.98 -8.04
CA PHE B 531 -31.55 -6.16 -9.45
C PHE B 531 -30.24 -6.49 -10.14
N GLY B 532 -30.33 -7.23 -11.24
CA GLY B 532 -29.08 -7.84 -11.74
C GLY B 532 -29.15 -8.42 -13.14
N PHE B 533 -27.98 -8.64 -13.69
CA PHE B 533 -27.87 -9.24 -14.99
C PHE B 533 -26.54 -9.96 -15.06
N GLN B 534 -26.54 -11.17 -15.64
CA GLN B 534 -25.33 -12.02 -15.67
C GLN B 534 -24.33 -11.63 -16.81
N SER B 535 -23.05 -11.92 -16.63
CA SER B 535 -22.16 -12.02 -17.76
C SER B 535 -21.06 -13.04 -17.52
N PHE B 536 -20.52 -13.57 -18.63
CA PHE B 536 -19.31 -14.35 -18.61
C PHE B 536 -18.22 -13.39 -18.24
N PRO B 537 -17.27 -13.86 -17.41
CA PRO B 537 -16.11 -13.02 -17.08
C PRO B 537 -15.19 -12.95 -18.31
N GLU B 538 -14.23 -12.02 -18.28
CA GLU B 538 -13.30 -11.87 -19.42
C GLU B 538 -12.41 -13.10 -19.63
N MET B 539 -11.81 -13.22 -20.80
CA MET B 539 -11.13 -14.47 -21.23
C MET B 539 -10.01 -14.99 -20.34
N LYS B 540 -9.21 -14.09 -19.74
CA LYS B 540 -8.17 -14.53 -18.81
C LYS B 540 -8.78 -15.28 -17.61
N THR B 541 -10.03 -14.97 -17.29
CA THR B 541 -10.70 -15.68 -16.21
C THR B 541 -11.27 -17.00 -16.72
N ILE B 542 -11.80 -16.96 -17.94
CA ILE B 542 -12.22 -18.20 -18.60
C ILE B 542 -11.04 -19.14 -18.74
N ALA B 543 -9.89 -18.62 -19.12
CA ALA B 543 -8.68 -19.45 -19.25
C ALA B 543 -8.25 -20.11 -17.92
N ALA B 544 -8.68 -19.52 -16.80
CA ALA B 544 -8.31 -20.05 -15.46
C ALA B 544 -9.12 -21.32 -15.15
N PHE B 545 -10.27 -21.50 -15.78
CA PHE B 545 -11.05 -22.71 -15.57
C PHE B 545 -11.23 -23.60 -16.80
N ALA B 546 -10.92 -23.10 -18.01
CA ALA B 546 -11.17 -23.86 -19.27
C ALA B 546 -10.00 -23.88 -20.25
N ALA B 547 -9.73 -25.05 -20.81
CA ALA B 547 -8.75 -25.23 -21.89
C ALA B 547 -9.38 -24.65 -23.14
N PRO B 548 -8.54 -24.15 -24.11
CA PRO B 548 -9.14 -23.53 -25.30
C PRO B 548 -10.08 -24.45 -26.12
N GLU B 549 -9.86 -25.77 -26.11
CA GLU B 549 -10.78 -26.70 -26.80
C GLU B 549 -12.19 -26.49 -26.34
N ASP B 550 -12.36 -25.85 -25.17
CA ASP B 550 -13.63 -25.86 -24.42
C ASP B 550 -14.29 -24.50 -24.37
N TYR B 551 -13.71 -23.59 -25.13
CA TYR B 551 -14.20 -22.24 -25.33
C TYR B 551 -15.45 -22.22 -26.21
N GLN B 552 -16.53 -22.87 -25.78
CA GLN B 552 -17.84 -22.67 -26.39
C GLN B 552 -18.82 -22.40 -25.27
N ILE B 553 -19.89 -21.62 -25.54
CA ILE B 553 -20.87 -21.23 -24.52
C ILE B 553 -21.40 -22.46 -23.80
N GLU B 554 -21.49 -23.58 -24.52
CA GLU B 554 -22.05 -24.79 -23.95
C GLU B 554 -21.10 -25.98 -23.92
N SER B 555 -19.80 -25.77 -23.90
CA SER B 555 -18.95 -26.92 -23.63
C SER B 555 -19.33 -27.52 -22.25
N GLU B 556 -18.88 -28.75 -21.98
CA GLU B 556 -19.14 -29.39 -20.70
C GLU B 556 -18.59 -28.54 -19.55
N VAL B 557 -17.34 -28.11 -19.68
CA VAL B 557 -16.65 -27.26 -18.71
C VAL B 557 -17.30 -25.91 -18.54
N MET B 558 -17.66 -25.29 -19.65
CA MET B 558 -18.40 -24.03 -19.59
C MET B 558 -19.66 -24.20 -18.76
N ASN B 559 -20.39 -25.30 -19.00
CA ASN B 559 -21.59 -25.67 -18.23
C ASN B 559 -21.31 -25.88 -16.73
N ALA B 560 -20.20 -26.54 -16.39
CA ALA B 560 -19.74 -26.67 -15.02
C ALA B 560 -19.59 -25.31 -14.28
N HIS B 561 -19.41 -24.21 -15.02
CA HIS B 561 -19.18 -22.90 -14.40
C HIS B 561 -20.24 -21.90 -14.75
N GLN B 562 -21.45 -22.38 -14.94
CA GLN B 562 -22.62 -21.57 -15.22
C GLN B 562 -23.65 -22.27 -14.39
N LYS B 563 -24.14 -21.62 -13.34
CA LYS B 563 -25.02 -22.30 -12.40
C LYS B 563 -26.43 -21.74 -12.52
N SER B 564 -26.63 -20.79 -13.45
CA SER B 564 -27.99 -20.47 -13.85
C SER B 564 -28.33 -21.36 -15.05
N SER B 565 -29.40 -22.13 -14.91
CA SER B 565 -29.88 -23.02 -15.97
C SER B 565 -30.48 -22.26 -17.15
N ILE B 566 -31.03 -21.07 -16.91
CA ILE B 566 -31.55 -20.26 -18.01
C ILE B 566 -30.53 -19.21 -18.54
N GLY B 567 -29.37 -19.13 -17.90
CA GLY B 567 -28.47 -17.97 -18.03
C GLY B 567 -27.99 -17.70 -19.43
N ASN B 568 -27.39 -18.70 -20.06
CA ASN B 568 -26.75 -18.48 -21.37
C ASN B 568 -27.70 -18.03 -22.44
N SER B 569 -28.92 -18.54 -22.34
CA SER B 569 -29.96 -18.27 -23.29
C SER B 569 -30.62 -16.87 -23.06
N LEU B 570 -30.76 -16.50 -21.78
CA LEU B 570 -31.12 -15.16 -21.43
C LEU B 570 -30.13 -14.12 -21.96
N ILE B 571 -28.83 -14.39 -21.81
CA ILE B 571 -27.80 -13.41 -22.22
C ILE B 571 -27.94 -13.20 -23.74
N ARG B 572 -28.01 -14.30 -24.48
CA ARG B 572 -28.17 -14.26 -25.94
C ARG B 572 -29.47 -13.53 -26.37
N THR B 573 -30.59 -13.86 -25.72
CA THR B 573 -31.88 -13.16 -25.93
C THR B 573 -31.78 -11.63 -25.74
N TYR B 574 -31.24 -11.20 -24.60
CA TYR B 574 -31.02 -9.78 -24.39
C TYR B 574 -29.95 -9.22 -25.33
N MET B 575 -28.91 -9.99 -25.65
CA MET B 575 -27.85 -9.48 -26.54
C MET B 575 -28.39 -8.95 -27.90
N GLU B 576 -29.13 -9.84 -28.61
CA GLU B 576 -29.95 -9.59 -29.82
C GLU B 576 -30.76 -8.31 -29.78
N ARG B 577 -31.27 -7.92 -28.61
CA ARG B 577 -32.06 -6.68 -28.56
C ARG B 577 -31.24 -5.37 -28.80
N ASP B 578 -29.93 -5.42 -28.57
CA ASP B 578 -29.13 -4.19 -28.57
C ASP B 578 -27.83 -4.28 -29.35
N TYR B 579 -27.45 -5.49 -29.75
CA TYR B 579 -26.18 -5.74 -30.36
C TYR B 579 -26.35 -6.79 -31.40
N ILE B 580 -25.43 -6.78 -32.35
CA ILE B 580 -25.30 -7.82 -33.30
C ILE B 580 -24.54 -8.89 -32.54
N ILE B 581 -25.15 -10.08 -32.48
CA ILE B 581 -24.55 -11.26 -31.88
C ILE B 581 -23.32 -11.74 -32.66
N PRO B 582 -22.12 -11.68 -32.02
CA PRO B 582 -20.86 -12.16 -32.67
C PRO B 582 -20.77 -13.68 -32.88
N GLU B 583 -20.01 -14.08 -33.90
CA GLU B 583 -19.74 -15.50 -34.16
C GLU B 583 -18.75 -16.15 -33.18
N SER B 584 -17.64 -15.48 -32.84
CA SER B 584 -16.68 -16.15 -32.01
C SER B 584 -17.07 -16.13 -30.51
N PHE B 585 -16.64 -17.17 -29.79
CA PHE B 585 -16.66 -17.20 -28.34
C PHE B 585 -16.08 -15.93 -27.68
N GLU B 586 -14.88 -15.55 -28.08
CA GLU B 586 -14.22 -14.41 -27.46
C GLU B 586 -14.99 -13.10 -27.65
N ASP B 587 -15.62 -12.92 -28.83
CA ASP B 587 -16.30 -11.65 -29.16
C ASP B 587 -17.65 -11.60 -28.44
N PHE B 588 -18.28 -12.74 -28.33
CA PHE B 588 -19.52 -12.90 -27.54
C PHE B 588 -19.29 -12.53 -26.02
N VAL B 589 -18.19 -13.02 -25.47
CA VAL B 589 -17.78 -12.72 -24.06
C VAL B 589 -17.57 -11.24 -23.92
N TYR B 590 -16.84 -10.64 -24.87
CA TYR B 590 -16.67 -9.17 -24.90
C TYR B 590 -17.98 -8.33 -25.01
N VAL B 591 -18.86 -8.67 -25.96
CA VAL B 591 -20.12 -7.92 -26.06
C VAL B 591 -21.03 -8.15 -24.80
N GLY B 592 -21.03 -9.36 -24.27
CA GLY B 592 -21.80 -9.69 -23.06
C GLY B 592 -21.38 -8.83 -21.85
N LEU B 593 -20.08 -8.54 -21.71
CA LEU B 593 -19.60 -7.58 -20.68
C LEU B 593 -20.14 -6.20 -20.92
N VAL B 594 -20.12 -5.77 -22.20
CA VAL B 594 -20.55 -4.43 -22.53
C VAL B 594 -22.04 -4.32 -22.23
N LEU B 595 -22.75 -5.39 -22.57
CA LEU B 595 -24.21 -5.51 -22.47
C LEU B 595 -24.68 -5.39 -21.03
N GLN B 596 -24.12 -6.26 -20.19
CA GLN B 596 -24.41 -6.17 -18.72
C GLN B 596 -24.12 -4.79 -18.13
N GLY B 597 -23.03 -4.18 -18.53
CA GLY B 597 -22.70 -2.83 -18.03
C GLY B 597 -23.64 -1.77 -18.56
N GLN B 598 -24.02 -1.86 -19.84
CA GLN B 598 -24.83 -0.78 -20.44
C GLN B 598 -26.24 -0.88 -19.93
N GLY B 599 -26.72 -2.12 -19.84
CA GLY B 599 -28.11 -2.29 -19.40
C GLY B 599 -28.33 -2.00 -17.91
N MET B 600 -27.45 -2.54 -17.07
CA MET B 600 -27.48 -2.22 -15.61
C MET B 600 -27.32 -0.73 -15.29
N ARG B 601 -26.36 -0.05 -15.93
CA ARG B 601 -26.19 1.39 -15.62
C ARG B 601 -27.42 2.18 -16.02
N HIS B 602 -28.16 1.65 -17.01
CA HIS B 602 -29.43 2.28 -17.41
C HIS B 602 -30.39 2.19 -16.22
N GLY B 603 -30.38 1.07 -15.49
CA GLY B 603 -31.25 0.95 -14.30
C GLY B 603 -30.79 1.89 -13.18
N LEU B 604 -29.49 1.86 -12.88
CA LEU B 604 -28.86 2.71 -11.84
C LEU B 604 -29.16 4.22 -12.04
N GLU B 605 -29.10 4.67 -13.29
CA GLU B 605 -29.55 6.00 -13.66
C GLU B 605 -30.99 6.28 -13.44
N ALA B 606 -31.86 5.34 -13.82
CA ALA B 606 -33.33 5.47 -13.55
C ALA B 606 -33.59 5.65 -12.07
N HIS B 607 -32.93 4.83 -11.26
CA HIS B 607 -33.12 4.89 -9.79
C HIS B 607 -32.73 6.25 -9.21
N ARG B 608 -31.53 6.73 -9.54
CA ARG B 608 -31.11 8.09 -9.15
C ARG B 608 -32.03 9.18 -9.71
N ARG B 609 -32.46 9.05 -10.96
CA ARG B 609 -33.20 10.13 -11.66
C ARG B 609 -34.57 10.29 -11.02
N ASN B 610 -35.03 9.22 -10.39
CA ASN B 610 -36.34 9.16 -9.80
C ASN B 610 -36.36 9.35 -8.27
N ARG B 611 -35.27 9.87 -7.72
CA ARG B 611 -35.24 10.44 -6.37
C ARG B 611 -36.17 11.66 -6.27
N PRO B 612 -37.00 11.77 -5.21
CA PRO B 612 -37.06 10.99 -3.97
C PRO B 612 -38.08 9.84 -3.93
N TYR B 613 -38.84 9.60 -5.01
CA TYR B 613 -39.67 8.39 -5.09
C TYR B 613 -38.82 7.12 -4.79
N CYS B 614 -37.69 6.99 -5.48
CA CYS B 614 -36.70 5.97 -5.24
C CYS B 614 -35.61 6.55 -4.34
N MET B 615 -35.20 5.79 -3.33
CA MET B 615 -34.12 6.31 -2.45
C MET B 615 -32.80 5.52 -2.37
N GLY B 616 -32.61 4.55 -3.26
CA GLY B 616 -31.36 3.83 -3.24
C GLY B 616 -31.39 2.67 -4.20
N THR B 617 -30.20 2.16 -4.46
CA THR B 617 -30.07 1.12 -5.46
C THR B 617 -28.84 0.32 -5.10
N LEU B 618 -29.00 -0.98 -4.88
CA LEU B 618 -27.89 -1.93 -4.67
C LEU B 618 -28.06 -3.03 -5.67
N TYR B 619 -27.08 -3.15 -6.57
CA TYR B 619 -27.28 -4.10 -7.61
C TYR B 619 -26.79 -5.46 -7.09
N TRP B 620 -27.40 -6.51 -7.64
CA TRP B 620 -26.96 -7.88 -7.48
C TRP B 620 -26.02 -8.16 -8.69
N GLN B 621 -24.71 -8.44 -8.50
CA GLN B 621 -23.97 -8.54 -7.17
C GLN B 621 -22.61 -7.91 -7.34
N LEU B 622 -21.92 -7.57 -6.25
CA LEU B 622 -20.62 -6.94 -6.44
C LEU B 622 -19.53 -7.89 -6.98
N ASN B 623 -19.48 -9.09 -6.40
CA ASN B 623 -18.27 -9.86 -6.38
C ASN B 623 -18.47 -11.38 -6.61
N ASP B 624 -17.40 -12.12 -6.81
CA ASP B 624 -17.46 -13.60 -6.97
C ASP B 624 -16.62 -14.41 -5.96
N SER B 625 -17.07 -15.64 -5.67
CA SER B 625 -16.37 -16.56 -4.76
C SER B 625 -15.48 -17.57 -5.48
N TRP B 626 -15.62 -17.65 -6.80
CA TRP B 626 -14.81 -18.52 -7.66
C TRP B 626 -14.92 -18.13 -9.15
N PRO B 627 -14.04 -18.72 -10.04
CA PRO B 627 -14.21 -18.45 -11.49
C PRO B 627 -15.56 -19.01 -12.06
N VAL B 628 -16.47 -18.11 -12.44
CA VAL B 628 -17.84 -18.51 -12.72
C VAL B 628 -18.52 -17.46 -13.61
N VAL B 629 -19.53 -17.85 -14.38
CA VAL B 629 -20.53 -16.91 -14.98
C VAL B 629 -21.51 -16.38 -13.91
N SER B 630 -21.61 -15.06 -13.80
CA SER B 630 -22.39 -14.47 -12.71
C SER B 630 -22.83 -13.03 -12.94
N TRP B 631 -23.58 -12.53 -11.96
CA TRP B 631 -24.17 -11.19 -11.96
C TRP B 631 -23.19 -10.12 -11.47
N SER B 632 -21.99 -10.57 -11.09
CA SER B 632 -20.98 -9.72 -10.50
C SER B 632 -20.47 -8.59 -11.44
N SER B 633 -19.93 -7.52 -10.83
CA SER B 633 -19.27 -6.44 -11.52
C SER B 633 -17.77 -6.60 -11.47
N ILE B 634 -17.33 -7.45 -10.54
CA ILE B 634 -15.91 -7.72 -10.36
C ILE B 634 -15.86 -9.25 -10.29
N ASP B 635 -15.04 -9.84 -11.16
CA ASP B 635 -14.84 -11.27 -11.18
C ASP B 635 -13.96 -11.78 -10.02
N TYR B 636 -13.82 -13.10 -9.88
CA TYR B 636 -13.15 -13.71 -8.70
C TYR B 636 -11.69 -13.21 -8.49
N TYR B 637 -11.03 -12.88 -9.61
CA TYR B 637 -9.62 -12.45 -9.68
C TYR B 637 -9.44 -10.97 -9.50
N GLY B 638 -10.55 -10.30 -9.26
CA GLY B 638 -10.48 -8.87 -9.04
C GLY B 638 -10.56 -8.02 -10.30
N ASN B 639 -10.93 -8.62 -11.44
CA ASN B 639 -10.95 -7.82 -12.69
C ASN B 639 -12.25 -7.09 -12.73
N TRP B 640 -12.22 -5.78 -12.95
CA TRP B 640 -13.45 -5.03 -13.09
C TRP B 640 -14.08 -5.41 -14.45
N LYS B 641 -15.34 -5.85 -14.41
CA LYS B 641 -16.09 -5.97 -15.64
C LYS B 641 -16.53 -4.57 -16.07
N ALA B 642 -17.07 -4.46 -17.28
CA ALA B 642 -17.66 -3.19 -17.75
C ALA B 642 -18.63 -2.56 -16.77
N LEU B 643 -19.48 -3.40 -16.19
CA LEU B 643 -20.38 -3.00 -15.10
C LEU B 643 -19.69 -2.23 -13.97
N HIS B 644 -18.50 -2.66 -13.57
CA HIS B 644 -17.88 -1.89 -12.44
C HIS B 644 -17.53 -0.42 -12.79
N TYR B 645 -16.98 -0.23 -13.99
CA TYR B 645 -16.71 1.12 -14.54
C TYR B 645 -17.98 1.85 -14.69
N GLN B 646 -19.00 1.16 -15.18
CA GLN B 646 -20.28 1.80 -15.44
C GLN B 646 -21.03 2.20 -14.18
N ALA B 647 -20.92 1.40 -13.11
CA ALA B 647 -21.48 1.76 -11.80
C ALA B 647 -20.74 2.97 -11.30
N LYS B 648 -19.41 2.99 -11.48
CA LYS B 648 -18.62 4.16 -11.09
C LYS B 648 -19.20 5.45 -11.67
N ARG B 649 -19.38 5.46 -12.98
CA ARG B 649 -19.90 6.64 -13.67
C ARG B 649 -21.31 6.96 -13.24
N ALA B 650 -22.17 5.93 -13.11
CA ALA B 650 -23.60 6.14 -12.75
C ALA B 650 -23.74 6.64 -11.31
N PHE B 651 -22.72 6.38 -10.50
CA PHE B 651 -22.71 6.77 -9.06
C PHE B 651 -21.97 8.11 -8.78
N ALA B 652 -21.38 8.71 -9.83
CA ALA B 652 -20.56 9.92 -9.66
C ALA B 652 -21.44 10.96 -8.95
N PRO B 653 -20.87 11.78 -8.01
CA PRO B 653 -21.65 12.75 -7.20
C PRO B 653 -22.52 13.69 -8.00
N VAL B 654 -21.98 14.25 -9.09
CA VAL B 654 -22.81 14.98 -10.07
C VAL B 654 -22.87 14.17 -11.39
N LEU B 655 -24.10 13.87 -11.82
CA LEU B 655 -24.33 13.12 -13.03
C LEU B 655 -25.23 13.97 -13.93
N ILE B 656 -24.86 14.12 -15.20
CA ILE B 656 -25.80 14.55 -16.27
C ILE B 656 -26.42 13.29 -16.88
N ASN B 657 -27.73 13.19 -16.83
CA ASN B 657 -28.43 12.00 -17.29
C ASN B 657 -29.36 12.33 -18.49
N PRO B 658 -28.85 12.18 -19.74
CA PRO B 658 -29.77 12.26 -20.89
C PRO B 658 -30.63 11.01 -20.89
N ILE B 659 -31.93 11.19 -20.98
CA ILE B 659 -32.86 10.05 -21.05
C ILE B 659 -33.82 10.25 -22.26
N GLN B 660 -33.84 9.26 -23.15
CA GLN B 660 -34.66 9.39 -24.34
C GLN B 660 -35.80 8.39 -24.33
N GLN B 661 -37.02 8.87 -24.50
CA GLN B 661 -38.20 7.97 -24.60
C GLN B 661 -39.14 8.65 -25.59
N ASN B 662 -39.99 7.88 -26.29
CA ASN B 662 -41.03 8.40 -27.20
C ASN B 662 -40.50 9.46 -28.19
N ASP B 663 -39.37 9.14 -28.84
CA ASP B 663 -38.63 10.04 -29.73
C ASP B 663 -38.43 11.47 -29.21
N SER B 664 -38.17 11.58 -27.92
CA SER B 664 -37.96 12.83 -27.23
C SER B 664 -36.83 12.62 -26.22
N LEU B 665 -36.05 13.67 -26.02
CA LEU B 665 -34.94 13.66 -25.09
C LEU B 665 -35.18 14.60 -23.93
N SER B 666 -34.92 14.11 -22.71
CA SER B 666 -34.85 14.97 -21.58
C SER B 666 -33.49 14.85 -20.95
N VAL B 667 -33.04 15.98 -20.40
CA VAL B 667 -31.75 15.97 -19.71
C VAL B 667 -31.98 16.31 -18.26
N TYR B 668 -31.49 15.40 -17.41
CA TYR B 668 -31.54 15.59 -15.96
C TYR B 668 -30.17 15.82 -15.37
N LEU B 669 -30.15 16.68 -14.37
CA LEU B 669 -28.94 16.96 -13.62
C LEU B 669 -29.16 16.37 -12.23
N ILE B 670 -28.29 15.45 -11.84
CA ILE B 670 -28.51 14.62 -10.65
C ILE B 670 -27.37 14.91 -9.70
N SER B 671 -27.69 15.33 -8.47
CA SER B 671 -26.64 15.67 -7.54
C SER B 671 -26.83 15.01 -6.20
N ASP B 672 -25.78 14.40 -5.70
CA ASP B 672 -25.72 13.91 -4.33
C ASP B 672 -24.82 14.78 -3.47
N ARG B 673 -24.54 16.00 -3.93
CA ARG B 673 -23.72 16.90 -3.13
C ARG B 673 -24.54 17.52 -2.05
N LEU B 674 -23.88 17.82 -0.93
CA LEU B 674 -24.48 18.49 0.23
C LEU B 674 -24.80 19.99 0.01
N ASP B 675 -24.15 20.58 -0.99
CA ASP B 675 -24.27 21.99 -1.33
C ASP B 675 -24.89 22.21 -2.72
N THR B 676 -25.69 23.26 -2.82
CA THR B 676 -26.24 23.69 -4.10
C THR B 676 -25.22 24.25 -5.09
N MET B 677 -25.43 24.01 -6.39
CA MET B 677 -24.59 24.61 -7.44
C MET B 677 -25.40 25.67 -8.19
N GLU B 678 -24.85 26.88 -8.28
CA GLU B 678 -25.61 28.04 -8.82
C GLU B 678 -25.03 28.62 -10.11
N GLN B 679 -25.90 29.20 -10.93
CA GLN B 679 -25.49 29.76 -12.22
C GLN B 679 -24.66 28.79 -13.04
N MET B 680 -25.21 27.61 -13.32
CA MET B 680 -24.44 26.60 -14.06
C MET B 680 -24.90 26.70 -15.49
N THR B 681 -24.06 26.24 -16.39
CA THR B 681 -24.45 26.13 -17.78
C THR B 681 -24.38 24.68 -18.27
N LEU B 682 -25.47 24.25 -18.93
CA LEU B 682 -25.47 22.99 -19.72
C LEU B 682 -25.22 23.32 -21.19
N GLU B 683 -24.26 22.63 -21.78
CA GLU B 683 -23.92 22.81 -23.16
C GLU B 683 -23.83 21.45 -23.82
N MET B 684 -24.59 21.32 -24.92
CA MET B 684 -24.68 20.09 -25.71
C MET B 684 -24.31 20.30 -27.18
N LYS B 685 -23.72 19.28 -27.82
CA LYS B 685 -23.63 19.35 -29.27
C LYS B 685 -23.67 18.02 -29.96
N VAL B 686 -24.31 18.01 -31.11
CA VAL B 686 -24.32 16.78 -31.93
C VAL B 686 -23.01 16.66 -32.70
N VAL B 687 -22.44 15.47 -32.68
CA VAL B 687 -21.17 15.21 -33.33
C VAL B 687 -21.32 13.91 -34.12
N ASP B 688 -20.80 13.88 -35.34
CA ASP B 688 -20.98 12.66 -36.08
C ASP B 688 -19.83 11.73 -35.80
N PHE B 689 -19.93 10.51 -36.30
CA PHE B 689 -18.95 9.50 -36.01
C PHE B 689 -17.57 9.84 -36.54
N ASP B 690 -17.48 10.94 -37.28
CA ASP B 690 -16.20 11.39 -37.85
C ASP B 690 -15.63 12.61 -37.17
N GLY B 691 -16.33 13.18 -36.19
CA GLY B 691 -15.76 14.25 -35.38
C GLY B 691 -16.35 15.58 -35.72
N LYS B 692 -17.22 15.62 -36.72
CA LYS B 692 -17.82 16.85 -37.18
C LYS B 692 -19.12 17.25 -36.46
N THR B 693 -19.16 18.48 -36.00
CA THR B 693 -20.35 19.06 -35.37
C THR B 693 -21.49 19.24 -36.35
N LEU B 694 -22.70 18.86 -35.93
CA LEU B 694 -23.92 19.08 -36.71
C LEU B 694 -24.74 20.14 -36.00
N GLY B 695 -25.12 21.20 -36.72
CA GLY B 695 -25.85 22.34 -36.13
C GLY B 695 -25.05 23.19 -35.17
N LYS B 696 -25.72 24.01 -34.37
CA LYS B 696 -25.00 24.86 -33.39
C LYS B 696 -25.00 24.19 -32.00
N LYS B 697 -24.03 24.56 -31.15
CA LYS B 697 -24.05 24.22 -29.72
C LYS B 697 -25.34 24.75 -29.13
N ILE B 698 -25.91 23.97 -28.24
CA ILE B 698 -27.13 24.35 -27.53
C ILE B 698 -26.70 24.70 -26.12
N GLN B 699 -27.27 25.76 -25.57
CA GLN B 699 -26.85 26.22 -24.27
C GLN B 699 -28.02 26.57 -23.40
N VAL B 700 -27.90 26.17 -22.14
CA VAL B 700 -28.94 26.35 -21.15
C VAL B 700 -28.26 26.95 -19.94
N HIS B 701 -28.47 28.25 -19.79
CA HIS B 701 -27.74 29.08 -18.85
C HIS B 701 -28.58 29.26 -17.60
N SER B 702 -27.95 29.74 -16.51
CA SER B 702 -28.68 30.16 -15.31
C SER B 702 -29.29 28.99 -14.53
N LEU B 703 -28.61 27.85 -14.57
CA LEU B 703 -29.11 26.65 -13.91
C LEU B 703 -28.66 26.52 -12.44
N GLU B 704 -29.61 26.19 -11.57
CA GLU B 704 -29.31 25.85 -10.18
C GLU B 704 -29.43 24.33 -10.05
N VAL B 705 -28.37 23.67 -9.55
CA VAL B 705 -28.47 22.22 -9.22
C VAL B 705 -28.54 22.02 -7.69
N PRO B 706 -29.76 21.96 -7.11
CA PRO B 706 -29.85 21.85 -5.64
C PRO B 706 -29.23 20.57 -5.05
N ALA B 707 -28.77 20.68 -3.82
CA ALA B 707 -28.09 19.63 -3.10
C ALA B 707 -29.05 18.43 -3.01
N ASN B 708 -28.57 17.21 -3.31
CA ASN B 708 -29.42 16.02 -3.15
C ASN B 708 -30.73 15.97 -3.95
N THR B 709 -30.64 16.28 -5.25
CA THR B 709 -31.85 16.27 -6.06
C THR B 709 -31.49 15.84 -7.47
N SER B 710 -32.56 15.41 -8.18
CA SER B 710 -32.53 15.17 -9.59
C SER B 710 -33.55 16.13 -10.23
N LYS B 711 -33.13 16.99 -11.16
CA LYS B 711 -34.03 17.95 -11.84
C LYS B 711 -33.87 17.86 -13.35
N CYS B 712 -34.99 17.85 -14.06
CA CYS B 712 -35.02 18.01 -15.52
C CYS B 712 -34.75 19.48 -15.85
N VAL B 713 -33.76 19.73 -16.69
CA VAL B 713 -33.38 21.11 -17.07
C VAL B 713 -33.49 21.37 -18.59
N TYR B 714 -33.90 20.35 -19.35
CA TYR B 714 -33.99 20.40 -20.82
C TYR B 714 -34.83 19.27 -21.38
N ARG B 715 -35.73 19.62 -22.31
CA ARG B 715 -36.58 18.70 -23.08
C ARG B 715 -36.75 19.14 -24.56
N ALA B 716 -36.49 18.22 -25.48
CA ALA B 716 -36.64 18.46 -26.92
C ALA B 716 -36.97 17.18 -27.70
N LYS B 717 -37.89 17.32 -28.65
CA LYS B 717 -38.27 16.27 -29.61
C LYS B 717 -37.16 16.03 -30.57
N LEU B 718 -36.99 14.79 -30.99
CA LEU B 718 -36.02 14.45 -32.02
C LEU B 718 -36.56 14.84 -33.40
N ASP B 719 -37.87 14.82 -33.53
CA ASP B 719 -38.54 15.23 -34.77
C ASP B 719 -38.39 16.73 -35.03
N GLY B 720 -37.69 17.03 -36.13
CA GLY B 720 -37.43 18.42 -36.55
C GLY B 720 -36.12 18.94 -36.01
N TRP B 721 -35.37 18.04 -35.38
CA TRP B 721 -34.05 18.34 -34.85
C TRP B 721 -33.04 17.40 -35.50
N LEU B 722 -33.29 16.11 -35.39
CA LEU B 722 -32.41 15.12 -36.01
C LEU B 722 -33.25 14.18 -36.85
N THR B 723 -32.70 13.76 -37.99
CA THR B 723 -33.32 12.77 -38.86
C THR B 723 -32.98 11.35 -38.36
N PRO B 724 -33.79 10.34 -38.70
CA PRO B 724 -33.44 8.95 -38.33
C PRO B 724 -32.06 8.52 -38.79
N GLU B 725 -31.59 9.10 -39.90
CA GLU B 725 -30.26 8.89 -40.44
C GLU B 725 -29.18 9.47 -39.52
N ASP B 726 -29.40 10.70 -39.07
CA ASP B 726 -28.55 11.37 -38.07
C ASP B 726 -28.49 10.63 -36.75
N CYS B 727 -29.60 10.00 -36.37
CA CYS B 727 -29.68 9.22 -35.14
C CYS B 727 -28.78 7.99 -35.15
N ARG B 728 -28.51 7.46 -36.35
CA ARG B 728 -27.65 6.29 -36.52
C ARG B 728 -26.18 6.66 -36.74
N ARG B 729 -25.91 7.93 -36.93
CA ARG B 729 -24.59 8.31 -37.42
C ARG B 729 -23.92 9.38 -36.57
N SER B 730 -24.53 9.69 -35.43
CA SER B 730 -24.01 10.69 -34.53
C SER B 730 -24.31 10.46 -33.03
N PHE B 731 -23.72 11.30 -32.17
CA PHE B 731 -23.97 11.30 -30.73
C PHE B 731 -24.14 12.72 -30.18
N LEU B 732 -24.64 12.83 -28.95
CA LEU B 732 -24.69 14.12 -28.27
C LEU B 732 -23.59 14.16 -27.22
N LYS B 733 -22.76 15.22 -27.23
CA LYS B 733 -21.84 15.48 -26.14
C LYS B 733 -22.50 16.50 -25.25
N LEU B 734 -22.41 16.29 -23.93
CA LEU B 734 -23.04 17.16 -22.97
C LEU B 734 -21.99 17.49 -21.91
N ILE B 735 -21.86 18.76 -21.56
CA ILE B 735 -20.97 19.12 -20.48
C ILE B 735 -21.75 20.05 -19.57
N LEU B 736 -21.36 20.10 -18.29
CA LEU B 736 -21.94 21.03 -17.34
C LEU B 736 -20.80 21.85 -16.75
N LYS B 737 -20.98 23.17 -16.80
CA LYS B 737 -19.94 24.16 -16.43
C LYS B 737 -20.46 25.11 -15.35
N ASP B 738 -19.58 25.51 -14.45
CA ASP B 738 -19.92 26.59 -13.51
C ASP B 738 -19.92 28.00 -14.18
N LYS B 739 -20.34 29.01 -13.40
CA LYS B 739 -20.31 30.44 -13.75
C LYS B 739 -18.95 30.79 -14.36
N SER B 740 -17.88 30.31 -13.74
CA SER B 740 -16.53 30.56 -14.25
C SER B 740 -16.15 29.83 -15.54
N GLY B 741 -17.06 29.01 -16.10
CA GLY B 741 -16.72 28.18 -17.27
C GLY B 741 -15.93 26.89 -17.01
N HIS B 742 -15.77 26.49 -15.74
CA HIS B 742 -15.07 25.22 -15.39
C HIS B 742 -16.03 23.99 -15.55
N GLN B 743 -15.58 22.96 -16.26
CA GLN B 743 -16.39 21.75 -16.45
C GLN B 743 -16.47 20.89 -15.16
N VAL B 744 -17.69 20.49 -14.83
CA VAL B 744 -18.04 19.88 -13.57
C VAL B 744 -18.53 18.44 -13.80
N ALA B 745 -19.06 18.18 -15.00
CA ALA B 745 -19.49 16.83 -15.43
C ALA B 745 -19.57 16.77 -16.95
N GLU B 746 -19.40 15.58 -17.53
CA GLU B 746 -19.70 15.40 -18.95
C GLU B 746 -20.40 14.07 -19.17
N SER B 747 -21.14 13.96 -20.29
CA SER B 747 -21.82 12.73 -20.67
CA SER B 747 -21.79 12.72 -20.68
C SER B 747 -21.87 12.62 -22.20
N VAL B 748 -22.13 11.40 -22.68
CA VAL B 748 -22.37 11.10 -24.09
C VAL B 748 -23.69 10.33 -24.19
N HIS B 749 -24.49 10.65 -25.21
CA HIS B 749 -25.77 9.99 -25.48
C HIS B 749 -25.87 9.54 -26.96
N PHE B 750 -26.14 8.25 -27.17
CA PHE B 750 -26.49 7.67 -28.47
C PHE B 750 -27.98 7.64 -28.58
N PHE B 751 -28.47 7.97 -29.77
CA PHE B 751 -29.92 8.14 -30.04
C PHE B 751 -30.56 6.83 -30.53
N ARG B 752 -29.72 5.84 -30.82
CA ARG B 752 -30.16 4.55 -31.33
C ARG B 752 -29.44 3.44 -30.54
N LYS B 753 -30.03 2.24 -30.49
CA LYS B 753 -29.41 1.02 -29.96
C LYS B 753 -28.18 0.73 -30.75
N THR B 754 -27.15 0.23 -30.06
CA THR B 754 -25.85 -0.04 -30.68
C THR B 754 -25.85 -0.89 -31.95
N LYS B 755 -26.71 -1.93 -32.00
CA LYS B 755 -26.85 -2.73 -33.24
C LYS B 755 -27.31 -1.87 -34.41
N ASP B 756 -27.96 -0.75 -34.12
CA ASP B 756 -28.52 0.15 -35.14
C ASP B 756 -27.61 1.31 -35.55
N LEU B 757 -26.44 1.39 -34.91
CA LEU B 757 -25.50 2.47 -35.17
C LEU B 757 -24.69 2.12 -36.42
N GLN B 758 -24.46 3.10 -37.29
CA GLN B 758 -23.59 2.86 -38.45
C GLN B 758 -22.16 3.13 -38.01
N LEU B 759 -21.56 2.17 -37.31
CA LEU B 759 -20.23 2.30 -36.74
C LEU B 759 -19.15 2.28 -37.84
N PRO B 760 -18.19 3.23 -37.81
CA PRO B 760 -17.18 3.32 -38.85
C PRO B 760 -16.09 2.28 -38.67
N PRO B 761 -15.38 1.90 -39.77
CA PRO B 761 -14.29 0.91 -39.63
C PRO B 761 -13.03 1.64 -39.05
N THR B 762 -13.16 2.06 -37.80
CA THR B 762 -12.22 2.99 -37.20
C THR B 762 -10.87 2.36 -37.10
N SER B 763 -9.88 3.22 -37.23
CA SER B 763 -8.46 2.88 -36.98
C SER B 763 -8.15 3.31 -35.51
N VAL B 764 -7.81 2.35 -34.66
CA VAL B 764 -7.46 2.71 -33.28
C VAL B 764 -5.95 2.56 -33.05
N SER B 765 -5.30 3.67 -32.76
CA SER B 765 -3.89 3.58 -32.45
C SER B 765 -3.55 3.97 -30.98
N TYR B 766 -2.49 3.35 -30.46
CA TYR B 766 -2.01 3.70 -29.11
C TYR B 766 -0.50 3.74 -29.03
N GLN B 767 0.01 4.64 -28.20
CA GLN B 767 1.43 4.60 -27.81
C GLN B 767 1.46 4.10 -26.36
N MET B 768 2.45 3.28 -26.02
CA MET B 768 2.60 2.71 -24.67
C MET B 768 3.95 2.99 -24.01
N LYS B 769 3.91 3.76 -22.92
CA LYS B 769 5.05 4.10 -22.04
C LYS B 769 5.11 3.11 -20.84
N GLN B 770 5.86 2.01 -20.98
CA GLN B 770 5.90 0.97 -19.95
C GLN B 770 7.01 1.11 -18.91
N THR B 771 6.71 1.80 -17.81
CA THR B 771 7.56 1.74 -16.62
C THR B 771 7.36 0.40 -15.87
N ASP B 772 8.12 0.11 -14.82
CA ASP B 772 7.72 -1.09 -14.05
C ASP B 772 6.75 -0.76 -12.90
N GLY B 773 5.78 -1.65 -12.69
CA GLY B 773 4.52 -1.33 -11.98
C GLY B 773 3.40 -0.68 -12.83
N LYS B 774 3.72 -0.23 -14.05
CA LYS B 774 2.81 0.66 -14.81
C LYS B 774 3.02 0.63 -16.33
N CYS B 775 1.92 0.73 -17.08
CA CYS B 775 1.91 1.16 -18.50
C CYS B 775 1.01 2.37 -18.59
N GLU B 776 1.50 3.44 -19.22
CA GLU B 776 0.63 4.55 -19.64
C GLU B 776 0.36 4.28 -21.12
N LEU B 777 -0.92 4.39 -21.50
CA LEU B 777 -1.29 4.29 -22.91
C LEU B 777 -1.94 5.57 -23.27
N THR B 778 -1.68 6.05 -24.47
CA THR B 778 -2.51 7.10 -25.01
C THR B 778 -3.16 6.49 -26.24
N LEU B 779 -4.48 6.64 -26.33
CA LEU B 779 -5.23 6.09 -27.45
C LEU B 779 -5.74 7.22 -28.34
N PHE B 780 -5.79 6.94 -29.64
CA PHE B 780 -6.38 7.91 -30.57
C PHE B 780 -7.17 7.20 -31.67
N SER B 781 -8.31 7.79 -32.03
CA SER B 781 -8.94 7.50 -33.31
C SER B 781 -9.58 8.75 -33.90
N SER B 782 -9.46 8.84 -35.23
CA SER B 782 -10.11 9.90 -35.98
C SER B 782 -11.63 9.68 -36.04
N MET B 783 -12.06 8.43 -35.82
CA MET B 783 -13.48 8.10 -35.81
C MET B 783 -13.91 7.43 -34.48
N LEU B 784 -15.21 7.48 -34.19
CA LEU B 784 -15.79 6.79 -33.01
C LEU B 784 -15.34 5.35 -32.96
N ALA B 785 -14.77 4.92 -31.81
CA ALA B 785 -14.71 3.49 -31.42
C ALA B 785 -15.63 3.23 -30.22
N LYS B 786 -16.49 2.23 -30.37
CA LYS B 786 -17.65 2.02 -29.48
C LYS B 786 -17.23 1.01 -28.36
N ASP B 787 -17.39 1.39 -27.09
CA ASP B 787 -17.22 0.47 -25.96
C ASP B 787 -15.87 -0.26 -25.96
N ILE B 788 -14.81 0.54 -26.08
CA ILE B 788 -13.47 0.07 -26.11
C ILE B 788 -13.14 -0.77 -24.86
N PHE B 789 -12.52 -1.91 -25.07
CA PHE B 789 -12.07 -2.78 -24.04
C PHE B 789 -10.62 -3.04 -24.32
N ILE B 790 -9.79 -2.53 -23.41
CA ILE B 790 -8.36 -2.78 -23.41
C ILE B 790 -8.05 -4.00 -22.55
N GLU B 791 -7.68 -5.09 -23.18
CA GLU B 791 -7.57 -6.36 -22.55
C GLU B 791 -6.08 -6.75 -22.41
N THR B 792 -5.69 -7.17 -21.21
CA THR B 792 -4.34 -7.69 -20.95
C THR B 792 -4.44 -9.07 -20.30
N PRO B 793 -3.37 -9.89 -20.39
CA PRO B 793 -3.43 -11.24 -19.81
C PRO B 793 -3.12 -11.28 -18.29
N LEU B 794 -2.79 -10.14 -17.70
CA LEU B 794 -2.41 -10.09 -16.29
C LEU B 794 -3.64 -10.05 -15.39
N GLN B 795 -3.84 -11.14 -14.65
CA GLN B 795 -4.89 -11.20 -13.64
C GLN B 795 -4.84 -10.05 -12.66
N GLY B 796 -5.96 -9.39 -12.41
CA GLY B 796 -6.03 -8.33 -11.44
C GLY B 796 -5.44 -6.97 -11.83
N ALA B 797 -4.98 -6.82 -13.09
CA ALA B 797 -4.42 -5.54 -13.52
C ALA B 797 -5.52 -4.52 -13.33
N ARG B 798 -5.13 -3.31 -12.92
CA ARG B 798 -6.04 -2.20 -12.56
C ARG B 798 -5.94 -1.09 -13.62
N TYR B 799 -7.06 -0.51 -14.02
CA TYR B 799 -7.04 0.45 -15.13
C TYR B 799 -7.54 1.79 -14.64
N SER B 800 -6.97 2.91 -15.10
CA SER B 800 -7.60 4.20 -14.75
C SER B 800 -8.96 4.19 -15.37
N ASP B 801 -9.12 3.56 -16.55
CA ASP B 801 -10.45 3.51 -17.21
C ASP B 801 -10.47 2.34 -18.21
N ASN B 802 -11.68 1.92 -18.54
CA ASN B 802 -11.85 0.83 -19.45
C ASN B 802 -13.34 0.81 -19.85
N PHE B 803 -13.66 0.07 -20.88
CA PHE B 803 -15.06 0.00 -21.35
C PHE B 803 -15.74 1.36 -21.57
N PHE B 804 -15.03 2.22 -22.29
CA PHE B 804 -15.50 3.54 -22.63
C PHE B 804 -15.49 3.71 -24.18
N ASP B 805 -16.28 4.64 -24.66
CA ASP B 805 -16.31 5.08 -26.05
C ASP B 805 -15.14 6.00 -26.33
N LEU B 806 -14.46 5.78 -27.44
CA LEU B 806 -13.34 6.63 -27.82
C LEU B 806 -13.87 7.57 -28.89
N LEU B 807 -13.94 8.86 -28.59
CA LEU B 807 -14.68 9.78 -29.48
C LEU B 807 -13.76 10.20 -30.61
N PRO B 808 -14.34 10.53 -31.80
CA PRO B 808 -13.50 10.95 -32.94
C PRO B 808 -12.59 12.11 -32.57
N GLY B 809 -11.28 11.90 -32.73
CA GLY B 809 -10.32 13.01 -32.55
C GLY B 809 -9.97 13.43 -31.12
N GLU B 810 -10.49 12.74 -30.11
CA GLU B 810 -10.18 13.06 -28.72
C GLU B 810 -9.32 11.97 -28.09
N ARG B 811 -8.02 12.26 -27.95
CA ARG B 811 -6.98 11.40 -27.34
C ARG B 811 -7.35 10.88 -25.94
N LYS B 812 -6.85 9.70 -25.57
CA LYS B 812 -7.27 9.13 -24.27
C LYS B 812 -6.12 8.45 -23.60
N LYS B 813 -5.73 8.98 -22.44
CA LYS B 813 -4.65 8.35 -21.68
C LYS B 813 -5.25 7.33 -20.70
N VAL B 814 -4.75 6.10 -20.78
CA VAL B 814 -5.13 5.07 -19.82
C VAL B 814 -3.93 4.56 -19.06
N ILE B 815 -4.00 4.53 -17.71
CA ILE B 815 -2.94 3.91 -16.91
C ILE B 815 -3.36 2.50 -16.41
N ILE B 816 -2.44 1.55 -16.54
CA ILE B 816 -2.67 0.18 -16.14
C ILE B 816 -1.55 -0.13 -15.14
N THR B 817 -1.94 -0.61 -13.96
CA THR B 817 -0.96 -0.97 -12.96
C THR B 817 -1.13 -2.42 -12.58
N SER B 818 0.00 -3.08 -12.36
CA SER B 818 0.06 -4.40 -11.77
C SER B 818 1.46 -4.56 -11.22
N PRO B 819 1.60 -5.29 -10.10
CA PRO B 819 2.92 -5.56 -9.56
C PRO B 819 3.69 -6.45 -10.51
N ARG B 820 2.99 -7.10 -11.45
CA ARG B 820 3.63 -7.96 -12.44
C ARG B 820 4.05 -7.23 -13.74
N ILE B 821 3.80 -5.92 -13.85
CA ILE B 821 4.44 -5.14 -14.95
C ILE B 821 5.85 -4.71 -14.57
N LYS B 822 6.79 -5.26 -15.33
CA LYS B 822 8.24 -4.95 -15.28
C LYS B 822 8.79 -4.66 -16.69
N LYS B 823 9.61 -3.61 -16.79
CA LYS B 823 10.19 -3.08 -18.03
C LYS B 823 10.93 -4.13 -18.90
N GLY B 824 10.83 -3.94 -20.22
CA GLY B 824 11.56 -4.78 -21.17
C GLY B 824 11.09 -6.23 -21.20
N GLU B 825 9.95 -6.50 -20.57
CA GLU B 825 9.12 -7.68 -20.88
C GLU B 825 7.81 -6.96 -21.21
N GLU B 826 7.40 -7.01 -22.48
CA GLU B 826 6.36 -6.09 -22.97
C GLU B 826 4.94 -6.61 -22.77
N LEU B 827 4.10 -5.74 -22.22
CA LEU B 827 2.72 -6.10 -21.87
C LEU B 827 1.82 -6.32 -23.12
N PRO B 828 1.35 -7.57 -23.33
CA PRO B 828 0.38 -7.76 -24.40
C PRO B 828 -0.92 -6.93 -24.14
N VAL B 829 -1.36 -6.16 -25.14
CA VAL B 829 -2.57 -5.33 -25.17
C VAL B 829 -3.39 -5.80 -26.42
N ASN B 830 -4.69 -5.96 -26.26
CA ASN B 830 -5.60 -6.32 -27.33
C ASN B 830 -6.78 -5.37 -27.14
N ILE B 831 -6.95 -4.45 -28.07
CA ILE B 831 -8.03 -3.48 -27.97
C ILE B 831 -9.22 -3.88 -28.81
N LYS B 832 -10.36 -4.10 -28.15
CA LYS B 832 -11.56 -4.53 -28.83
C LYS B 832 -12.51 -3.36 -28.84
N HIS B 833 -13.38 -3.33 -29.85
CA HIS B 833 -14.49 -2.39 -29.87
C HIS B 833 -15.59 -3.01 -30.74
N ILE B 834 -16.78 -2.46 -30.69
CA ILE B 834 -17.96 -3.19 -31.12
C ILE B 834 -17.99 -3.50 -32.64
N ARG B 835 -17.52 -2.54 -33.45
CA ARG B 835 -17.50 -2.67 -34.90
C ARG B 835 -16.74 -3.91 -35.32
N GLU B 836 -15.74 -4.27 -34.52
CA GLU B 836 -14.92 -5.43 -34.85
C GLU B 836 -15.54 -6.78 -34.60
N THR B 837 -16.71 -6.78 -34.01
CA THR B 837 -17.31 -8.02 -33.58
C THR B 837 -18.18 -8.63 -34.65
N TYR B 838 -18.40 -7.94 -35.77
CA TYR B 838 -19.26 -8.48 -36.83
C TYR B 838 -18.78 -8.18 -38.27
N LYS B 839 -19.31 -8.99 -39.17
CA LYS B 839 -19.04 -8.96 -40.60
C LYS B 839 -20.32 -8.55 -41.26
N GLU B 840 -20.34 -7.46 -42.00
CA GLU B 840 -21.49 -7.36 -42.86
C GLU B 840 -21.33 -7.87 -44.29
N HIS B 841 -22.52 -8.16 -44.85
CA HIS B 841 -22.69 -8.66 -46.20
C HIS B 841 -23.43 -7.62 -47.02
O6 15A C . 35.53 4.58 -2.30
C6 15A C . 34.25 4.34 -2.15
C5 15A C . 33.57 5.66 -1.68
C4 15A C . 33.33 6.75 -2.76
O4 15A C . 32.47 6.29 -3.71
C3 15A C . 32.86 8.14 -2.17
O3 15A C . 33.42 9.17 -2.76
C2 15A C . 33.09 8.24 -0.62
O2 15A C . 33.05 9.50 -0.09
N5 15A C . 34.34 6.18 -0.61
C1 15A C . 34.34 7.47 -0.23
N1 15A C . 35.33 8.06 0.47
C7 15A C . 36.65 7.55 0.65
C8 15A C . 37.66 7.70 -0.54
N2 15A C . 38.04 9.11 -0.71
C1 EDO D . 19.44 -0.52 -5.37
O1 EDO D . 20.86 -0.71 -5.24
C2 EDO D . 19.03 0.78 -6.09
O2 EDO D . 19.99 1.86 -6.03
C1 EDO E . 37.92 6.67 13.33
O1 EDO E . 37.06 5.52 13.41
C2 EDO E . 39.02 6.12 12.44
O2 EDO E . 38.80 6.57 11.11
C1 EDO F . 8.09 20.42 9.32
O1 EDO F . 7.90 19.30 8.41
C2 EDO F . 9.52 20.53 9.85
O2 EDO F . 10.42 20.65 8.75
C1 EDO G . 13.85 22.47 11.17
O1 EDO G . 14.44 21.20 11.56
C2 EDO G . 13.78 23.33 12.43
O2 EDO G . 12.79 22.79 13.34
C1 EDO H . 39.39 16.23 7.10
O1 EDO H . 40.08 14.95 7.18
C2 EDO H . 40.32 17.42 6.89
O2 EDO H . 41.01 17.82 8.12
C1 EDO I . 38.12 -17.57 -6.89
O1 EDO I . 39.11 -18.48 -6.37
C2 EDO I . 37.56 -18.14 -8.16
O2 EDO I . 38.35 -17.64 -9.23
C1 EDO J . 32.42 22.07 12.30
O1 EDO J . 32.61 22.36 13.69
C2 EDO J . 33.52 22.79 11.53
O2 EDO J . 33.05 24.12 11.29
C1 EDO K . 31.97 -14.35 15.65
O1 EDO K . 30.69 -14.90 16.01
C2 EDO K . 31.77 -13.21 14.65
O2 EDO K . 31.21 -13.79 13.45
C1 EDO L . 14.17 29.98 -5.87
O1 EDO L . 13.18 29.19 -5.22
C2 EDO L . 14.53 29.51 -7.28
O2 EDO L . 13.40 29.54 -8.17
C1 EDO M . 9.59 -11.67 2.47
O1 EDO M . 9.22 -10.33 2.84
C2 EDO M . 8.60 -12.48 3.28
O2 EDO M . 8.89 -12.13 4.64
C1 EDO N . 18.23 18.61 -35.98
O1 EDO N . 19.12 17.56 -36.40
C2 EDO N . 18.61 19.86 -36.77
O2 EDO N . 20.03 20.08 -36.70
C1 EDO O . 10.30 34.82 -5.09
O1 EDO O . 9.85 33.42 -4.92
C2 EDO O . 11.23 35.35 -3.98
O2 EDO O . 10.85 36.58 -3.26
C1 EDO P . 6.18 17.76 2.63
O1 EDO P . 5.02 17.97 1.76
C2 EDO P . 7.08 18.98 2.70
O2 EDO P . 7.39 19.55 1.38
C1 EDO Q . 31.04 26.10 -26.35
O1 EDO Q . 29.66 26.02 -26.81
C2 EDO Q . 30.99 26.76 -24.98
O2 EDO Q . 31.17 28.17 -25.09
C1 EDO R . 33.87 -13.95 10.88
O1 EDO R . 34.15 -13.69 9.46
C2 EDO R . 35.09 -14.64 11.47
O2 EDO R . 35.71 -15.36 10.39
C1 EDO S . 17.58 11.06 -34.23
O1 EDO S . 18.60 11.86 -34.86
C2 EDO S . 18.26 10.16 -33.23
O2 EDO S . 19.49 9.68 -33.78
BR BR T . 2.11 35.18 -17.75
BR BR U . 4.42 42.55 0.38
BR BR V . 5.70 33.39 -13.71
BR BR W . 40.52 -13.66 21.14
CL CL X . 33.75 -10.80 18.72
CL CL Y . 10.65 14.41 -9.89
CL CL Z . 29.51 12.28 19.21
CL CL AA . 32.86 23.52 17.68
C1 EDO BA . 17.01 5.08 17.69
O1 EDO BA . 18.44 4.99 17.51
C2 EDO BA . 16.24 4.50 16.51
O2 EDO BA . 15.46 5.59 16.02
C1 EDO CA . 19.99 35.86 -0.92
O1 EDO CA . 19.18 35.64 -2.09
C2 EDO CA . 19.64 37.20 -0.26
O2 EDO CA . 18.23 37.23 0.04
CL CL DA . 49.27 24.65 -11.71
C1 EDO EA . 20.63 -20.46 25.85
O1 EDO EA . 19.97 -21.72 26.03
C2 EDO EA . 20.34 -19.98 24.43
O2 EDO EA . 19.08 -20.51 24.02
BR BR FA . 24.98 28.71 -26.28
CL CL GA . 34.39 -3.17 24.17
BR BR HA . 31.01 27.15 7.96
CL CL IA . 16.05 -2.40 -12.04
CL CL JA . 47.25 34.65 -8.62
O6 15A KA . -30.13 -15.27 -8.97
C6 15A KA . -29.16 -14.40 -8.62
C5 15A KA . -29.40 -13.95 -7.18
C4 15A KA . -29.07 -14.94 -6.01
O4 15A KA . -27.81 -15.37 -6.07
C3 15A KA . -29.50 -14.42 -4.57
O3 15A KA . -30.10 -15.39 -3.84
C2 15A KA . -30.39 -13.15 -4.74
O2 15A KA . -31.03 -12.82 -3.60
N5 15A KA . -30.77 -13.53 -7.12
C1 15A KA . -31.37 -13.26 -5.94
N1 15A KA . -32.68 -13.10 -5.80
C7 15A KA . -33.69 -13.34 -6.80
C8 15A KA . -33.95 -14.81 -7.16
N2 15A KA . -34.85 -15.41 -6.13
C1 EDO LA . -39.81 -2.40 -8.80
O1 EDO LA . -38.61 -1.91 -9.38
C2 EDO LA . -40.21 -3.56 -9.70
O2 EDO LA . -39.76 -4.77 -9.06
C1 EDO MA . -42.18 -4.81 7.41
O1 EDO MA . -42.40 -5.10 8.80
C2 EDO MA . -41.38 -3.51 7.37
O2 EDO MA . -42.38 -2.50 7.44
C1 EDO NA . -21.81 -38.45 12.21
O1 EDO NA . -22.14 -37.98 13.53
C2 EDO NA . -20.32 -38.35 11.95
O2 EDO NA . -19.58 -38.35 13.17
C1 EDO OA . -19.81 -31.33 27.29
O1 EDO OA . -20.79 -31.49 26.28
C2 EDO OA . -18.98 -30.15 26.86
O2 EDO OA . -19.41 -29.09 27.69
C1 EDO PA . -8.00 -40.82 13.98
O1 EDO PA . -9.12 -41.52 13.40
C2 EDO PA . -7.24 -40.04 12.91
O2 EDO PA . -7.26 -40.75 11.66
C1 EDO QA . -15.84 -1.01 16.48
O1 EDO QA . -15.77 -2.36 17.00
C2 EDO QA . -14.59 -0.52 15.79
O2 EDO QA . -13.33 -0.79 16.51
C1 EDO RA . -48.90 -23.36 -4.57
O1 EDO RA . -49.42 -23.52 -5.90
C2 EDO RA . -49.26 -21.99 -4.01
O2 EDO RA . -48.36 -21.61 -2.97
C1 EDO SA . -26.37 3.03 16.29
O1 EDO SA . -26.52 3.42 14.92
C2 EDO SA . -26.33 4.29 17.20
O2 EDO SA . -26.91 5.45 16.56
C1 EDO TA . -14.05 -10.45 -4.76
O1 EDO TA . -14.79 -11.60 -4.26
C2 EDO TA . -13.77 -10.56 -6.27
O2 EDO TA . -15.02 -10.55 -7.00
C1 EDO UA . -43.15 -10.81 0.38
O1 EDO UA . -44.46 -10.22 0.21
C2 EDO UA . -42.04 -10.19 -0.45
O2 EDO UA . -42.05 -10.56 -1.86
C1 EDO VA . -24.53 9.57 -1.74
O1 EDO VA . -25.89 9.94 -1.88
C2 EDO VA . -23.72 10.54 -0.90
O2 EDO VA . -22.80 9.77 -0.14
C1 EDO WA . -26.32 4.31 -24.22
O1 EDO WA . -27.05 3.15 -23.80
C2 EDO WA . -27.28 5.37 -24.73
O2 EDO WA . -26.61 6.63 -24.72
C1 EDO XA . -30.07 10.90 -6.68
O1 EDO XA . -28.73 10.38 -6.37
C2 EDO XA . -30.07 12.44 -6.70
O2 EDO XA . -29.52 12.89 -5.45
C1 EDO YA . -4.40 -36.98 6.39
O1 EDO YA . -5.24 -38.08 6.79
C2 EDO YA . -4.95 -36.36 5.11
O2 EDO YA . -5.83 -37.33 4.56
C1 EDO ZA . -32.58 5.00 -27.21
O1 EDO ZA . -31.87 4.01 -27.99
C2 EDO ZA . -31.63 5.71 -26.25
O2 EDO ZA . -30.36 5.02 -26.22
C1 EDO AB . -5.12 2.02 -11.84
O1 EDO AB . -5.25 2.30 -10.44
C2 EDO AB . -4.29 3.11 -12.49
O2 EDO AB . -5.21 4.20 -12.67
C1 EDO BB . -21.77 3.72 16.72
O1 EDO BB . -21.92 2.32 16.39
C2 EDO BB . -20.31 4.00 17.07
O2 EDO BB . -19.43 3.77 15.94
BR BR CB . -9.87 -19.92 34.14
BR BR DB . -36.97 6.96 -28.42
BR BR EB . -40.54 -7.67 12.72
CL CL FB . -13.91 -17.57 30.95
CL CL GB . -31.77 6.90 -23.01
CL CL HB . -11.06 -13.00 11.44
C1 EDO IB . 4.59 -9.65 -19.54
O1 EDO IB . 4.00 -10.43 -18.49
C2 EDO IB . 4.41 -8.17 -19.26
O2 EDO IB . 5.28 -7.72 -18.22
C1 EDO JB . -38.91 11.14 1.11
O1 EDO JB . -39.65 10.04 0.55
C2 EDO JB . -37.46 10.91 0.70
O2 EDO JB . -36.64 12.08 0.86
C1 EDO KB . -18.19 -16.72 13.47
O1 EDO KB . -17.47 -17.48 14.36
C2 EDO KB . -18.32 -15.35 14.04
O2 EDO KB . -19.17 -14.69 13.15
BR BR LB . -5.29 8.17 32.57
C1 EDO MB . -8.72 -13.68 -6.06
O1 EDO MB . -8.08 -12.39 -6.01
C2 EDO MB . -7.74 -14.78 -5.76
O2 EDO MB . -6.89 -14.87 -6.90
C1 EDO NB . -10.28 -8.83 -4.80
O1 EDO NB . -10.46 -8.51 -3.42
C2 EDO NB . -10.99 -7.82 -5.71
O2 EDO NB . -12.16 -7.22 -5.12
CL CL OB . -15.04 -6.59 18.84
CL CL PB . -41.09 -14.43 -7.00
C1 EDO QB . -29.07 7.63 18.94
O1 EDO QB . -28.18 6.51 19.03
C2 EDO QB . -28.21 8.90 18.93
O2 EDO QB . -28.97 9.89 18.27
C1 EDO RB . -38.58 -6.45 -25.24
O1 EDO RB . -38.79 -7.83 -24.92
C2 EDO RB . -37.69 -6.43 -26.46
O2 EDO RB . -37.24 -5.10 -26.67
C1 EDO SB . -19.95 19.47 -25.30
O1 EDO SB . -18.81 19.15 -26.07
C2 EDO SB . -20.77 20.51 -26.03
O2 EDO SB . -19.88 21.55 -26.49
C1 EDO TB . -17.37 -38.83 -4.32
O1 EDO TB . -18.68 -38.22 -4.27
C2 EDO TB . -16.44 -38.19 -5.37
O2 EDO TB . -16.16 -36.78 -5.13
#